data_8JVE
# 
_entry.id   8JVE 
# 
_audit_conform.dict_name       mmcif_pdbx.dic 
_audit_conform.dict_version    5.380 
_audit_conform.dict_location   http://mmcif.pdb.org/dictionaries/ascii/mmcif_pdbx.dic 
# 
loop_
_database_2.database_id 
_database_2.database_code 
_database_2.pdbx_database_accession 
_database_2.pdbx_DOI 
PDB   8JVE         pdb_00008jve 10.2210/pdb8jve/pdb 
WWPDB D_1300038990 ?            ?                   
# 
_pdbx_database_status.status_code                     REL 
_pdbx_database_status.status_code_sf                  REL 
_pdbx_database_status.status_code_mr                  ? 
_pdbx_database_status.entry_id                        8JVE 
_pdbx_database_status.recvd_initial_deposition_date   2023-06-28 
_pdbx_database_status.SG_entry                        N 
_pdbx_database_status.deposit_site                    PDBJ 
_pdbx_database_status.process_site                    PDBJ 
_pdbx_database_status.status_code_cs                  ? 
_pdbx_database_status.status_code_nmr_data            ? 
_pdbx_database_status.methods_development_category    ? 
_pdbx_database_status.pdb_format_compatible           Y 
# 
loop_
_audit_author.name 
_audit_author.pdbx_ordinal 
_audit_author.identifier_ORCID 
'Anantharajan, J.'  1 ? 
'Baburajendran, N.' 2 ? 
# 
_citation.abstract                  ? 
_citation.abstract_id_CAS           ? 
_citation.book_id_ISBN              ? 
_citation.book_publisher            ? 
_citation.book_publisher_city       ? 
_citation.book_title                ? 
_citation.coordinate_linkage        ? 
_citation.country                   US 
_citation.database_id_Medline       ? 
_citation.details                   ? 
_citation.id                        primary 
_citation.journal_abbrev            Biochem.Biophys.Res.Commun. 
_citation.journal_id_ASTM           BBRCA9 
_citation.journal_id_CSD            0146 
_citation.journal_id_ISSN           1090-2104 
_citation.journal_full              ? 
_citation.journal_issue             ? 
_citation.journal_volume            689 
_citation.language                  ? 
_citation.page_first                149238 
_citation.page_last                 149238 
_citation.title                     
'Identification and characterization of inhibitors covalently modifying catalytic cysteine of UBE2T and blocking ubiquitin transfer.' 
_citation.year                      2023 
_citation.database_id_CSD           ? 
_citation.pdbx_database_id_DOI      10.1016/j.bbrc.2023.149238 
_citation.pdbx_database_id_PubMed   37979329 
_citation.pdbx_database_id_patent   ? 
_citation.unpublished_flag          ? 
# 
loop_
_citation_author.citation_id 
_citation_author.name 
_citation_author.ordinal 
_citation_author.identifier_ORCID 
primary 'Anantharajan, J.'  1  ? 
primary 'Tan, Q.W.'         2  ? 
primary 'Fulwood, J.'       3  ? 
primary 'Sifang, W.'        4  ? 
primary 'Huang, Q.'         5  ? 
primary 'Ng, H.Q.'          6  ? 
primary 'Koh, X.'           7  ? 
primary 'Xu, W.'            8  ? 
primary 'Cherian, J.'       9  ? 
primary 'Baburajendran, N.' 10 ? 
primary 'Kang, C.'          11 ? 
primary 'Ke, Z.'            12 ? 
# 
_cell.angle_alpha                  90.00 
_cell.angle_alpha_esd              ? 
_cell.angle_beta                   90.00 
_cell.angle_beta_esd               ? 
_cell.angle_gamma                  90.00 
_cell.angle_gamma_esd              ? 
_cell.entry_id                     8JVE 
_cell.details                      ? 
_cell.formula_units_Z              ? 
_cell.length_a                     54.919 
_cell.length_a_esd                 ? 
_cell.length_b                     54.919 
_cell.length_b_esd                 ? 
_cell.length_c                     184.084 
_cell.length_c_esd                 ? 
_cell.volume                       ? 
_cell.volume_esd                   ? 
_cell.Z_PDB                        8 
_cell.reciprocal_angle_alpha       ? 
_cell.reciprocal_angle_beta        ? 
_cell.reciprocal_angle_gamma       ? 
_cell.reciprocal_angle_alpha_esd   ? 
_cell.reciprocal_angle_beta_esd    ? 
_cell.reciprocal_angle_gamma_esd   ? 
_cell.reciprocal_length_a          ? 
_cell.reciprocal_length_b          ? 
_cell.reciprocal_length_c          ? 
_cell.reciprocal_length_a_esd      ? 
_cell.reciprocal_length_b_esd      ? 
_cell.reciprocal_length_c_esd      ? 
_cell.pdbx_unique_axis             ? 
_cell.pdbx_esd_method              ? 
# 
_symmetry.entry_id                         8JVE 
_symmetry.cell_setting                     ? 
_symmetry.Int_Tables_number                96 
_symmetry.space_group_name_Hall            ? 
_symmetry.space_group_name_H-M             'P 43 21 2' 
_symmetry.pdbx_full_space_group_name_H-M   ? 
# 
loop_
_entity.id 
_entity.type 
_entity.src_method 
_entity.pdbx_description 
_entity.formula_weight 
_entity.pdbx_number_of_molecules 
_entity.pdbx_ec 
_entity.pdbx_mutation 
_entity.pdbx_fragment 
_entity.details 
1 polymer     man 'Ubiquitin-conjugating enzyme E2 T'     17830.598 1   2.3.2.23 ? ? ? 
2 non-polymer syn '1-(3-methoxyphenyl)-1,2,3,4-tetrazole' 176.175   1   ?        ? ? ? 
3 non-polymer syn 1,2-ETHANEDIOL                          62.068    1   ?        ? ? ? 
4 water       nat water                                   18.015    123 ?        ? ? ? 
# 
_entity_name_com.entity_id   1 
_entity_name_com.name        'E2 ubiquitin-conjugating enzyme T,Ubiquitin carrier protein T,Ubiquitin-protein ligase T' 
# 
_entity_poly.entity_id                      1 
_entity_poly.type                           'polypeptide(L)' 
_entity_poly.nstd_linkage                   no 
_entity_poly.nstd_monomer                   no 
_entity_poly.pdbx_seq_one_letter_code       
;GSMQRASRLKRELHMLATEPPPGITCWQDKDQMDDLRAQILGGANTPYEKGVFKLEVIIPERYPFEPPQIRFLTPIYHPN
IDSAGRICLDVLKLPPKGAWRPSLNIATVLTSIQLLMSEPNPDDPLMADISSEFKYNKPAFLKNARQWTEKHARQK
;
_entity_poly.pdbx_seq_one_letter_code_can   
;GSMQRASRLKRELHMLATEPPPGITCWQDKDQMDDLRAQILGGANTPYEKGVFKLEVIIPERYPFEPPQIRFLTPIYHPN
IDSAGRICLDVLKLPPKGAWRPSLNIATVLTSIQLLMSEPNPDDPLMADISSEFKYNKPAFLKNARQWTEKHARQK
;
_entity_poly.pdbx_strand_id                 A 
_entity_poly.pdbx_target_identifier         ? 
# 
loop_
_entity_poly_seq.entity_id 
_entity_poly_seq.num 
_entity_poly_seq.mon_id 
_entity_poly_seq.hetero 
1 1   GLY n 
1 2   SER n 
1 3   MET n 
1 4   GLN n 
1 5   ARG n 
1 6   ALA n 
1 7   SER n 
1 8   ARG n 
1 9   LEU n 
1 10  LYS n 
1 11  ARG n 
1 12  GLU n 
1 13  LEU n 
1 14  HIS n 
1 15  MET n 
1 16  LEU n 
1 17  ALA n 
1 18  THR n 
1 19  GLU n 
1 20  PRO n 
1 21  PRO n 
1 22  PRO n 
1 23  GLY n 
1 24  ILE n 
1 25  THR n 
1 26  CYS n 
1 27  TRP n 
1 28  GLN n 
1 29  ASP n 
1 30  LYS n 
1 31  ASP n 
1 32  GLN n 
1 33  MET n 
1 34  ASP n 
1 35  ASP n 
1 36  LEU n 
1 37  ARG n 
1 38  ALA n 
1 39  GLN n 
1 40  ILE n 
1 41  LEU n 
1 42  GLY n 
1 43  GLY n 
1 44  ALA n 
1 45  ASN n 
1 46  THR n 
1 47  PRO n 
1 48  TYR n 
1 49  GLU n 
1 50  LYS n 
1 51  GLY n 
1 52  VAL n 
1 53  PHE n 
1 54  LYS n 
1 55  LEU n 
1 56  GLU n 
1 57  VAL n 
1 58  ILE n 
1 59  ILE n 
1 60  PRO n 
1 61  GLU n 
1 62  ARG n 
1 63  TYR n 
1 64  PRO n 
1 65  PHE n 
1 66  GLU n 
1 67  PRO n 
1 68  PRO n 
1 69  GLN n 
1 70  ILE n 
1 71  ARG n 
1 72  PHE n 
1 73  LEU n 
1 74  THR n 
1 75  PRO n 
1 76  ILE n 
1 77  TYR n 
1 78  HIS n 
1 79  PRO n 
1 80  ASN n 
1 81  ILE n 
1 82  ASP n 
1 83  SER n 
1 84  ALA n 
1 85  GLY n 
1 86  ARG n 
1 87  ILE n 
1 88  CYS n 
1 89  LEU n 
1 90  ASP n 
1 91  VAL n 
1 92  LEU n 
1 93  LYS n 
1 94  LEU n 
1 95  PRO n 
1 96  PRO n 
1 97  LYS n 
1 98  GLY n 
1 99  ALA n 
1 100 TRP n 
1 101 ARG n 
1 102 PRO n 
1 103 SER n 
1 104 LEU n 
1 105 ASN n 
1 106 ILE n 
1 107 ALA n 
1 108 THR n 
1 109 VAL n 
1 110 LEU n 
1 111 THR n 
1 112 SER n 
1 113 ILE n 
1 114 GLN n 
1 115 LEU n 
1 116 LEU n 
1 117 MET n 
1 118 SER n 
1 119 GLU n 
1 120 PRO n 
1 121 ASN n 
1 122 PRO n 
1 123 ASP n 
1 124 ASP n 
1 125 PRO n 
1 126 LEU n 
1 127 MET n 
1 128 ALA n 
1 129 ASP n 
1 130 ILE n 
1 131 SER n 
1 132 SER n 
1 133 GLU n 
1 134 PHE n 
1 135 LYS n 
1 136 TYR n 
1 137 ASN n 
1 138 LYS n 
1 139 PRO n 
1 140 ALA n 
1 141 PHE n 
1 142 LEU n 
1 143 LYS n 
1 144 ASN n 
1 145 ALA n 
1 146 ARG n 
1 147 GLN n 
1 148 TRP n 
1 149 THR n 
1 150 GLU n 
1 151 LYS n 
1 152 HIS n 
1 153 ALA n 
1 154 ARG n 
1 155 GLN n 
1 156 LYS n 
# 
_entity_src_gen.entity_id                          1 
_entity_src_gen.pdbx_src_id                        1 
_entity_src_gen.pdbx_alt_source_flag               sample 
_entity_src_gen.pdbx_seq_type                      'Biological sequence' 
_entity_src_gen.pdbx_beg_seq_num                   1 
_entity_src_gen.pdbx_end_seq_num                   156 
_entity_src_gen.gene_src_common_name               human 
_entity_src_gen.gene_src_genus                     ? 
_entity_src_gen.pdbx_gene_src_gene                 UBE2T 
_entity_src_gen.gene_src_species                   ? 
_entity_src_gen.gene_src_strain                    ? 
_entity_src_gen.gene_src_tissue                    ? 
_entity_src_gen.gene_src_tissue_fraction           ? 
_entity_src_gen.gene_src_details                   ? 
_entity_src_gen.pdbx_gene_src_fragment             ? 
_entity_src_gen.pdbx_gene_src_scientific_name      'Homo sapiens' 
_entity_src_gen.pdbx_gene_src_ncbi_taxonomy_id     9606 
_entity_src_gen.pdbx_gene_src_variant              ? 
_entity_src_gen.pdbx_gene_src_cell_line            ? 
_entity_src_gen.pdbx_gene_src_atcc                 ? 
_entity_src_gen.pdbx_gene_src_organ                ? 
_entity_src_gen.pdbx_gene_src_organelle            ? 
_entity_src_gen.pdbx_gene_src_cell                 ? 
_entity_src_gen.pdbx_gene_src_cellular_location    ? 
_entity_src_gen.host_org_common_name               ? 
_entity_src_gen.pdbx_host_org_scientific_name      'Escherichia coli' 
_entity_src_gen.pdbx_host_org_ncbi_taxonomy_id     562 
_entity_src_gen.host_org_genus                     ? 
_entity_src_gen.pdbx_host_org_gene                 ? 
_entity_src_gen.pdbx_host_org_organ                ? 
_entity_src_gen.host_org_species                   ? 
_entity_src_gen.pdbx_host_org_tissue               ? 
_entity_src_gen.pdbx_host_org_tissue_fraction      ? 
_entity_src_gen.pdbx_host_org_strain               ? 
_entity_src_gen.pdbx_host_org_variant              ? 
_entity_src_gen.pdbx_host_org_cell_line            ? 
_entity_src_gen.pdbx_host_org_atcc                 ? 
_entity_src_gen.pdbx_host_org_culture_collection   ? 
_entity_src_gen.pdbx_host_org_cell                 ? 
_entity_src_gen.pdbx_host_org_organelle            ? 
_entity_src_gen.pdbx_host_org_cellular_location    ? 
_entity_src_gen.pdbx_host_org_vector_type          ? 
_entity_src_gen.pdbx_host_org_vector               ? 
_entity_src_gen.host_org_details                   ? 
_entity_src_gen.expression_system_id               ? 
_entity_src_gen.plasmid_name                       ? 
_entity_src_gen.plasmid_details                    ? 
_entity_src_gen.pdbx_description                   ? 
# 
_struct_ref.id                         1 
_struct_ref.db_name                    UNP 
_struct_ref.db_code                    UBE2T_HUMAN 
_struct_ref.pdbx_db_accession          Q9NPD8 
_struct_ref.pdbx_db_isoform            ? 
_struct_ref.entity_id                  1 
_struct_ref.pdbx_seq_one_letter_code   
;MQRASRLKRELHMLATEPPPGITCWQDKDQMDDLRAQILGGANTPYEKGVFKLEVIIPERYPFEPPQIRFLTPIYHPNID
SAGRICLDVLKLPPKGAWRPSLNIATVLTSIQLLMSEPNPDDPLMADISSEFKYNKPAFLKNARQWTEKHARQK
;
_struct_ref.pdbx_align_begin           1 
# 
_struct_ref_seq.align_id                      1 
_struct_ref_seq.ref_id                        1 
_struct_ref_seq.pdbx_PDB_id_code              8JVE 
_struct_ref_seq.pdbx_strand_id                A 
_struct_ref_seq.seq_align_beg                 3 
_struct_ref_seq.pdbx_seq_align_beg_ins_code   ? 
_struct_ref_seq.seq_align_end                 156 
_struct_ref_seq.pdbx_seq_align_end_ins_code   ? 
_struct_ref_seq.pdbx_db_accession             Q9NPD8 
_struct_ref_seq.db_align_beg                  1 
_struct_ref_seq.pdbx_db_align_beg_ins_code    ? 
_struct_ref_seq.db_align_end                  154 
_struct_ref_seq.pdbx_db_align_end_ins_code    ? 
_struct_ref_seq.pdbx_auth_seq_align_beg       1 
_struct_ref_seq.pdbx_auth_seq_align_end       154 
# 
loop_
_struct_ref_seq_dif.align_id 
_struct_ref_seq_dif.pdbx_pdb_id_code 
_struct_ref_seq_dif.mon_id 
_struct_ref_seq_dif.pdbx_pdb_strand_id 
_struct_ref_seq_dif.seq_num 
_struct_ref_seq_dif.pdbx_pdb_ins_code 
_struct_ref_seq_dif.pdbx_seq_db_name 
_struct_ref_seq_dif.pdbx_seq_db_accession_code 
_struct_ref_seq_dif.db_mon_id 
_struct_ref_seq_dif.pdbx_seq_db_seq_num 
_struct_ref_seq_dif.details 
_struct_ref_seq_dif.pdbx_auth_seq_num 
_struct_ref_seq_dif.pdbx_ordinal 
1 8JVE GLY A 1 ? UNP Q9NPD8 ? ? 'expression tag' -1 1 
1 8JVE SER A 2 ? UNP Q9NPD8 ? ? 'expression tag' 0  2 
# 
loop_
_chem_comp.id 
_chem_comp.type 
_chem_comp.mon_nstd_flag 
_chem_comp.name 
_chem_comp.pdbx_synonyms 
_chem_comp.formula 
_chem_comp.formula_weight 
ALA 'L-peptide linking' y ALANINE                                 ?                 'C3 H7 N O2'     89.093  
ARG 'L-peptide linking' y ARGININE                                ?                 'C6 H15 N4 O2 1' 175.209 
ASN 'L-peptide linking' y ASPARAGINE                              ?                 'C4 H8 N2 O3'    132.118 
ASP 'L-peptide linking' y 'ASPARTIC ACID'                         ?                 'C4 H7 N O4'     133.103 
CYS 'L-peptide linking' y CYSTEINE                                ?                 'C3 H7 N O2 S'   121.158 
EDO non-polymer         . 1,2-ETHANEDIOL                          'ETHYLENE GLYCOL' 'C2 H6 O2'       62.068  
GLN 'L-peptide linking' y GLUTAMINE                               ?                 'C5 H10 N2 O3'   146.144 
GLU 'L-peptide linking' y 'GLUTAMIC ACID'                         ?                 'C5 H9 N O4'     147.129 
GLY 'peptide linking'   y GLYCINE                                 ?                 'C2 H5 N O2'     75.067  
HIS 'L-peptide linking' y HISTIDINE                               ?                 'C6 H10 N3 O2 1' 156.162 
HOH non-polymer         . WATER                                   ?                 'H2 O'           18.015  
ILE 'L-peptide linking' y ISOLEUCINE                              ?                 'C6 H13 N O2'    131.173 
LEU 'L-peptide linking' y LEUCINE                                 ?                 'C6 H13 N O2'    131.173 
LYS 'L-peptide linking' y LYSINE                                  ?                 'C6 H15 N2 O2 1' 147.195 
MET 'L-peptide linking' y METHIONINE                              ?                 'C5 H11 N O2 S'  149.211 
PHE 'L-peptide linking' y PHENYLALANINE                           ?                 'C9 H11 N O2'    165.189 
PRO 'L-peptide linking' y PROLINE                                 ?                 'C5 H9 N O2'     115.130 
SER 'L-peptide linking' y SERINE                                  ?                 'C3 H7 N O3'     105.093 
THR 'L-peptide linking' y THREONINE                               ?                 'C4 H9 N O3'     119.119 
TRP 'L-peptide linking' y TRYPTOPHAN                              ?                 'C11 H12 N2 O2'  204.225 
TYR 'L-peptide linking' y TYROSINE                                ?                 'C9 H11 N O3'    181.189 
V6C non-polymer         . '1-(3-methoxyphenyl)-1,2,3,4-tetrazole' ?                 'C8 H8 N4 O'     176.175 
VAL 'L-peptide linking' y VALINE                                  ?                 'C5 H11 N O2'    117.146 
# 
_exptl.absorpt_coefficient_mu     ? 
_exptl.absorpt_correction_T_max   ? 
_exptl.absorpt_correction_T_min   ? 
_exptl.absorpt_correction_type    ? 
_exptl.absorpt_process_details    ? 
_exptl.entry_id                   8JVE 
_exptl.crystals_number            1 
_exptl.details                    ? 
_exptl.method                     'X-RAY DIFFRACTION' 
_exptl.method_details             ? 
# 
_exptl_crystal.colour                       ? 
_exptl_crystal.density_diffrn               ? 
_exptl_crystal.density_Matthews             3.89 
_exptl_crystal.density_method               ? 
_exptl_crystal.density_percent_sol          68.40 
_exptl_crystal.description                  ? 
_exptl_crystal.F_000                        ? 
_exptl_crystal.id                           1 
_exptl_crystal.preparation                  ? 
_exptl_crystal.size_max                     ? 
_exptl_crystal.size_mid                     ? 
_exptl_crystal.size_min                     ? 
_exptl_crystal.size_rad                     ? 
_exptl_crystal.colour_lustre                ? 
_exptl_crystal.colour_modifier              ? 
_exptl_crystal.colour_primary               ? 
_exptl_crystal.density_meas                 ? 
_exptl_crystal.density_meas_esd             ? 
_exptl_crystal.density_meas_gt              ? 
_exptl_crystal.density_meas_lt              ? 
_exptl_crystal.density_meas_temp            ? 
_exptl_crystal.density_meas_temp_esd        ? 
_exptl_crystal.density_meas_temp_gt         ? 
_exptl_crystal.density_meas_temp_lt         ? 
_exptl_crystal.pdbx_crystal_image_url       ? 
_exptl_crystal.pdbx_crystal_image_format    ? 
_exptl_crystal.pdbx_mosaicity               ? 
_exptl_crystal.pdbx_mosaicity_esd           ? 
_exptl_crystal.pdbx_mosaic_method           ? 
_exptl_crystal.pdbx_mosaic_block_size       ? 
_exptl_crystal.pdbx_mosaic_block_size_esd   ? 
# 
_exptl_crystal_grow.apparatus       ? 
_exptl_crystal_grow.atmosphere      ? 
_exptl_crystal_grow.crystal_id      1 
_exptl_crystal_grow.details         ? 
_exptl_crystal_grow.method          'VAPOR DIFFUSION, SITTING DROP' 
_exptl_crystal_grow.method_ref      ? 
_exptl_crystal_grow.pH              ? 
_exptl_crystal_grow.pressure        ? 
_exptl_crystal_grow.pressure_esd    ? 
_exptl_crystal_grow.seeding         ? 
_exptl_crystal_grow.seeding_ref     ? 
_exptl_crystal_grow.temp_details    ? 
_exptl_crystal_grow.temp_esd        ? 
_exptl_crystal_grow.time            ? 
_exptl_crystal_grow.pdbx_details    '3.5 M Sodium formate pH 7.0' 
_exptl_crystal_grow.pdbx_pH_range   ? 
_exptl_crystal_grow.temp            293 
# 
_diffrn.ambient_environment              ? 
_diffrn.ambient_temp                     100 
_diffrn.ambient_temp_details             ? 
_diffrn.ambient_temp_esd                 ? 
_diffrn.crystal_id                       1 
_diffrn.crystal_support                  ? 
_diffrn.crystal_treatment                ? 
_diffrn.details                          ? 
_diffrn.id                               1 
_diffrn.ambient_pressure                 ? 
_diffrn.ambient_pressure_esd             ? 
_diffrn.ambient_pressure_gt              ? 
_diffrn.ambient_pressure_lt              ? 
_diffrn.ambient_temp_gt                  ? 
_diffrn.ambient_temp_lt                  ? 
_diffrn.pdbx_serial_crystal_experiment   N 
# 
_diffrn_detector.details                      ? 
_diffrn_detector.detector                     CCD 
_diffrn_detector.diffrn_id                    1 
_diffrn_detector.type                         'ADSC QUANTUM 315r' 
_diffrn_detector.area_resol_mean              ? 
_diffrn_detector.dtime                        ? 
_diffrn_detector.pdbx_frames_total            ? 
_diffrn_detector.pdbx_collection_time_total   ? 
_diffrn_detector.pdbx_collection_date         2022-07-23 
_diffrn_detector.pdbx_frequency               ? 
_diffrn_detector.id                           ? 
_diffrn_detector.number_of_axes               ? 
# 
_diffrn_radiation.collimation                      ? 
_diffrn_radiation.diffrn_id                        1 
_diffrn_radiation.filter_edge                      ? 
_diffrn_radiation.inhomogeneity                    ? 
_diffrn_radiation.monochromator                    ? 
_diffrn_radiation.polarisn_norm                    ? 
_diffrn_radiation.polarisn_ratio                   ? 
_diffrn_radiation.probe                            ? 
_diffrn_radiation.type                             ? 
_diffrn_radiation.xray_symbol                      ? 
_diffrn_radiation.wavelength_id                    1 
_diffrn_radiation.pdbx_monochromatic_or_laue_m_l   M 
_diffrn_radiation.pdbx_wavelength_list             ? 
_diffrn_radiation.pdbx_wavelength                  ? 
_diffrn_radiation.pdbx_diffrn_protocol             'SINGLE WAVELENGTH' 
_diffrn_radiation.pdbx_analyzer                    ? 
_diffrn_radiation.pdbx_scattering_type             x-ray 
# 
_diffrn_radiation_wavelength.id           1 
_diffrn_radiation_wavelength.wavelength   0.95365 
_diffrn_radiation_wavelength.wt           1.0 
# 
_diffrn_source.current                     ? 
_diffrn_source.details                     ? 
_diffrn_source.diffrn_id                   1 
_diffrn_source.power                       ? 
_diffrn_source.size                        ? 
_diffrn_source.source                      SYNCHROTRON 
_diffrn_source.target                      ? 
_diffrn_source.type                        'AUSTRALIAN SYNCHROTRON BEAMLINE MX2' 
_diffrn_source.voltage                     ? 
_diffrn_source.take-off_angle              ? 
_diffrn_source.pdbx_wavelength_list        0.95365 
_diffrn_source.pdbx_wavelength             ? 
_diffrn_source.pdbx_synchrotron_beamline   MX2 
_diffrn_source.pdbx_synchrotron_site       'Australian Synchrotron' 
# 
_reflns.B_iso_Wilson_estimate                          ? 
_reflns.entry_id                                       8JVE 
_reflns.data_reduction_details                         ? 
_reflns.data_reduction_method                          ? 
_reflns.d_resolution_high                              1.76 
_reflns.d_resolution_low                               47.16 
_reflns.details                                        ? 
_reflns.limit_h_max                                    ? 
_reflns.limit_h_min                                    ? 
_reflns.limit_k_max                                    ? 
_reflns.limit_k_min                                    ? 
_reflns.limit_l_max                                    ? 
_reflns.limit_l_min                                    ? 
_reflns.number_all                                     ? 
_reflns.number_obs                                     29234 
_reflns.observed_criterion                             ? 
_reflns.observed_criterion_F_max                       ? 
_reflns.observed_criterion_F_min                       ? 
_reflns.observed_criterion_I_max                       ? 
_reflns.observed_criterion_I_min                       ? 
_reflns.observed_criterion_sigma_F                     ? 
_reflns.observed_criterion_sigma_I                     ? 
_reflns.percent_possible_obs                           99.8 
_reflns.R_free_details                                 ? 
_reflns.Rmerge_F_all                                   ? 
_reflns.Rmerge_F_obs                                   ? 
_reflns.Friedel_coverage                               ? 
_reflns.number_gt                                      ? 
_reflns.threshold_expression                           ? 
_reflns.pdbx_redundancy                                26.2 
_reflns.pdbx_netI_over_av_sigmaI                       ? 
_reflns.pdbx_netI_over_sigmaI                          17.6 
_reflns.pdbx_res_netI_over_av_sigmaI_2                 ? 
_reflns.pdbx_res_netI_over_sigmaI_2                    ? 
_reflns.pdbx_chi_squared                               0.53 
_reflns.pdbx_scaling_rejects                           ? 
_reflns.pdbx_d_res_high_opt                            ? 
_reflns.pdbx_d_res_low_opt                             ? 
_reflns.pdbx_d_res_opt_method                          ? 
_reflns.phase_calculation_details                      ? 
_reflns.pdbx_Rrim_I_all                                0.085 
_reflns.pdbx_Rpim_I_all                                0.017 
_reflns.pdbx_d_opt                                     ? 
_reflns.pdbx_number_measured_all                       766994 
_reflns.pdbx_diffrn_id                                 1 
_reflns.pdbx_ordinal                                   1 
_reflns.pdbx_CC_half                                   0.999 
_reflns.pdbx_CC_star                                   ? 
_reflns.pdbx_R_split                                   ? 
_reflns.pdbx_Rmerge_I_obs                              0.084 
_reflns.pdbx_Rmerge_I_all                              ? 
_reflns.pdbx_Rsym_value                                ? 
_reflns.pdbx_CC_split_method                           ? 
_reflns.pdbx_aniso_diffraction_limit_axis_1_ortho[1]   ? 
_reflns.pdbx_aniso_diffraction_limit_axis_1_ortho[2]   ? 
_reflns.pdbx_aniso_diffraction_limit_axis_1_ortho[3]   ? 
_reflns.pdbx_aniso_diffraction_limit_axis_2_ortho[1]   ? 
_reflns.pdbx_aniso_diffraction_limit_axis_2_ortho[2]   ? 
_reflns.pdbx_aniso_diffraction_limit_axis_2_ortho[3]   ? 
_reflns.pdbx_aniso_diffraction_limit_axis_3_ortho[1]   ? 
_reflns.pdbx_aniso_diffraction_limit_axis_3_ortho[2]   ? 
_reflns.pdbx_aniso_diffraction_limit_axis_3_ortho[3]   ? 
_reflns.pdbx_aniso_diffraction_limit_1                 ? 
_reflns.pdbx_aniso_diffraction_limit_2                 ? 
_reflns.pdbx_aniso_diffraction_limit_3                 ? 
_reflns.pdbx_aniso_B_tensor_eigenvector_1_ortho[1]     ? 
_reflns.pdbx_aniso_B_tensor_eigenvector_1_ortho[2]     ? 
_reflns.pdbx_aniso_B_tensor_eigenvector_1_ortho[3]     ? 
_reflns.pdbx_aniso_B_tensor_eigenvector_2_ortho[1]     ? 
_reflns.pdbx_aniso_B_tensor_eigenvector_2_ortho[2]     ? 
_reflns.pdbx_aniso_B_tensor_eigenvector_2_ortho[3]     ? 
_reflns.pdbx_aniso_B_tensor_eigenvector_3_ortho[1]     ? 
_reflns.pdbx_aniso_B_tensor_eigenvector_3_ortho[2]     ? 
_reflns.pdbx_aniso_B_tensor_eigenvector_3_ortho[3]     ? 
_reflns.pdbx_aniso_B_tensor_eigenvalue_1               ? 
_reflns.pdbx_aniso_B_tensor_eigenvalue_2               ? 
_reflns.pdbx_aniso_B_tensor_eigenvalue_3               ? 
_reflns.pdbx_orthogonalization_convention              ? 
_reflns.pdbx_percent_possible_ellipsoidal              ? 
_reflns.pdbx_percent_possible_spherical                ? 
_reflns.pdbx_percent_possible_ellipsoidal_anomalous    ? 
_reflns.pdbx_percent_possible_spherical_anomalous      ? 
_reflns.pdbx_redundancy_anomalous                      ? 
_reflns.pdbx_CC_half_anomalous                         ? 
_reflns.pdbx_absDiff_over_sigma_anomalous              ? 
_reflns.pdbx_percent_possible_anomalous                ? 
_reflns.pdbx_observed_signal_threshold                 ? 
_reflns.pdbx_signal_type                               ? 
_reflns.pdbx_signal_details                            ? 
_reflns.pdbx_signal_software_id                        ? 
# 
_reflns_shell.d_res_high                                    1.76 
_reflns_shell.d_res_low                                     1.79 
_reflns_shell.meanI_over_sigI_all                           ? 
_reflns_shell.meanI_over_sigI_obs                           ? 
_reflns_shell.number_measured_all                           37462 
_reflns_shell.number_measured_obs                           ? 
_reflns_shell.number_possible                               ? 
_reflns_shell.number_unique_all                             ? 
_reflns_shell.number_unique_obs                             1566 
_reflns_shell.percent_possible_obs                          97.1 
_reflns_shell.Rmerge_F_all                                  ? 
_reflns_shell.Rmerge_F_obs                                  ? 
_reflns_shell.meanI_over_sigI_gt                            ? 
_reflns_shell.meanI_over_uI_all                             ? 
_reflns_shell.meanI_over_uI_gt                              ? 
_reflns_shell.number_measured_gt                            ? 
_reflns_shell.number_unique_gt                              ? 
_reflns_shell.percent_possible_gt                           ? 
_reflns_shell.Rmerge_F_gt                                   ? 
_reflns_shell.Rmerge_I_gt                                   ? 
_reflns_shell.pdbx_redundancy                               23.9 
_reflns_shell.pdbx_chi_squared                              0.41 
_reflns_shell.pdbx_netI_over_sigmaI_all                     ? 
_reflns_shell.pdbx_netI_over_sigmaI_obs                     1.6 
_reflns_shell.pdbx_Rrim_I_all                               0.015 
_reflns_shell.pdbx_Rpim_I_all                               0.317 
_reflns_shell.pdbx_rejects                                  ? 
_reflns_shell.pdbx_ordinal                                  1 
_reflns_shell.pdbx_diffrn_id                                1 
_reflns_shell.pdbx_CC_half                                  0.930 
_reflns_shell.pdbx_CC_star                                  ? 
_reflns_shell.pdbx_R_split                                  ? 
_reflns_shell.percent_possible_all                          ? 
_reflns_shell.Rmerge_I_all                                  ? 
_reflns_shell.Rmerge_I_obs                                  1.543 
_reflns_shell.pdbx_Rsym_value                               ? 
_reflns_shell.pdbx_percent_possible_ellipsoidal             ? 
_reflns_shell.pdbx_percent_possible_spherical               ? 
_reflns_shell.pdbx_percent_possible_ellipsoidal_anomalous   ? 
_reflns_shell.pdbx_percent_possible_spherical_anomalous     ? 
_reflns_shell.pdbx_redundancy_anomalous                     ? 
_reflns_shell.pdbx_CC_half_anomalous                        ? 
_reflns_shell.pdbx_absDiff_over_sigma_anomalous             ? 
_reflns_shell.pdbx_percent_possible_anomalous               ? 
# 
_refine.aniso_B[1][1]                            ? 
_refine.aniso_B[1][2]                            ? 
_refine.aniso_B[1][3]                            ? 
_refine.aniso_B[2][2]                            ? 
_refine.aniso_B[2][3]                            ? 
_refine.aniso_B[3][3]                            ? 
_refine.B_iso_max                                ? 
_refine.B_iso_mean                               ? 
_refine.B_iso_min                                ? 
_refine.correlation_coeff_Fo_to_Fc               ? 
_refine.correlation_coeff_Fo_to_Fc_free          ? 
_refine.details                                  ? 
_refine.diff_density_max                         ? 
_refine.diff_density_max_esd                     ? 
_refine.diff_density_min                         ? 
_refine.diff_density_min_esd                     ? 
_refine.diff_density_rms                         ? 
_refine.diff_density_rms_esd                     ? 
_refine.entry_id                                 8JVE 
_refine.pdbx_refine_id                           'X-RAY DIFFRACTION' 
_refine.ls_abs_structure_details                 ? 
_refine.ls_abs_structure_Flack                   ? 
_refine.ls_abs_structure_Flack_esd               ? 
_refine.ls_abs_structure_Rogers                  ? 
_refine.ls_abs_structure_Rogers_esd              ? 
_refine.ls_d_res_high                            1.76 
_refine.ls_d_res_low                             47.16 
_refine.ls_extinction_coef                       ? 
_refine.ls_extinction_coef_esd                   ? 
_refine.ls_extinction_expression                 ? 
_refine.ls_extinction_method                     ? 
_refine.ls_goodness_of_fit_all                   ? 
_refine.ls_goodness_of_fit_all_esd               ? 
_refine.ls_goodness_of_fit_obs                   ? 
_refine.ls_goodness_of_fit_obs_esd               ? 
_refine.ls_hydrogen_treatment                    ? 
_refine.ls_matrix_type                           ? 
_refine.ls_number_constraints                    ? 
_refine.ls_number_parameters                     ? 
_refine.ls_number_reflns_all                     ? 
_refine.ls_number_reflns_obs                     29083 
_refine.ls_number_reflns_R_free                  1996 
_refine.ls_number_reflns_R_work                  ? 
_refine.ls_number_restraints                     ? 
_refine.ls_percent_reflns_obs                    99.63 
_refine.ls_percent_reflns_R_free                 6.86 
_refine.ls_R_factor_all                          ? 
_refine.ls_R_factor_obs                          0.2188 
_refine.ls_R_factor_R_free                       0.2466 
_refine.ls_R_factor_R_free_error                 ? 
_refine.ls_R_factor_R_free_error_details         ? 
_refine.ls_R_factor_R_work                       0.2168 
_refine.ls_R_Fsqd_factor_obs                     ? 
_refine.ls_R_I_factor_obs                        ? 
_refine.ls_redundancy_reflns_all                 ? 
_refine.ls_redundancy_reflns_obs                 ? 
_refine.ls_restrained_S_all                      ? 
_refine.ls_restrained_S_obs                      ? 
_refine.ls_shift_over_esd_max                    ? 
_refine.ls_shift_over_esd_mean                   ? 
_refine.ls_structure_factor_coef                 ? 
_refine.ls_weighting_details                     ? 
_refine.ls_weighting_scheme                      ? 
_refine.ls_wR_factor_all                         ? 
_refine.ls_wR_factor_obs                         ? 
_refine.ls_wR_factor_R_free                      ? 
_refine.ls_wR_factor_R_work                      ? 
_refine.occupancy_max                            ? 
_refine.occupancy_min                            ? 
_refine.solvent_model_details                    'FLAT BULK SOLVENT MODEL' 
_refine.solvent_model_param_bsol                 ? 
_refine.solvent_model_param_ksol                 ? 
_refine.pdbx_R_complete                          ? 
_refine.ls_R_factor_gt                           ? 
_refine.ls_goodness_of_fit_gt                    ? 
_refine.ls_goodness_of_fit_ref                   ? 
_refine.ls_shift_over_su_max                     ? 
_refine.ls_shift_over_su_max_lt                  ? 
_refine.ls_shift_over_su_mean                    ? 
_refine.ls_shift_over_su_mean_lt                 ? 
_refine.pdbx_ls_sigma_I                          ? 
_refine.pdbx_ls_sigma_F                          1.36 
_refine.pdbx_ls_sigma_Fsqd                       ? 
_refine.pdbx_data_cutoff_high_absF               ? 
_refine.pdbx_data_cutoff_high_rms_absF           ? 
_refine.pdbx_data_cutoff_low_absF                ? 
_refine.pdbx_isotropic_thermal_model             ? 
_refine.pdbx_ls_cross_valid_method               'FREE R-VALUE' 
_refine.pdbx_method_to_determine_struct          'MOLECULAR REPLACEMENT' 
_refine.pdbx_starting_model                      ? 
_refine.pdbx_stereochemistry_target_values       ML 
_refine.pdbx_R_Free_selection_details            ? 
_refine.pdbx_stereochem_target_val_spec_case     ? 
_refine.pdbx_overall_ESU_R                       ? 
_refine.pdbx_overall_ESU_R_Free                  ? 
_refine.pdbx_solvent_vdw_probe_radii             1.11 
_refine.pdbx_solvent_ion_probe_radii             ? 
_refine.pdbx_solvent_shrinkage_radii             0.90 
_refine.pdbx_real_space_R                        ? 
_refine.pdbx_density_correlation                 ? 
_refine.pdbx_pd_number_of_powder_patterns        ? 
_refine.pdbx_pd_number_of_points                 ? 
_refine.pdbx_pd_meas_number_of_points            ? 
_refine.pdbx_pd_proc_ls_prof_R_factor            ? 
_refine.pdbx_pd_proc_ls_prof_wR_factor           ? 
_refine.pdbx_pd_Marquardt_correlation_coeff      ? 
_refine.pdbx_pd_Fsqrd_R_factor                   ? 
_refine.pdbx_pd_ls_matrix_band_width             ? 
_refine.pdbx_overall_phase_error                 27.21 
_refine.pdbx_overall_SU_R_free_Cruickshank_DPI   ? 
_refine.pdbx_overall_SU_R_free_Blow_DPI          ? 
_refine.pdbx_overall_SU_R_Blow_DPI               ? 
_refine.pdbx_TLS_residual_ADP_flag               ? 
_refine.pdbx_diffrn_id                           1 
_refine.overall_SU_B                             ? 
_refine.overall_SU_ML                            0.25 
_refine.overall_SU_R_Cruickshank_DPI             ? 
_refine.overall_SU_R_free                        ? 
_refine.overall_FOM_free_R_set                   ? 
_refine.overall_FOM_work_R_set                   ? 
_refine.pdbx_average_fsc_overall                 ? 
_refine.pdbx_average_fsc_work                    ? 
_refine.pdbx_average_fsc_free                    ? 
# 
_refine_hist.pdbx_refine_id                   'X-RAY DIFFRACTION' 
_refine_hist.cycle_id                         LAST 
_refine_hist.pdbx_number_atoms_protein        1222 
_refine_hist.pdbx_number_atoms_nucleic_acid   0 
_refine_hist.pdbx_number_atoms_ligand         17 
_refine_hist.number_atoms_solvent             123 
_refine_hist.number_atoms_total               1362 
_refine_hist.d_res_high                       1.76 
_refine_hist.d_res_low                        47.16 
# 
loop_
_refine_ls_restr.pdbx_refine_id 
_refine_ls_restr.criterion 
_refine_ls_restr.dev_ideal 
_refine_ls_restr.dev_ideal_target 
_refine_ls_restr.number 
_refine_ls_restr.rejects 
_refine_ls_restr.type 
_refine_ls_restr.weight 
_refine_ls_restr.pdbx_restraint_function 
'X-RAY DIFFRACTION' ? 0.008  ? ?   ? f_bond_d           ? ? 
'X-RAY DIFFRACTION' ? 0.852  ? ?   ? f_angle_d          ? ? 
'X-RAY DIFFRACTION' ? 20.604 ? 173 ? f_dihedral_angle_d ? ? 
'X-RAY DIFFRACTION' ? 0.060  ? 187 ? f_chiral_restr     ? ? 
'X-RAY DIFFRACTION' ? 0.008  ? 231 ? f_plane_restr      ? ? 
# 
loop_
_refine_ls_shell.pdbx_refine_id 
_refine_ls_shell.d_res_high 
_refine_ls_shell.d_res_low 
_refine_ls_shell.number_reflns_all 
_refine_ls_shell.number_reflns_obs 
_refine_ls_shell.number_reflns_R_free 
_refine_ls_shell.number_reflns_R_work 
_refine_ls_shell.percent_reflns_obs 
_refine_ls_shell.percent_reflns_R_free 
_refine_ls_shell.R_factor_all 
_refine_ls_shell.R_factor_obs 
_refine_ls_shell.R_factor_R_free_error 
_refine_ls_shell.R_factor_R_work 
_refine_ls_shell.redundancy_reflns_all 
_refine_ls_shell.redundancy_reflns_obs 
_refine_ls_shell.wR_factor_all 
_refine_ls_shell.wR_factor_obs 
_refine_ls_shell.wR_factor_R_free 
_refine_ls_shell.wR_factor_R_work 
_refine_ls_shell.pdbx_R_complete 
_refine_ls_shell.pdbx_total_number_of_bins_used 
_refine_ls_shell.pdbx_phase_error 
_refine_ls_shell.pdbx_fsc_work 
_refine_ls_shell.pdbx_fsc_free 
_refine_ls_shell.R_factor_R_free 
'X-RAY DIFFRACTION' 1.76 1.80  . . 136 1823 97.00  . . . . 0.3606 . . . . . . . . . . . 0.3603 
'X-RAY DIFFRACTION' 1.80 1.85  . . 140 1904 100.00 . . . . 0.3068 . . . . . . . . . . . 0.3169 
'X-RAY DIFFRACTION' 1.85 1.90  . . 139 1896 99.00  . . . . 0.2571 . . . . . . . . . . . 0.2804 
'X-RAY DIFFRACTION' 1.90 1.96  . . 139 1884 100.00 . . . . 0.2540 . . . . . . . . . . . 0.3276 
'X-RAY DIFFRACTION' 1.96 2.03  . . 140 1905 100.00 . . . . 0.2466 . . . . . . . . . . . 0.3205 
'X-RAY DIFFRACTION' 2.03 2.12  . . 141 1911 100.00 . . . . 0.2436 . . . . . . . . . . . 0.2871 
'X-RAY DIFFRACTION' 2.12 2.21  . . 141 1904 100.00 . . . . 0.2419 . . . . . . . . . . . 0.3007 
'X-RAY DIFFRACTION' 2.21 2.33  . . 140 1914 100.00 . . . . 0.2499 . . . . . . . . . . . 0.2733 
'X-RAY DIFFRACTION' 2.33 2.47  . . 142 1922 100.00 . . . . 0.2464 . . . . . . . . . . . 0.3097 
'X-RAY DIFFRACTION' 2.47 2.67  . . 144 1951 100.00 . . . . 0.2410 . . . . . . . . . . . 0.2371 
'X-RAY DIFFRACTION' 2.67 2.93  . . 143 1936 100.00 . . . . 0.2464 . . . . . . . . . . . 0.2748 
'X-RAY DIFFRACTION' 2.93 3.36  . . 145 1975 100.00 . . . . 0.2244 . . . . . . . . . . . 0.2288 
'X-RAY DIFFRACTION' 3.36 4.23  . . 149 2015 100.00 . . . . 0.1877 . . . . . . . . . . . 0.2156 
'X-RAY DIFFRACTION' 4.23 47.16 . . 157 2147 100.00 . . . . 0.1757 . . . . . . . . . . . 0.2119 
# 
_struct.entry_id                     8JVE 
_struct.title                        
'Identification and characterization of inhibitors covalently modifying catalytic cysteine of UBE2T and blocking ubiquitin transfer' 
_struct.pdbx_model_details           ? 
_struct.pdbx_formula_weight          ? 
_struct.pdbx_formula_weight_method   ? 
_struct.pdbx_model_type_details      ? 
_struct.pdbx_CASP_flag               N 
# 
_struct_keywords.entry_id        8JVE 
_struct_keywords.text            'UBE2T, drug discovery, covalent inhibitor, Fanconi anemia, LIGASE-INHIBITOR COMPLEX' 
_struct_keywords.pdbx_keywords   LIGASE/INHIBITOR 
# 
loop_
_struct_asym.id 
_struct_asym.pdbx_blank_PDB_chainid_flag 
_struct_asym.pdbx_modified 
_struct_asym.entity_id 
_struct_asym.details 
A N N 1 ? 
B N N 2 ? 
C N N 3 ? 
D N N 4 ? 
# 
loop_
_struct_conf.conf_type_id 
_struct_conf.id 
_struct_conf.pdbx_PDB_helix_id 
_struct_conf.beg_label_comp_id 
_struct_conf.beg_label_asym_id 
_struct_conf.beg_label_seq_id 
_struct_conf.pdbx_beg_PDB_ins_code 
_struct_conf.end_label_comp_id 
_struct_conf.end_label_asym_id 
_struct_conf.end_label_seq_id 
_struct_conf.pdbx_end_PDB_ins_code 
_struct_conf.beg_auth_comp_id 
_struct_conf.beg_auth_asym_id 
_struct_conf.beg_auth_seq_id 
_struct_conf.end_auth_comp_id 
_struct_conf.end_auth_asym_id 
_struct_conf.end_auth_seq_id 
_struct_conf.pdbx_PDB_helix_class 
_struct_conf.details 
_struct_conf.pdbx_PDB_helix_length 
HELX_P HELX_P1 AA1 SER A 2   ? GLU A 19  ? SER A 0   GLU A 17  1 ? 18 
HELX_P HELX_P2 AA2 LEU A 89  ? LYS A 93  ? LEU A 87  LYS A 91  5 ? 5  
HELX_P HELX_P3 AA3 ASN A 105 ? GLU A 119 ? ASN A 103 GLU A 117 1 ? 15 
HELX_P HELX_P4 AA4 MET A 127 ? ASN A 137 ? MET A 125 ASN A 135 1 ? 11 
HELX_P HELX_P5 AA5 ASN A 137 ? ALA A 153 ? ASN A 135 ALA A 151 1 ? 17 
# 
_struct_conf_type.id          HELX_P 
_struct_conf_type.criteria    ? 
_struct_conf_type.reference   ? 
# 
loop_
_struct_mon_prot_cis.pdbx_id 
_struct_mon_prot_cis.label_comp_id 
_struct_mon_prot_cis.label_seq_id 
_struct_mon_prot_cis.label_asym_id 
_struct_mon_prot_cis.label_alt_id 
_struct_mon_prot_cis.pdbx_PDB_ins_code 
_struct_mon_prot_cis.auth_comp_id 
_struct_mon_prot_cis.auth_seq_id 
_struct_mon_prot_cis.auth_asym_id 
_struct_mon_prot_cis.pdbx_label_comp_id_2 
_struct_mon_prot_cis.pdbx_label_seq_id_2 
_struct_mon_prot_cis.pdbx_label_asym_id_2 
_struct_mon_prot_cis.pdbx_PDB_ins_code_2 
_struct_mon_prot_cis.pdbx_auth_comp_id_2 
_struct_mon_prot_cis.pdbx_auth_seq_id_2 
_struct_mon_prot_cis.pdbx_auth_asym_id_2 
_struct_mon_prot_cis.pdbx_PDB_model_num 
_struct_mon_prot_cis.pdbx_omega_angle 
1 TYR 63 A . ? TYR 61 A PRO 64 A ? PRO 62 A 1 7.31 
2 PRO 95 A . ? PRO 93 A PRO 96 A ? PRO 94 A 1 7.52 
# 
_struct_sheet.id               AA1 
_struct_sheet.type             ? 
_struct_sheet.number_strands   4 
_struct_sheet.details          ? 
# 
loop_
_struct_sheet_order.sheet_id 
_struct_sheet_order.range_id_1 
_struct_sheet_order.range_id_2 
_struct_sheet_order.offset 
_struct_sheet_order.sense 
AA1 1 2 ? anti-parallel 
AA1 2 3 ? anti-parallel 
AA1 3 4 ? anti-parallel 
# 
loop_
_struct_sheet_range.sheet_id 
_struct_sheet_range.id 
_struct_sheet_range.beg_label_comp_id 
_struct_sheet_range.beg_label_asym_id 
_struct_sheet_range.beg_label_seq_id 
_struct_sheet_range.pdbx_beg_PDB_ins_code 
_struct_sheet_range.end_label_comp_id 
_struct_sheet_range.end_label_asym_id 
_struct_sheet_range.end_label_seq_id 
_struct_sheet_range.pdbx_end_PDB_ins_code 
_struct_sheet_range.beg_auth_comp_id 
_struct_sheet_range.beg_auth_asym_id 
_struct_sheet_range.beg_auth_seq_id 
_struct_sheet_range.end_auth_comp_id 
_struct_sheet_range.end_auth_asym_id 
_struct_sheet_range.end_auth_seq_id 
AA1 1 ILE A 24 ? GLN A 28 ? ILE A 22 GLN A 26 
AA1 2 ASP A 35 ? LEU A 41 ? ASP A 33 LEU A 39 
AA1 3 VAL A 52 ? ILE A 58 ? VAL A 50 ILE A 56 
AA1 4 GLN A 69 ? PHE A 72 ? GLN A 67 PHE A 70 
# 
loop_
_pdbx_struct_sheet_hbond.sheet_id 
_pdbx_struct_sheet_hbond.range_id_1 
_pdbx_struct_sheet_hbond.range_id_2 
_pdbx_struct_sheet_hbond.range_1_label_atom_id 
_pdbx_struct_sheet_hbond.range_1_label_comp_id 
_pdbx_struct_sheet_hbond.range_1_label_asym_id 
_pdbx_struct_sheet_hbond.range_1_label_seq_id 
_pdbx_struct_sheet_hbond.range_1_PDB_ins_code 
_pdbx_struct_sheet_hbond.range_1_auth_atom_id 
_pdbx_struct_sheet_hbond.range_1_auth_comp_id 
_pdbx_struct_sheet_hbond.range_1_auth_asym_id 
_pdbx_struct_sheet_hbond.range_1_auth_seq_id 
_pdbx_struct_sheet_hbond.range_2_label_atom_id 
_pdbx_struct_sheet_hbond.range_2_label_comp_id 
_pdbx_struct_sheet_hbond.range_2_label_asym_id 
_pdbx_struct_sheet_hbond.range_2_label_seq_id 
_pdbx_struct_sheet_hbond.range_2_PDB_ins_code 
_pdbx_struct_sheet_hbond.range_2_auth_atom_id 
_pdbx_struct_sheet_hbond.range_2_auth_comp_id 
_pdbx_struct_sheet_hbond.range_2_auth_asym_id 
_pdbx_struct_sheet_hbond.range_2_auth_seq_id 
AA1 1 2 N TRP A 27 ? N TRP A 25 O ARG A 37 ? O ARG A 35 
AA1 2 3 N LEU A 36 ? N LEU A 34 O VAL A 57 ? O VAL A 55 
AA1 3 4 N ILE A 58 ? N ILE A 56 O GLN A 69 ? O GLN A 67 
# 
_atom_sites.entry_id                    8JVE 
_atom_sites.Cartn_transf_matrix[1][1]   ? 
_atom_sites.Cartn_transf_matrix[1][2]   ? 
_atom_sites.Cartn_transf_matrix[1][3]   ? 
_atom_sites.Cartn_transf_matrix[2][1]   ? 
_atom_sites.Cartn_transf_matrix[2][2]   ? 
_atom_sites.Cartn_transf_matrix[2][3]   ? 
_atom_sites.Cartn_transf_matrix[3][1]   ? 
_atom_sites.Cartn_transf_matrix[3][2]   ? 
_atom_sites.Cartn_transf_matrix[3][3]   ? 
_atom_sites.Cartn_transf_vector[1]      ? 
_atom_sites.Cartn_transf_vector[2]      ? 
_atom_sites.Cartn_transf_vector[3]      ? 
_atom_sites.fract_transf_matrix[1][1]   0.01283482 
_atom_sites.fract_transf_matrix[1][2]   0.01165228 
_atom_sites.fract_transf_matrix[1][3]   -0.00557310 
_atom_sites.fract_transf_matrix[2][1]   -0.01142904 
_atom_sites.fract_transf_matrix[2][2]   0.00658492 
_atom_sites.fract_transf_matrix[2][3]   -0.01255322 
_atom_sites.fract_transf_matrix[3][1]   -0.00179515 
_atom_sites.fract_transf_matrix[3][2]   0.00368307 
_atom_sites.fract_transf_matrix[3][3]   0.00356638 
_atom_sites.fract_transf_vector[1]      -0.320638 
_atom_sites.fract_transf_vector[2]      -0.053914 
_atom_sites.fract_transf_vector[3]      -0.062263 
_atom_sites.solution_primary            ? 
_atom_sites.solution_secondary          ? 
_atom_sites.solution_hydrogens          ? 
_atom_sites.special_details             ? 
# 
loop_
_atom_type.symbol 
C 
N 
O 
S 
# 
loop_
_atom_site.group_PDB 
_atom_site.id 
_atom_site.type_symbol 
_atom_site.label_atom_id 
_atom_site.label_alt_id 
_atom_site.label_comp_id 
_atom_site.label_asym_id 
_atom_site.label_entity_id 
_atom_site.label_seq_id 
_atom_site.pdbx_PDB_ins_code 
_atom_site.Cartn_x 
_atom_site.Cartn_y 
_atom_site.Cartn_z 
_atom_site.occupancy 
_atom_site.B_iso_or_equiv 
_atom_site.pdbx_formal_charge 
_atom_site.auth_seq_id 
_atom_site.auth_comp_id 
_atom_site.auth_asym_id 
_atom_site.auth_atom_id 
_atom_site.pdbx_PDB_model_num 
ATOM   1    N N   . SER A 1 2   ? 21.130  -6.407  -12.706 1.00 54.41 ? 0   SER A N   1 
ATOM   2    C CA  . SER A 1 2   ? 21.133  -7.861  -12.550 1.00 59.78 ? 0   SER A CA  1 
ATOM   3    C C   . SER A 1 2   ? 20.153  -8.531  -13.519 1.00 53.51 ? 0   SER A C   1 
ATOM   4    O O   . SER A 1 2   ? 19.014  -8.087  -13.661 1.00 48.92 ? 0   SER A O   1 
ATOM   5    C CB  . SER A 1 2   ? 20.786  -8.246  -11.106 1.00 49.61 ? 0   SER A CB  1 
ATOM   6    O OG  . SER A 1 2   ? 20.301  -9.580  -11.035 1.00 51.82 ? 0   SER A OG  1 
ATOM   7    N N   . MET A 1 3   ? 20.598  -9.598  -14.193 1.00 48.51 ? 1   MET A N   1 
ATOM   8    C CA  . MET A 1 3   ? 19.693  -10.358 -15.052 1.00 45.79 ? 1   MET A CA  1 
ATOM   9    C C   . MET A 1 3   ? 18.736  -11.231 -14.243 1.00 49.47 ? 1   MET A C   1 
ATOM   10   O O   . MET A 1 3   ? 17.597  -11.462 -14.666 1.00 44.56 ? 1   MET A O   1 
ATOM   11   C CB  . MET A 1 3   ? 20.497  -11.217 -16.027 1.00 55.40 ? 1   MET A CB  1 
ATOM   12   C CG  . MET A 1 3   ? 19.887  -12.578 -16.318 1.00 52.47 ? 1   MET A CG  1 
ATOM   13   S SD  . MET A 1 3   ? 20.582  -13.294 -17.815 1.00 92.69 ? 1   MET A SD  1 
ATOM   14   C CE  . MET A 1 3   ? 22.321  -12.950 -17.552 1.00 66.15 ? 1   MET A CE  1 
ATOM   15   N N   . GLN A 1 4   ? 19.190  -11.733 -13.094 1.00 48.86 ? 2   GLN A N   1 
ATOM   16   C CA  . GLN A 1 4   ? 18.307  -12.410 -12.150 1.00 48.52 ? 2   GLN A CA  1 
ATOM   17   C C   . GLN A 1 4   ? 17.129  -11.511 -11.766 1.00 39.37 ? 2   GLN A C   1 
ATOM   18   O O   . GLN A 1 4   ? 15.970  -11.942 -11.766 1.00 38.98 ? 2   GLN A O   1 
ATOM   19   C CB  . GLN A 1 4   ? 19.135  -12.818 -10.925 1.00 48.84 ? 2   GLN A CB  1 
ATOM   20   C CG  . GLN A 1 4   ? 18.430  -12.850 -9.586  1.00 55.56 ? 2   GLN A CG  1 
ATOM   21   C CD  . GLN A 1 4   ? 19.416  -13.047 -8.432  1.00 54.18 ? 2   GLN A CD  1 
ATOM   22   O OE1 . GLN A 1 4   ? 19.515  -14.128 -7.858  1.00 39.23 ? 2   GLN A OE1 1 
ATOM   23   N NE2 . GLN A 1 4   ? 20.141  -11.987 -8.085  1.00 57.17 ? 2   GLN A NE2 1 
ATOM   24   N N   . ARG A 1 5   ? 17.421  -10.247 -11.463 1.00 38.79 ? 3   ARG A N   1 
ATOM   25   C CA  . ARG A 1 5   ? 16.382  -9.277  -11.118 1.00 37.21 ? 3   ARG A CA  1 
ATOM   26   C C   . ARG A 1 5   ? 15.481  -8.980  -12.311 1.00 40.40 ? 3   ARG A C   1 
ATOM   27   O O   . ARG A 1 5   ? 14.257  -8.905  -12.168 1.00 36.46 ? 3   ARG A O   1 
ATOM   28   C CB  . ARG A 1 5   ? 17.034  -7.997  -10.602 1.00 37.35 ? 3   ARG A CB  1 
ATOM   29   C CG  . ARG A 1 5   ? 16.085  -6.845  -10.306 1.00 39.17 ? 3   ARG A CG  1 
ATOM   30   C CD  . ARG A 1 5   ? 16.816  -5.792  -9.486  1.00 37.14 ? 3   ARG A CD  1 
ATOM   31   N NE  . ARG A 1 5   ? 16.139  -4.510  -9.358  1.00 40.37 ? 3   ARG A NE  1 
ATOM   32   C CZ  . ARG A 1 5   ? 16.103  -3.594  -10.312 1.00 44.00 ? 3   ARG A CZ  1 
ATOM   33   N NH1 . ARG A 1 5   ? 16.591  -3.835  -11.520 1.00 40.48 ? 3   ARG A NH1 1 
ATOM   34   N NH2 . ARG A 1 5   ? 15.564  -2.409  -10.054 1.00 39.88 ? 3   ARG A NH2 1 
ATOM   35   N N   . ALA A 1 6   ? 16.070  -8.818  -13.499 1.00 37.37 ? 4   ALA A N   1 
ATOM   36   C CA  . ALA A 1 6   ? 15.276  -8.530  -14.693 1.00 38.42 ? 4   ALA A CA  1 
ATOM   37   C C   . ALA A 1 6   ? 14.316  -9.669  -15.010 1.00 36.56 ? 4   ALA A C   1 
ATOM   38   O O   . ALA A 1 6   ? 13.137  -9.439  -15.300 1.00 33.68 ? 4   ALA A O   1 
ATOM   39   C CB  . ALA A 1 6   ? 16.194  -8.259  -15.883 1.00 40.37 ? 4   ALA A CB  1 
ATOM   40   N N   . SER A 1 7   ? 14.804  -10.910 -14.974 1.00 32.06 ? 5   SER A N   1 
ATOM   41   C CA  . SER A 1 7   ? 13.934  -12.042 -15.268 1.00 32.63 ? 5   SER A CA  1 
ATOM   42   C C   . SER A 1 7   ? 12.795  -12.140 -14.264 1.00 31.43 ? 5   SER A C   1 
ATOM   43   O O   . SER A 1 7   ? 11.665  -12.498 -14.620 1.00 30.91 ? 5   SER A O   1 
ATOM   44   C CB  . SER A 1 7   ? 14.745  -13.338 -15.293 1.00 40.03 ? 5   SER A CB  1 
ATOM   45   O OG  . SER A 1 7   ? 15.651  -13.317 -16.375 1.00 38.69 ? 5   SER A OG  1 
ATOM   46   N N   . ARG A 1 8   ? 13.074  -11.837 -12.998 1.00 31.54 ? 6   ARG A N   1 
ATOM   47   C CA  . ARG A 1 8   ? 12.023  -11.939 -11.997 1.00 28.18 ? 6   ARG A CA  1 
ATOM   48   C C   . ARG A 1 8   ? 10.965  -10.864 -12.208 1.00 25.68 ? 6   ARG A C   1 
ATOM   49   O O   . ARG A 1 8   ? 9.765   -11.128 -12.065 1.00 31.02 ? 6   ARG A O   1 
ATOM   50   C CB  . ARG A 1 8   ? 12.616  -11.826 -10.601 1.00 29.03 ? 6   ARG A CB  1 
ATOM   51   C CG  . ARG A 1 8   ? 11.579  -11.436 -9.568  1.00 34.69 ? 6   ARG A CG  1 
ATOM   52   C CD  . ARG A 1 8   ? 11.767  -12.195 -8.307  1.00 33.94 ? 6   ARG A CD  1 
ATOM   53   N NE  . ARG A 1 8   ? 10.828  -11.752 -7.285  1.00 31.53 ? 6   ARG A NE  1 
ATOM   54   C CZ  . ARG A 1 8   ? 10.758  -12.291 -6.078  1.00 39.08 ? 6   ARG A CZ  1 
ATOM   55   N NH1 . ARG A 1 8   ? 11.550  -13.298 -5.723  1.00 32.61 ? 6   ARG A NH1 1 
ATOM   56   N NH2 . ARG A 1 8   ? 9.881   -11.808 -5.208  1.00 32.52 ? 6   ARG A NH2 1 
ATOM   57   N N   . LEU A 1 9   ? 11.397  -9.660  -12.556 1.00 26.75 ? 7   LEU A N   1 
ATOM   58   C CA  . LEU A 1 9   ? 10.450  -8.564  -12.773 1.00 27.26 ? 7   LEU A CA  1 
ATOM   59   C C   . LEU A 1 9   ? 9.588   -8.827  -14.002 1.00 27.63 ? 7   LEU A C   1 
ATOM   60   O O   . LEU A 1 9   ? 8.400   -8.491  -14.016 1.00 27.63 ? 7   LEU A O   1 
ATOM   61   C CB  . LEU A 1 9   ? 11.213  -7.258  -12.919 1.00 28.72 ? 7   LEU A CB  1 
ATOM   62   C CG  . LEU A 1 9   ? 11.737  -6.673  -11.599 1.00 30.69 ? 7   LEU A CG  1 
ATOM   63   C CD1 . LEU A 1 9   ? 12.497  -5.382  -11.816 1.00 30.25 ? 7   LEU A CD1 1 
ATOM   64   C CD2 . LEU A 1 9   ? 10.579  -6.470  -10.610 1.00 29.40 ? 7   LEU A CD2 1 
ATOM   65   N N   . LYS A 1 10  ? 10.164  -9.437  -15.050 1.00 27.57 ? 8   LYS A N   1 
ATOM   66   C CA  . LYS A 1 10  ? 9.338   -9.812  -16.192 1.00 27.20 ? 8   LYS A CA  1 
ATOM   67   C C   . LYS A 1 10  ? 8.234   -10.764 -15.768 1.00 28.40 ? 8   LYS A C   1 
ATOM   68   O O   . LYS A 1 10  ? 7.069   -10.582 -16.143 1.00 28.73 ? 8   LYS A O   1 
ATOM   69   C CB  . LYS A 1 10  ? 10.193  -10.444 -17.302 1.00 28.13 ? 8   LYS A CB  1 
ATOM   70   C CG  . LYS A 1 10  ? 11.044  -9.424  -18.017 1.00 29.71 ? 8   LYS A CG  1 
ATOM   71   C CD  . LYS A 1 10  ? 11.871  -10.095 -19.126 1.00 31.65 ? 8   LYS A CD  1 
ATOM   72   C CE  . LYS A 1 10  ? 12.969  -9.174  -19.615 1.00 36.66 ? 8   LYS A CE  1 
ATOM   73   N NZ  . LYS A 1 10  ? 14.024  -9.951  -20.355 1.00 46.32 ? 8   LYS A NZ  1 
ATOM   74   N N   . ARG A 1 11  ? 8.567   -11.755 -14.935 1.00 25.94 ? 9   ARG A N   1 
ATOM   75   C CA  . ARG A 1 11  ? 7.560   -12.701 -14.479 1.00 25.45 ? 9   ARG A CA  1 
ATOM   76   C C   . ARG A 1 11  ? 6.499   -12.008 -13.631 1.00 25.00 ? 9   ARG A C   1 
ATOM   77   O O   . ARG A 1 11  ? 5.303   -12.294 -13.768 1.00 26.34 ? 9   ARG A O   1 
ATOM   78   C CB  . ARG A 1 11  ? 8.220   -13.830 -13.685 1.00 31.00 ? 9   ARG A CB  1 
ATOM   79   C CG  . ARG A 1 11  ? 7.241   -14.765 -13.005 1.00 41.59 ? 9   ARG A CG  1 
ATOM   80   C CD  . ARG A 1 11  ? 7.949   -15.922 -12.281 1.00 50.86 ? 9   ARG A CD  1 
ATOM   81   N NE  . ARG A 1 11  ? 8.627   -15.540 -11.039 1.00 60.19 ? 9   ARG A NE  1 
ATOM   82   C CZ  . ARG A 1 11  ? 8.050   -15.014 -9.961  1.00 57.51 ? 9   ARG A CZ  1 
ATOM   83   N NH1 . ARG A 1 11  ? 8.752   -14.718 -8.875  1.00 54.00 ? 9   ARG A NH1 1 
ATOM   84   N NH2 . ARG A 1 11  ? 6.735   -14.797 -9.958  1.00 59.87 ? 9   ARG A NH2 1 
ATOM   85   N N   . GLU A 1 12  ? 6.924   -11.123 -12.726 1.00 29.93 ? 10  GLU A N   1 
ATOM   86   C CA  . GLU A 1 12  ? 5.967   -10.446 -11.853 1.00 26.39 ? 10  GLU A CA  1 
ATOM   87   C C   . GLU A 1 12  ? 5.042   -9.535  -12.655 1.00 24.65 ? 10  GLU A C   1 
ATOM   88   O O   . GLU A 1 12  ? 3.827   -9.512  -12.431 1.00 26.74 ? 10  GLU A O   1 
ATOM   89   C CB  . GLU A 1 12  ? 6.703   -9.656  -10.763 1.00 27.70 ? 10  GLU A CB  1 
ATOM   90   C CG  . GLU A 1 12  ? 7.461   -10.550 -9.792  1.00 29.76 ? 10  GLU A CG  1 
ATOM   91   C CD  . GLU A 1 12  ? 7.610   -9.917  -8.410  1.00 32.30 ? 10  GLU A CD  1 
ATOM   92   O OE1 . GLU A 1 12  ? 6.629   -9.313  -7.904  1.00 27.63 ? 10  GLU A OE1 1 
ATOM   93   O OE2 . GLU A 1 12  ? 8.710   -10.026 -7.832  1.00 32.91 ? 10  GLU A OE2 1 
ATOM   94   N N   . LEU A 1 13  ? 5.605   -8.759  -13.584 1.00 26.06 ? 11  LEU A N   1 
ATOM   95   C CA  . LEU A 1 13  ? 4.757   -7.919  -14.422 1.00 28.41 ? 11  LEU A CA  1 
ATOM   96   C C   . LEU A 1 13  ? 3.771   -8.761  -15.218 1.00 25.90 ? 11  LEU A C   1 
ATOM   97   O O   . LEU A 1 13  ? 2.618   -8.368  -15.403 1.00 25.04 ? 11  LEU A O   1 
ATOM   98   C CB  . LEU A 1 13  ? 5.604   -7.068  -15.355 1.00 26.85 ? 11  LEU A CB  1 
ATOM   99   C CG  . LEU A 1 13  ? 6.223   -5.844  -14.701 1.00 27.27 ? 11  LEU A CG  1 
ATOM   100  C CD1 . LEU A 1 13  ? 7.208   -5.181  -15.643 1.00 31.84 ? 11  LEU A CD1 1 
ATOM   101  C CD2 . LEU A 1 13  ? 5.122   -4.866  -14.261 1.00 31.91 ? 11  LEU A CD2 1 
ATOM   102  N N   . HIS A 1 14  ? 4.193   -9.940  -15.686 1.00 25.39 ? 12  HIS A N   1 
ATOM   103  C CA  . HIS A 1 14  ? 3.232   -10.804 -16.360 1.00 23.83 ? 12  HIS A CA  1 
ATOM   104  C C   . HIS A 1 14  ? 2.100   -11.199 -15.423 1.00 26.64 ? 12  HIS A C   1 
ATOM   105  O O   . HIS A 1 14  ? 0.924   -11.185 -15.808 1.00 26.49 ? 12  HIS A O   1 
ATOM   106  C CB  . HIS A 1 14  ? 3.915   -12.067 -16.916 1.00 25.09 ? 12  HIS A CB  1 
ATOM   107  C CG  . HIS A 1 14  ? 2.934   -13.069 -17.432 1.00 26.99 ? 12  HIS A CG  1 
ATOM   108  N ND1 . HIS A 1 14  ? 2.439   -13.028 -18.720 1.00 31.06 ? 12  HIS A ND1 1 
ATOM   109  C CD2 . HIS A 1 14  ? 2.315   -14.109 -16.822 1.00 28.17 ? 12  HIS A CD2 1 
ATOM   110  C CE1 . HIS A 1 14  ? 1.570   -14.010 -18.884 1.00 29.52 ? 12  HIS A CE1 1 
ATOM   111  N NE2 . HIS A 1 14  ? 1.466   -14.672 -17.743 1.00 30.27 ? 12  HIS A NE2 1 
ATOM   112  N N   . MET A 1 15  ? 2.431   -11.527 -14.176 1.00 27.85 ? 13  MET A N   1 
ATOM   113  C CA  . MET A 1 15  ? 1.424   -12.040 -13.260 1.00 24.60 ? 13  MET A CA  1 
ATOM   114  C C   . MET A 1 15  ? 0.506   -10.908 -12.799 1.00 25.92 ? 13  MET A C   1 
ATOM   115  O O   . MET A 1 15  ? -0.692  -11.115 -12.583 1.00 26.90 ? 13  MET A O   1 
ATOM   116  C CB  . MET A 1 15  ? 2.105   -12.674 -12.051 1.00 25.54 ? 13  MET A CB  1 
ATOM   117  C CG  . MET A 1 15  ? 2.798   -14.024 -12.374 1.00 32.92 ? 13  MET A CG  1 
ATOM   118  S SD  . MET A 1 15  ? 1.685   -15.281 -13.013 1.00 35.80 ? 13  MET A SD  1 
ATOM   119  C CE  . MET A 1 15  ? 0.627   -15.596 -11.596 1.00 40.13 ? 13  MET A CE  1 
ATOM   120  N N   . LEU A 1 16  ? 1.065   -9.712  -12.629 1.00 26.76 ? 14  LEU A N   1 
ATOM   121  C CA  . LEU A 1 16  ? 0.246   -8.575  -12.225 1.00 26.99 ? 14  LEU A CA  1 
ATOM   122  C C   . LEU A 1 16  ? -0.733  -8.188  -13.326 1.00 32.33 ? 14  LEU A C   1 
ATOM   123  O O   . LEU A 1 16  ? -1.839  -7.712  -13.033 1.00 31.02 ? 14  LEU A O   1 
ATOM   124  C CB  . LEU A 1 16  ? 1.146   -7.394  -11.857 1.00 25.48 ? 14  LEU A CB  1 
ATOM   125  C CG  . LEU A 1 16  ? 1.947   -7.575  -10.565 1.00 27.74 ? 14  LEU A CG  1 
ATOM   126  C CD1 . LEU A 1 16  ? 3.110   -6.601  -10.559 1.00 27.83 ? 14  LEU A CD1 1 
ATOM   127  C CD2 . LEU A 1 16  ? 1.043   -7.326  -9.336  1.00 25.41 ? 14  LEU A CD2 1 
ATOM   128  N N   . ALA A 1 17  ? -0.348  -8.409  -14.587 1.00 28.82 ? 15  ALA A N   1 
ATOM   129  C CA  . ALA A 1 17  ? -1.208  -8.105  -15.724 1.00 33.25 ? 15  ALA A CA  1 
ATOM   130  C C   . ALA A 1 17  ? -2.301  -9.147  -15.897 1.00 36.72 ? 15  ALA A C   1 
ATOM   131  O O   . ALA A 1 17  ? -3.444  -8.805  -16.221 1.00 40.49 ? 15  ALA A O   1 
ATOM   132  C CB  . ALA A 1 17  ? -0.373  -8.006  -16.997 1.00 34.13 ? 15  ALA A CB  1 
ATOM   133  N N   . THR A 1 18  ? -1.985  -10.416 -15.658 1.00 32.78 ? 16  THR A N   1 
ATOM   134  C CA  . THR A 1 18  ? -2.904  -11.486 -16.010 1.00 34.59 ? 16  THR A CA  1 
ATOM   135  C C   . THR A 1 18  ? -3.653  -12.075 -14.829 1.00 38.09 ? 16  THR A C   1 
ATOM   136  O O   . THR A 1 18  ? -4.761  -12.590 -15.018 1.00 34.80 ? 16  THR A O   1 
ATOM   137  C CB  . THR A 1 18  ? -2.150  -12.605 -16.733 1.00 34.17 ? 16  THR A CB  1 
ATOM   138  O OG1 . THR A 1 18  ? -1.231  -13.229 -15.824 1.00 32.04 ? 16  THR A OG1 1 
ATOM   139  C CG2 . THR A 1 18  ? -1.396  -12.018 -17.908 1.00 32.87 ? 16  THR A CG2 1 
ATOM   140  N N   . GLU A 1 19  ? -3.094  -12.031 -13.617 1.00 31.27 ? 17  GLU A N   1 
ATOM   141  C CA  . GLU A 1 19  ? -3.790  -12.521 -12.428 1.00 28.84 ? 17  GLU A CA  1 
ATOM   142  C C   . GLU A 1 19  ? -3.689  -11.489 -11.304 1.00 29.62 ? 17  GLU A C   1 
ATOM   143  O O   . GLU A 1 19  ? -3.221  -11.799 -10.208 1.00 35.19 ? 17  GLU A O   1 
ATOM   144  C CB  . GLU A 1 19  ? -3.222  -13.858 -11.958 1.00 36.87 ? 17  GLU A CB  1 
ATOM   145  C CG  . GLU A 1 19  ? -3.473  -15.056 -12.866 1.00 38.09 ? 17  GLU A CG  1 
ATOM   146  C CD  . GLU A 1 19  ? -2.918  -16.341 -12.261 1.00 52.05 ? 17  GLU A CD  1 
ATOM   147  O OE1 . GLU A 1 19  ? -2.914  -17.387 -12.951 1.00 43.71 ? 17  GLU A OE1 1 
ATOM   148  O OE2 . GLU A 1 19  ? -2.524  -16.306 -11.065 1.00 49.14 ? 17  GLU A OE2 1 
ATOM   149  N N   . PRO A 1 20  ? -4.103  -10.252 -11.540 1.00 28.87 ? 18  PRO A N   1 
ATOM   150  C CA  . PRO A 1 20  ? -4.046  -9.254  -10.455 1.00 28.65 ? 18  PRO A CA  1 
ATOM   151  C C   . PRO A 1 20  ? -4.938  -9.659  -9.296  1.00 31.38 ? 18  PRO A C   1 
ATOM   152  O O   . PRO A 1 20  ? -6.024  -10.219 -9.499  1.00 28.89 ? 18  PRO A O   1 
ATOM   153  C CB  . PRO A 1 20  ? -4.549  -7.970  -11.133 1.00 32.50 ? 18  PRO A CB  1 
ATOM   154  C CG  . PRO A 1 20  ? -5.441  -8.444  -12.202 1.00 38.61 ? 18  PRO A CG  1 
ATOM   155  C CD  . PRO A 1 20  ? -4.785  -9.701  -12.730 1.00 33.80 ? 18  PRO A CD  1 
ATOM   156  N N   . PRO A 1 21  ? -4.524  -9.391  -8.057  1.00 33.47 ? 19  PRO A N   1 
ATOM   157  C CA  . PRO A 1 21  ? -5.431  -9.602  -6.931  1.00 36.05 ? 19  PRO A CA  1 
ATOM   158  C C   . PRO A 1 21  ? -6.654  -8.722  -7.072  1.00 28.79 ? 19  PRO A C   1 
ATOM   159  O O   . PRO A 1 21  ? -6.577  -7.604  -7.613  1.00 32.18 ? 19  PRO A O   1 
ATOM   160  C CB  . PRO A 1 21  ? -4.585  -9.202  -5.712  1.00 33.87 ? 19  PRO A CB  1 
ATOM   161  C CG  . PRO A 1 21  ? -3.161  -9.229  -6.196  1.00 34.94 ? 19  PRO A CG  1 
ATOM   162  C CD  . PRO A 1 21  ? -3.245  -8.804  -7.632  1.00 31.63 ? 19  PRO A CD  1 
ATOM   163  N N   . PRO A 1 22  ? -7.814  -9.192  -6.622  1.00 31.43 ? 20  PRO A N   1 
ATOM   164  C CA  . PRO A 1 22  ? -9.025  -8.366  -6.703  1.00 32.49 ? 20  PRO A CA  1 
ATOM   165  C C   . PRO A 1 22  ? -8.809  -7.010  -6.042  1.00 32.41 ? 20  PRO A C   1 
ATOM   166  O O   . PRO A 1 22  ? -8.186  -6.908  -4.986  1.00 30.77 ? 20  PRO A O   1 
ATOM   167  C CB  . PRO A 1 22  ? -10.071 -9.198  -5.953  1.00 40.78 ? 20  PRO A CB  1 
ATOM   168  C CG  . PRO A 1 22  ? -9.589  -10.602 -6.076  1.00 41.37 ? 20  PRO A CG  1 
ATOM   169  C CD  . PRO A 1 22  ? -8.086  -10.526 -6.062  1.00 37.06 ? 20  PRO A CD  1 
ATOM   170  N N   . GLY A 1 23  ? -9.280  -5.962  -6.708  1.00 30.75 ? 21  GLY A N   1 
ATOM   171  C CA  . GLY A 1 23  ? -9.141  -4.610  -6.214  1.00 33.40 ? 21  GLY A CA  1 
ATOM   172  C C   . GLY A 1 23  ? -7.809  -3.960  -6.499  1.00 31.26 ? 21  GLY A C   1 
ATOM   173  O O   . GLY A 1 23  ? -7.656  -2.768  -6.226  1.00 30.34 ? 21  GLY A O   1 
ATOM   174  N N   . ILE A 1 24  ? -6.843  -4.687  -7.066  1.00 28.15 ? 22  ILE A N   1 
ATOM   175  C CA  . ILE A 1 24  ? -5.477  -4.195  -7.198  1.00 26.91 ? 22  ILE A CA  1 
ATOM   176  C C   . ILE A 1 24  ? -5.058  -4.256  -8.656  1.00 28.83 ? 22  ILE A C   1 
ATOM   177  O O   . ILE A 1 24  ? -5.369  -5.221  -9.358  1.00 29.52 ? 22  ILE A O   1 
ATOM   178  C CB  . ILE A 1 24  ? -4.505  -5.005  -6.312  1.00 30.52 ? 22  ILE A CB  1 
ATOM   179  C CG1 . ILE A 1 24  ? -4.875  -4.810  -4.840  1.00 29.93 ? 22  ILE A CG1 1 
ATOM   180  C CG2 . ILE A 1 24  ? -3.056  -4.592  -6.566  1.00 30.87 ? 22  ILE A CG2 1 
ATOM   181  C CD1 . ILE A 1 24  ? -4.074  -5.637  -3.893  1.00 33.29 ? 22  ILE A CD1 1 
ATOM   182  N N   . THR A 1 25  ? -4.364  -3.213  -9.106  1.00 27.16 ? 23  THR A N   1 
ATOM   183  C CA  . THR A 1 25  ? -3.760  -3.162  -10.430 1.00 31.67 ? 23  THR A CA  1 
ATOM   184  C C   . THR A 1 25  ? -2.368  -2.571  -10.283 1.00 30.39 ? 23  THR A C   1 
ATOM   185  O O   . THR A 1 25  ? -2.150  -1.698  -9.441  1.00 26.66 ? 23  THR A O   1 
ATOM   186  C CB  . THR A 1 25  ? -4.588  -2.313  -11.409 1.00 37.11 ? 23  THR A CB  1 
ATOM   187  O OG1 . THR A 1 25  ? -4.310  -0.932  -11.174 1.00 44.15 ? 23  THR A OG1 1 
ATOM   188  C CG2 . THR A 1 25  ? -6.070  -2.533  -11.192 1.00 25.22 ? 23  THR A CG2 1 
ATOM   189  N N   . CYS A 1 26  ? -1.417  -3.064  -11.070 1.00 26.39 ? 24  CYS A N   1 
ATOM   190  C CA  . CYS A 1 26  ? -0.061  -2.550  -10.983 1.00 23.89 ? 24  CYS A CA  1 
ATOM   191  C C   . CYS A 1 26  ? 0.560   -2.582  -12.377 1.00 27.14 ? 24  CYS A C   1 
ATOM   192  O O   . CYS A 1 26  ? 0.413   -3.572  -13.097 1.00 28.22 ? 24  CYS A O   1 
ATOM   193  C CB  . CYS A 1 26  ? 0.777   -3.372  -9.991  1.00 29.01 ? 24  CYS A CB  1 
ATOM   194  S SG  . CYS A 1 26  ? 2.484   -2.805  -9.815  1.00 29.86 ? 24  CYS A SG  1 
ATOM   195  N N   . TRP A 1 27  ? 1.241   -1.495  -12.752 1.00 26.66 ? 25  TRP A N   1 
ATOM   196  C CA  . TRP A 1 27  ? 1.687   -1.358  -14.133 1.00 31.20 ? 25  TRP A CA  1 
ATOM   197  C C   . TRP A 1 27  ? 2.982   -0.562  -14.215 1.00 25.36 ? 25  TRP A C   1 
ATOM   198  O O   . TRP A 1 27  ? 3.352   0.191   -13.316 1.00 27.05 ? 25  TRP A O   1 
ATOM   199  C CB  . TRP A 1 27  ? 0.625   -0.678  -15.012 1.00 29.83 ? 25  TRP A CB  1 
ATOM   200  C CG  . TRP A 1 27  ? 0.364   0.758   -14.613 1.00 27.23 ? 25  TRP A CG  1 
ATOM   201  C CD1 . TRP A 1 27  ? 0.953   1.883   -15.131 1.00 30.77 ? 25  TRP A CD1 1 
ATOM   202  C CD2 . TRP A 1 27  ? -0.532  1.211   -13.593 1.00 29.31 ? 25  TRP A CD2 1 
ATOM   203  N NE1 . TRP A 1 27  ? 0.458   3.009   -14.505 1.00 26.57 ? 25  TRP A NE1 1 
ATOM   204  C CE2 . TRP A 1 27  ? -0.450  2.621   -13.553 1.00 27.38 ? 25  TRP A CE2 1 
ATOM   205  C CE3 . TRP A 1 27  ? -1.398  0.560   -12.712 1.00 29.09 ? 25  TRP A CE3 1 
ATOM   206  C CZ2 . TRP A 1 27  ? -1.201  3.395   -12.653 1.00 31.24 ? 25  TRP A CZ2 1 
ATOM   207  C CZ3 . TRP A 1 27  ? -2.152  1.333   -11.820 1.00 29.75 ? 25  TRP A CZ3 1 
ATOM   208  C CH2 . TRP A 1 27  ? -2.043  2.733   -11.801 1.00 32.42 ? 25  TRP A CH2 1 
ATOM   209  N N   . GLN A 1 28  ? 3.665   -0.753  -15.333 1.00 29.51 ? 26  GLN A N   1 
ATOM   210  C CA  . GLN A 1 28  ? 4.856   0.011   -15.663 1.00 26.16 ? 26  GLN A CA  1 
ATOM   211  C C   . GLN A 1 28  ? 4.482   1.433   -16.051 1.00 35.08 ? 26  GLN A C   1 
ATOM   212  O O   . GLN A 1 28  ? 3.646   1.641   -16.938 1.00 38.59 ? 26  GLN A O   1 
ATOM   213  C CB  . GLN A 1 28  ? 5.562   -0.691  -16.820 1.00 27.59 ? 26  GLN A CB  1 
ATOM   214  C CG  . GLN A 1 28  ? 7.011   -0.480  -16.952 1.00 34.10 ? 26  GLN A CG  1 
ATOM   215  C CD  . GLN A 1 28  ? 7.565   -1.390  -18.029 1.00 31.92 ? 26  GLN A CD  1 
ATOM   216  O OE1 . GLN A 1 28  ? 7.911   -2.524  -17.759 1.00 33.89 ? 26  GLN A OE1 1 
ATOM   217  N NE2 . GLN A 1 28  ? 7.571   -0.918  -19.263 1.00 40.88 ? 26  GLN A NE2 1 
ATOM   218  N N   . ASP A 1 29  ? 5.110   2.417   -15.400 1.00 28.58 ? 27  ASP A N   1 
ATOM   219  C CA  . ASP A 1 29  ? 4.749   3.805   -15.657 1.00 32.30 ? 27  ASP A CA  1 
ATOM   220  C C   . ASP A 1 29  ? 5.110   4.199   -17.078 1.00 40.72 ? 27  ASP A C   1 
ATOM   221  O O   . ASP A 1 29  ? 4.351   4.910   -17.746 1.00 37.98 ? 27  ASP A O   1 
ATOM   222  C CB  . ASP A 1 29  ? 5.436   4.734   -14.656 1.00 36.61 ? 27  ASP A CB  1 
ATOM   223  C CG  . ASP A 1 29  ? 5.231   6.198   -14.989 1.00 43.36 ? 27  ASP A CG  1 
ATOM   224  O OD1 . ASP A 1 29  ? 6.171   6.824   -15.520 1.00 49.24 ? 27  ASP A OD1 1 
ATOM   225  O OD2 . ASP A 1 29  ? 4.119   6.716   -14.731 1.00 38.22 ? 27  ASP A OD2 1 
ATOM   226  N N   . LYS A 1 30  ? 6.261   3.741   -17.558 1.00 35.34 ? 28  LYS A N   1 
ATOM   227  C CA  . LYS A 1 30  ? 6.624   3.957   -18.950 1.00 39.56 ? 28  LYS A CA  1 
ATOM   228  C C   . LYS A 1 30  ? 7.326   2.722   -19.493 1.00 36.58 ? 28  LYS A C   1 
ATOM   229  O O   . LYS A 1 30  ? 6.670   1.752   -19.894 1.00 38.39 ? 28  LYS A O   1 
ATOM   230  C CB  . LYS A 1 30  ? 7.506   5.200   -19.100 1.00 43.04 ? 28  LYS A CB  1 
ATOM   231  C CG  . LYS A 1 30  ? 7.435   5.814   -20.499 1.00 48.29 ? 28  LYS A CG  1 
ATOM   232  C CD  . LYS A 1 30  ? 8.208   7.121   -20.584 1.00 52.44 ? 28  LYS A CD  1 
ATOM   233  C CE  . LYS A 1 30  ? 8.853   7.284   -21.948 1.00 49.99 ? 28  LYS A CE  1 
ATOM   234  N NZ  . LYS A 1 30  ? 8.092   8.242   -22.796 1.00 57.58 ? 28  LYS A NZ  1 
ATOM   235  N N   . ASP A 1 31  ? 8.656   2.726   -19.486 1.00 37.84 ? 29  ASP A N   1 
ATOM   236  C CA  . ASP A 1 31  ? 9.405   1.645   -20.120 1.00 39.61 ? 29  ASP A CA  1 
ATOM   237  C C   . ASP A 1 31  ? 10.410  0.972   -19.189 1.00 41.99 ? 29  ASP A C   1 
ATOM   238  O O   . ASP A 1 31  ? 11.226  0.168   -19.660 1.00 41.58 ? 29  ASP A O   1 
ATOM   239  C CB  . ASP A 1 31  ? 10.120  2.160   -21.378 1.00 44.72 ? 29  ASP A CB  1 
ATOM   240  C CG  . ASP A 1 31  ? 10.934  3.419   -21.117 1.00 49.31 ? 29  ASP A CG  1 
ATOM   241  O OD1 . ASP A 1 31  ? 11.016  3.870   -19.952 1.00 51.52 ? 29  ASP A OD1 1 
ATOM   242  O OD2 . ASP A 1 31  ? 11.503  3.957   -22.089 1.00 60.64 ? 29  ASP A OD2 1 
ATOM   243  N N   . GLN A 1 32  ? 10.366  1.260   -17.888 1.00 38.61 ? 30  GLN A N   1 
ATOM   244  C CA  . GLN A 1 32  ? 11.305  0.722   -16.909 1.00 38.07 ? 30  GLN A CA  1 
ATOM   245  C C   . GLN A 1 32  ? 10.558  -0.213  -15.973 1.00 36.51 ? 30  GLN A C   1 
ATOM   246  O O   . GLN A 1 32  ? 9.604   0.206   -15.304 1.00 38.52 ? 30  GLN A O   1 
ATOM   247  C CB  . GLN A 1 32  ? 11.970  1.840   -16.105 1.00 40.51 ? 30  GLN A CB  1 
ATOM   248  C CG  . GLN A 1 32  ? 12.744  2.844   -16.924 1.00 46.82 ? 30  GLN A CG  1 
ATOM   249  C CD  . GLN A 1 32  ? 13.786  2.185   -17.798 1.00 52.46 ? 30  GLN A CD  1 
ATOM   250  O OE1 . GLN A 1 32  ? 13.771  2.336   -19.019 1.00 62.44 ? 30  GLN A OE1 1 
ATOM   251  N NE2 . GLN A 1 32  ? 14.694  1.437   -17.180 1.00 52.90 ? 30  GLN A NE2 1 
ATOM   252  N N   . MET A 1 33  ? 11.010  -1.466  -15.901 1.00 34.11 ? 31  MET A N   1 
ATOM   253  C CA  . MET A 1 33  ? 10.324  -2.462  -15.093 1.00 34.64 ? 31  MET A CA  1 
ATOM   254  C C   . MET A 1 33  ? 10.435  -2.201  -13.595 1.00 30.27 ? 31  MET A C   1 
ATOM   255  O O   . MET A 1 33  ? 9.778   -2.903  -12.824 1.00 34.54 ? 31  MET A O   1 
ATOM   256  C CB  . MET A 1 33  ? 10.874  -3.844  -15.395 1.00 35.32 ? 31  MET A CB  1 
ATOM   257  C CG  . MET A 1 33  ? 10.489  -4.361  -16.765 1.00 34.65 ? 31  MET A CG  1 
ATOM   258  S SD  . MET A 1 33  ? 10.829  -6.122  -16.926 1.00 38.50 ? 31  MET A SD  1 
ATOM   259  C CE  . MET A 1 33  ? 12.594  -6.127  -16.587 1.00 37.11 ? 31  MET A CE  1 
ATOM   260  N N   . ASP A 1 34  ? 11.271  -1.262  -13.166 1.00 28.98 ? 32  ASP A N   1 
ATOM   261  C CA  . ASP A 1 34  ? 11.441  -0.991  -11.743 1.00 35.00 ? 32  ASP A CA  1 
ATOM   262  C C   . ASP A 1 34  ? 10.845  0.349   -11.326 1.00 36.55 ? 32  ASP A C   1 
ATOM   263  O O   . ASP A 1 34  ? 11.036  0.786   -10.182 1.00 31.26 ? 32  ASP A O   1 
ATOM   264  C CB  . ASP A 1 34  ? 12.920  -1.081  -11.349 1.00 38.47 ? 32  ASP A CB  1 
ATOM   265  C CG  . ASP A 1 34  ? 13.831  -0.190  -12.188 1.00 45.75 ? 32  ASP A CG  1 
ATOM   266  O OD1 . ASP A 1 34  ? 13.344  0.577   -13.047 1.00 42.87 ? 32  ASP A OD1 1 
ATOM   267  O OD2 . ASP A 1 34  ? 15.060  -0.262  -11.972 1.00 44.02 ? 32  ASP A OD2 1 
ATOM   268  N N   . ASP A 1 35  ? 10.113  1.005   -12.221 1.00 34.42 ? 33  ASP A N   1 
ATOM   269  C CA  . ASP A 1 35  ? 9.435   2.269   -11.942 1.00 34.08 ? 33  ASP A CA  1 
ATOM   270  C C   . ASP A 1 35  ? 7.958   2.015   -12.208 1.00 33.46 ? 33  ASP A C   1 
ATOM   271  O O   . ASP A 1 35  ? 7.486   2.161   -13.335 1.00 33.52 ? 33  ASP A O   1 
ATOM   272  C CB  . ASP A 1 35  ? 9.990   3.385   -12.807 1.00 36.66 ? 33  ASP A CB  1 
ATOM   273  C CG  . ASP A 1 35  ? 9.480   4.749   -12.413 1.00 42.96 ? 33  ASP A CG  1 
ATOM   274  O OD1 . ASP A 1 35  ? 8.757   4.875   -11.393 1.00 39.67 ? 33  ASP A OD1 1 
ATOM   275  O OD2 . ASP A 1 35  ? 9.811   5.710   -13.135 1.00 43.14 ? 33  ASP A OD2 1 
ATOM   276  N N   . LEU A 1 36  ? 7.229   1.621   -11.172 1.00 30.01 ? 34  LEU A N   1 
ATOM   277  C CA  . LEU A 1 36  ? 5.870   1.135   -11.330 1.00 24.02 ? 34  LEU A CA  1 
ATOM   278  C C   . LEU A 1 36  ? 4.890   2.042   -10.603 1.00 28.73 ? 34  LEU A C   1 
ATOM   279  O O   . LEU A 1 36  ? 5.258   2.853   -9.745  1.00 27.93 ? 34  LEU A O   1 
ATOM   280  C CB  . LEU A 1 36  ? 5.725   -0.300  -10.809 1.00 23.42 ? 34  LEU A CB  1 
ATOM   281  C CG  . LEU A 1 36  ? 6.828   -1.260  -11.292 1.00 25.59 ? 34  LEU A CG  1 
ATOM   282  C CD1 . LEU A 1 36  ? 6.634   -2.622  -10.664 1.00 23.91 ? 34  LEU A CD1 1 
ATOM   283  C CD2 . LEU A 1 36  ? 6.817   -1.373  -12.816 1.00 27.47 ? 34  LEU A CD2 1 
ATOM   284  N N   . ARG A 1 37  ? 3.628   1.896   -10.976 1.00 25.98 ? 35  ARG A N   1 
ATOM   285  C CA  . ARG A 1 37  ? 2.528   2.543   -10.287 1.00 26.35 ? 35  ARG A CA  1 
ATOM   286  C C   . ARG A 1 37  ? 1.508   1.469   -9.954  1.00 29.15 ? 35  ARG A C   1 
ATOM   287  O O   . ARG A 1 37  ? 1.504   0.388   -10.549 1.00 26.28 ? 35  ARG A O   1 
ATOM   288  C CB  . ARG A 1 37  ? 1.905   3.652   -11.139 1.00 26.30 ? 35  ARG A CB  1 
ATOM   289  C CG  . ARG A 1 37  ? 2.887   4.725   -11.557 1.00 29.81 ? 35  ARG A CG  1 
ATOM   290  C CD  . ARG A 1 37  ? 3.279   5.587   -10.347 1.00 31.14 ? 35  ARG A CD  1 
ATOM   291  N NE  . ARG A 1 37  ? 4.164   6.672   -10.748 1.00 37.21 ? 35  ARG A NE  1 
ATOM   292  C CZ  . ARG A 1 37  ? 5.457   6.523   -11.012 1.00 36.80 ? 35  ARG A CZ  1 
ATOM   293  N NH1 . ARG A 1 37  ? 6.064   5.353   -10.865 1.00 31.89 ? 35  ARG A NH1 1 
ATOM   294  N NH2 . ARG A 1 37  ? 6.151   7.569   -11.450 1.00 39.67 ? 35  ARG A NH2 1 
ATOM   295  N N   . ALA A 1 38  ? 0.671   1.742   -8.960  1.00 27.45 ? 36  ALA A N   1 
ATOM   296  C CA  . ALA A 1 38  ? -0.377  0.807   -8.597  1.00 24.54 ? 36  ALA A CA  1 
ATOM   297  C C   . ALA A 1 38  ? -1.628  1.580   -8.221  1.00 26.43 ? 36  ALA A C   1 
ATOM   298  O O   . ALA A 1 38  ? -1.603  2.799   -8.016  1.00 27.15 ? 36  ALA A O   1 
ATOM   299  C CB  . ALA A 1 38  ? 0.037   -0.121  -7.446  1.00 27.17 ? 36  ALA A CB  1 
ATOM   300  N N   . GLN A 1 39  ? -2.716  0.825   -8.103  1.00 25.22 ? 37  GLN A N   1 
ATOM   301  C CA  . GLN A 1 39  ? -4.019  1.341   -7.722  1.00 26.42 ? 37  GLN A CA  1 
ATOM   302  C C   . GLN A 1 39  ? -4.720  0.310   -6.849  1.00 27.47 ? 37  GLN A C   1 
ATOM   303  O O   . GLN A 1 39  ? -4.768  -0.879  -7.188  1.00 25.84 ? 37  GLN A O   1 
ATOM   304  C CB  . GLN A 1 39  ? -4.840  1.648   -8.981  1.00 36.15 ? 37  GLN A CB  1 
ATOM   305  C CG  . GLN A 1 39  ? -6.278  1.975   -8.725  1.00 39.47 ? 37  GLN A CG  1 
ATOM   306  C CD  . GLN A 1 39  ? -7.024  2.177   -10.029 1.00 29.91 ? 37  GLN A CD  1 
ATOM   307  O OE1 . GLN A 1 39  ? -6.812  3.173   -10.719 1.00 30.22 ? 37  GLN A OE1 1 
ATOM   308  N NE2 . GLN A 1 39  ? -7.903  1.246   -10.358 1.00 31.76 ? 37  GLN A NE2 1 
ATOM   309  N N   . ILE A 1 40  ? -5.241  0.756   -5.712  1.00 24.68 ? 38  ILE A N   1 
ATOM   310  C CA  . ILE A 1 40  ? -6.068  -0.071  -4.846  1.00 27.00 ? 38  ILE A CA  1 
ATOM   311  C C   . ILE A 1 40  ? -7.424  0.611   -4.716  1.00 28.81 ? 38  ILE A C   1 
ATOM   312  O O   . ILE A 1 40  ? -7.496  1.790   -4.348  1.00 28.06 ? 38  ILE A O   1 
ATOM   313  C CB  . ILE A 1 40  ? -5.430  -0.270  -3.454  1.00 26.34 ? 38  ILE A CB  1 
ATOM   314  C CG1 . ILE A 1 40  ? -4.040  -0.916  -3.575  1.00 27.36 ? 38  ILE A CG1 1 
ATOM   315  C CG2 . ILE A 1 40  ? -6.357  -1.099  -2.567  1.00 27.45 ? 38  ILE A CG2 1 
ATOM   316  C CD1 . ILE A 1 40  ? -3.302  -1.020  -2.235  1.00 27.56 ? 38  ILE A CD1 1 
ATOM   317  N N   . LEU A 1 41  ? -8.486  -0.124  -5.025  1.00 30.82 ? 39  LEU A N   1 
ATOM   318  C CA  . LEU A 1 41  ? -9.832  0.391   -4.810  1.00 31.17 ? 39  LEU A CA  1 
ATOM   319  C C   . LEU A 1 41  ? -10.175 0.346   -3.334  1.00 30.10 ? 39  LEU A C   1 
ATOM   320  O O   . LEU A 1 41  ? -9.870  -0.631  -2.642  1.00 31.96 ? 39  LEU A O   1 
ATOM   321  C CB  . LEU A 1 41  ? -10.861 -0.431  -5.577  1.00 30.01 ? 39  LEU A CB  1 
ATOM   322  C CG  . LEU A 1 41  ? -10.534 -0.687  -7.044  1.00 31.88 ? 39  LEU A CG  1 
ATOM   323  C CD1 . LEU A 1 41  ? -11.595 -1.566  -7.662  1.00 34.63 ? 39  LEU A CD1 1 
ATOM   324  C CD2 . LEU A 1 41  ? -10.401 0.645   -7.768  1.00 33.29 ? 39  LEU A CD2 1 
ATOM   325  N N   . GLY A 1 42  ? -10.836 1.395   -2.855  1.00 33.80 ? 40  GLY A N   1 
ATOM   326  C CA  . GLY A 1 42  ? -11.351 1.365   -1.498  1.00 35.08 ? 40  GLY A CA  1 
ATOM   327  C C   . GLY A 1 42  ? -12.212 0.139   -1.263  1.00 34.16 ? 40  GLY A C   1 
ATOM   328  O O   . GLY A 1 42  ? -13.061 -0.191  -2.098  1.00 40.93 ? 40  GLY A O   1 
ATOM   329  N N   . GLY A 1 43  ? -11.990 -0.560  -0.152  1.00 34.25 ? 41  GLY A N   1 
ATOM   330  C CA  . GLY A 1 43  ? -12.730 -1.772  0.114   1.00 33.32 ? 41  GLY A CA  1 
ATOM   331  C C   . GLY A 1 43  ? -14.157 -1.493  0.547   1.00 42.69 ? 41  GLY A C   1 
ATOM   332  O O   . GLY A 1 43  ? -14.460 -0.472  1.163   1.00 40.96 ? 41  GLY A O   1 
ATOM   333  N N   . ALA A 1 44  ? -15.048 -2.418  0.206   1.00 45.79 ? 42  ALA A N   1 
ATOM   334  C CA  . ALA A 1 44  ? -16.410 -2.346  0.708   1.00 47.70 ? 42  ALA A CA  1 
ATOM   335  C C   . ALA A 1 44  ? -16.413 -2.540  2.220   1.00 46.67 ? 42  ALA A C   1 
ATOM   336  O O   . ALA A 1 44  ? -15.574 -3.258  2.773   1.00 53.64 ? 42  ALA A O   1 
ATOM   337  C CB  . ALA A 1 44  ? -17.288 -3.393  0.027   1.00 50.10 ? 42  ALA A CB  1 
ATOM   338  N N   . ASN A 1 45  ? -17.353 -1.872  2.892   1.00 50.38 ? 43  ASN A N   1 
ATOM   339  C CA  . ASN A 1 45  ? -17.452 -1.905  4.356   1.00 52.14 ? 43  ASN A CA  1 
ATOM   340  C C   . ASN A 1 45  ? -16.212 -1.313  5.022   1.00 48.42 ? 43  ASN A C   1 
ATOM   341  O O   . ASN A 1 45  ? -15.814 -1.740  6.107   1.00 51.26 ? 43  ASN A O   1 
ATOM   342  C CB  . ASN A 1 45  ? -17.700 -3.324  4.879   1.00 55.23 ? 43  ASN A CB  1 
ATOM   343  C CG  . ASN A 1 45  ? -18.905 -3.979  4.242   1.00 62.68 ? 43  ASN A CG  1 
ATOM   344  O OD1 . ASN A 1 45  ? -19.827 -3.301  3.780   1.00 61.30 ? 43  ASN A OD1 1 
ATOM   345  N ND2 . ASN A 1 45  ? -18.899 -5.308  4.197   1.00 63.95 ? 43  ASN A ND2 1 
ATOM   346  N N   . THR A 1 46  ? -15.575 -0.355  4.367   1.00 42.05 ? 44  THR A N   1 
ATOM   347  C CA  . THR A 1 46  ? -14.495 0.431   4.936   1.00 42.64 ? 44  THR A CA  1 
ATOM   348  C C   . THR A 1 46  ? -14.802 1.879   4.605   1.00 39.30 ? 44  THR A C   1 
ATOM   349  O O   . THR A 1 46  ? -15.538 2.159   3.650   1.00 39.07 ? 44  THR A O   1 
ATOM   350  C CB  . THR A 1 46  ? -13.108 0.046   4.381   1.00 40.81 ? 44  THR A CB  1 
ATOM   351  O OG1 . THR A 1 46  ? -12.931 0.594   3.067   1.00 36.19 ? 44  THR A OG1 1 
ATOM   352  C CG2 . THR A 1 46  ? -12.939 -1.463  4.316   1.00 42.44 ? 44  THR A CG2 1 
ATOM   353  N N   . PRO A 1 47  ? -14.268 2.833   5.377   1.00 34.87 ? 45  PRO A N   1 
ATOM   354  C CA  . PRO A 1 47  ? -14.534 4.244   5.066   1.00 34.49 ? 45  PRO A CA  1 
ATOM   355  C C   . PRO A 1 47  ? -13.899 4.705   3.769   1.00 36.40 ? 45  PRO A C   1 
ATOM   356  O O   . PRO A 1 47  ? -14.169 5.834   3.333   1.00 30.48 ? 45  PRO A O   1 
ATOM   357  C CB  . PRO A 1 47  ? -13.948 4.991   6.275   1.00 33.79 ? 45  PRO A CB  1 
ATOM   358  C CG  . PRO A 1 47  ? -12.924 4.047   6.842   1.00 33.56 ? 45  PRO A CG  1 
ATOM   359  C CD  . PRO A 1 47  ? -13.481 2.678   6.617   1.00 36.45 ? 45  PRO A CD  1 
ATOM   360  N N   . TYR A 1 48  ? -13.064 3.880   3.138   1.00 30.94 ? 46  TYR A N   1 
ATOM   361  C CA  . TYR A 1 48  ? -12.418 4.252   1.893   1.00 29.74 ? 46  TYR A CA  1 
ATOM   362  C C   . TYR A 1 48  ? -13.196 3.778   0.673   1.00 36.82 ? 46  TYR A C   1 
ATOM   363  O O   . TYR A 1 48  ? -12.781 4.070   -0.455  1.00 33.84 ? 46  TYR A O   1 
ATOM   364  C CB  . TYR A 1 48  ? -10.983 3.690   1.863   1.00 30.64 ? 46  TYR A CB  1 
ATOM   365  C CG  . TYR A 1 48  ? -10.259 3.933   3.169   1.00 27.23 ? 46  TYR A CG  1 
ATOM   366  C CD1 . TYR A 1 48  ? -9.911  5.225   3.552   1.00 31.60 ? 46  TYR A CD1 1 
ATOM   367  C CD2 . TYR A 1 48  ? -9.977  2.892   4.040   1.00 28.23 ? 46  TYR A CD2 1 
ATOM   368  C CE1 . TYR A 1 48  ? -9.273  5.475   4.762   1.00 26.95 ? 46  TYR A CE1 1 
ATOM   369  C CE2 . TYR A 1 48  ? -9.334  3.131   5.256   1.00 28.87 ? 46  TYR A CE2 1 
ATOM   370  C CZ  . TYR A 1 48  ? -8.984  4.425   5.602   1.00 29.15 ? 46  TYR A CZ  1 
ATOM   371  O OH  . TYR A 1 48  ? -8.351  4.670   6.802   1.00 27.81 ? 46  TYR A OH  1 
ATOM   372  N N   . GLU A 1 49  ? -14.316 3.080   0.883   1.00 37.67 ? 47  GLU A N   1 
ATOM   373  C CA  . GLU A 1 49  ? -15.142 2.581   -0.216  1.00 43.06 ? 47  GLU A CA  1 
ATOM   374  C C   . GLU A 1 49  ? -15.458 3.691   -1.212  1.00 42.84 ? 47  GLU A C   1 
ATOM   375  O O   . GLU A 1 49  ? -15.672 4.844   -0.832  1.00 45.14 ? 47  GLU A O   1 
ATOM   376  C CB  . GLU A 1 49  ? -16.444 1.990   0.333   1.00 44.75 ? 47  GLU A CB  1 
ATOM   377  C CG  . GLU A 1 49  ? -17.016 0.859   -0.503  1.00 47.48 ? 47  GLU A CG  1 
ATOM   378  C CD  . GLU A 1 49  ? -18.419 0.444   -0.071  1.00 58.77 ? 47  GLU A CD  1 
ATOM   379  O OE1 . GLU A 1 49  ? -18.701 0.420   1.149   1.00 48.67 ? 47  GLU A OE1 1 
ATOM   380  O OE2 . GLU A 1 49  ? -19.236 0.111   -0.958  1.00 66.33 ? 47  GLU A OE2 1 
ATOM   381  N N   . LYS A 1 50  ? -15.455 3.337   -2.500  1.00 44.73 ? 48  LYS A N   1 
ATOM   382  C CA  . LYS A 1 50  ? -15.684 4.241   -3.627  1.00 51.81 ? 48  LYS A CA  1 
ATOM   383  C C   . LYS A 1 50  ? -14.527 5.205   -3.870  1.00 52.38 ? 48  LYS A C   1 
ATOM   384  O O   . LYS A 1 50  ? -14.589 5.994   -4.821  1.00 56.67 ? 48  LYS A O   1 
ATOM   385  C CB  . LYS A 1 50  ? -16.981 5.056   -3.489  1.00 53.03 ? 48  LYS A CB  1 
ATOM   386  N N   . GLY A 1 51  ? -13.480 5.182   -3.049  1.00 44.41 ? 49  GLY A N   1 
ATOM   387  C CA  . GLY A 1 51  ? -12.255 5.878   -3.385  1.00 36.67 ? 49  GLY A CA  1 
ATOM   388  C C   . GLY A 1 51  ? -11.365 4.992   -4.245  1.00 33.47 ? 49  GLY A C   1 
ATOM   389  O O   . GLY A 1 51  ? -11.461 3.775   -4.204  1.00 35.39 ? 49  GLY A O   1 
ATOM   390  N N   . VAL A 1 52  ? -10.509 5.627   -5.039  1.00 30.40 ? 50  VAL A N   1 
ATOM   391  C CA  . VAL A 1 52  ? -9.478  4.949   -5.823  1.00 30.94 ? 50  VAL A CA  1 
ATOM   392  C C   . VAL A 1 52  ? -8.136  5.521   -5.395  1.00 31.46 ? 50  VAL A C   1 
ATOM   393  O O   . VAL A 1 52  ? -7.928  6.740   -5.465  1.00 31.70 ? 50  VAL A O   1 
ATOM   394  C CB  . VAL A 1 52  ? -9.697  5.123   -7.334  1.00 34.01 ? 50  VAL A CB  1 
ATOM   395  C CG1 . VAL A 1 52  ? -8.525  4.522   -8.129  1.00 29.81 ? 50  VAL A CG1 1 
ATOM   396  C CG2 . VAL A 1 52  ? -11.000 4.455   -7.745  1.00 36.22 ? 50  VAL A CG2 1 
ATOM   397  N N   . PHE A 1 53  ? -7.226  4.651   -4.953  1.00 29.98 ? 51  PHE A N   1 
ATOM   398  C CA  . PHE A 1 53  ? -5.979  5.082   -4.333  1.00 27.27 ? 51  PHE A CA  1 
ATOM   399  C C   . PHE A 1 53  ? -4.796  4.696   -5.205  1.00 28.97 ? 51  PHE A C   1 
ATOM   400  O O   . PHE A 1 53  ? -4.574  3.510   -5.472  1.00 28.24 ? 51  PHE A O   1 
ATOM   401  C CB  . PHE A 1 53  ? -5.854  4.506   -2.922  1.00 24.63 ? 51  PHE A CB  1 
ATOM   402  C CG  . PHE A 1 53  ? -6.926  5.016   -1.990  1.00 28.72 ? 51  PHE A CG  1 
ATOM   403  C CD1 . PHE A 1 53  ? -6.705  6.127   -1.188  1.00 28.99 ? 51  PHE A CD1 1 
ATOM   404  C CD2 . PHE A 1 53  ? -8.170  4.406   -1.957  1.00 30.09 ? 51  PHE A CD2 1 
ATOM   405  C CE1 . PHE A 1 53  ? -7.726  6.615   -0.346  1.00 26.77 ? 51  PHE A CE1 1 
ATOM   406  C CE2 . PHE A 1 53  ? -9.184  4.878   -1.135  1.00 30.09 ? 51  PHE A CE2 1 
ATOM   407  C CZ  . PHE A 1 53  ? -8.958  5.980   -0.326  1.00 28.77 ? 51  PHE A CZ  1 
ATOM   408  N N   . LYS A 1 54  ? -4.070  5.705   -5.666  1.00 25.28 ? 52  LYS A N   1 
ATOM   409  C CA  . LYS A 1 54  ? -2.873  5.533   -6.464  1.00 28.83 ? 52  LYS A CA  1 
ATOM   410  C C   . LYS A 1 54  ? -1.630  5.480   -5.583  1.00 28.57 ? 52  LYS A C   1 
ATOM   411  O O   . LYS A 1 54  ? -1.523  6.195   -4.582  1.00 29.10 ? 52  LYS A O   1 
ATOM   412  C CB  . LYS A 1 54  ? -2.753  6.669   -7.476  1.00 33.06 ? 52  LYS A CB  1 
ATOM   413  C CG  . LYS A 1 54  ? -1.941  6.273   -8.695  1.00 41.35 ? 52  LYS A CG  1 
ATOM   414  C CD  . LYS A 1 54  ? -1.742  7.443   -9.641  1.00 46.50 ? 52  LYS A CD  1 
ATOM   415  C CE  . LYS A 1 54  ? -0.438  7.289   -10.415 1.00 42.30 ? 52  LYS A CE  1 
ATOM   416  N NZ  . LYS A 1 54  ? -0.502  7.937   -11.756 1.00 55.76 ? 52  LYS A NZ  1 
ATOM   417  N N   . LEU A 1 55  ? -0.694  4.618   -5.961  1.00 24.80 ? 53  LEU A N   1 
ATOM   418  C CA  . LEU A 1 55  ? 0.546   4.423   -5.228  1.00 26.36 ? 53  LEU A CA  1 
ATOM   419  C C   . LEU A 1 55  ? 1.714   4.411   -6.196  1.00 27.70 ? 53  LEU A C   1 
ATOM   420  O O   . LEU A 1 55  ? 1.575   4.019   -7.364  1.00 25.62 ? 53  LEU A O   1 
ATOM   421  C CB  . LEU A 1 55  ? 0.534   3.109   -4.443  1.00 28.84 ? 53  LEU A CB  1 
ATOM   422  C CG  . LEU A 1 55  ? -0.629  2.903   -3.473  1.00 27.69 ? 53  LEU A CG  1 
ATOM   423  C CD1 . LEU A 1 55  ? -1.717  2.018   -4.099  1.00 24.93 ? 53  LEU A CD1 1 
ATOM   424  C CD2 . LEU A 1 55  ? -0.120  2.322   -2.151  1.00 31.41 ? 53  LEU A CD2 1 
ATOM   425  N N   . GLU A 1 56  ? 2.870   4.823   -5.694  1.00 25.44 ? 54  GLU A N   1 
ATOM   426  C CA  . GLU A 1 56  ? 4.138   4.681   -6.400  1.00 29.85 ? 54  GLU A CA  1 
ATOM   427  C C   . GLU A 1 56  ? 4.863   3.435   -5.897  1.00 26.13 ? 54  GLU A C   1 
ATOM   428  O O   . GLU A 1 56  ? 4.933   3.204   -4.682  1.00 25.84 ? 54  GLU A O   1 
ATOM   429  C CB  . GLU A 1 56  ? 4.994   5.930   -6.188  1.00 29.14 ? 54  GLU A CB  1 
ATOM   430  C CG  . GLU A 1 56  ? 6.320   5.891   -6.905  1.00 34.06 ? 54  GLU A CG  1 
ATOM   431  C CD  . GLU A 1 56  ? 7.227   7.022   -6.488  1.00 39.89 ? 54  GLU A CD  1 
ATOM   432  O OE1 . GLU A 1 56  ? 7.725   7.004   -5.344  1.00 38.23 ? 54  GLU A OE1 1 
ATOM   433  O OE2 . GLU A 1 56  ? 7.437   7.932   -7.314  1.00 44.15 ? 54  GLU A OE2 1 
ATOM   434  N N   . VAL A 1 57  ? 5.390   2.622   -6.826  1.00 24.91 ? 55  VAL A N   1 
ATOM   435  C CA  . VAL A 1 57  ? 6.048   1.361   -6.489  1.00 26.30 ? 55  VAL A CA  1 
ATOM   436  C C   . VAL A 1 57  ? 7.427   1.365   -7.136  1.00 31.12 ? 55  VAL A C   1 
ATOM   437  O O   . VAL A 1 57  ? 7.556   1.118   -8.343  1.00 27.95 ? 55  VAL A O   1 
ATOM   438  C CB  . VAL A 1 57  ? 5.246   0.138   -6.936  1.00 24.89 ? 55  VAL A CB  1 
ATOM   439  C CG1 . VAL A 1 57  ? 6.054   -1.153  -6.673  1.00 26.91 ? 55  VAL A CG1 1 
ATOM   440  C CG2 . VAL A 1 57  ? 3.899   0.106   -6.231  1.00 22.81 ? 55  VAL A CG2 1 
ATOM   441  N N   . ILE A 1 58  ? 8.462   1.630   -6.334  1.00 29.81 ? 56  ILE A N   1 
ATOM   442  C CA  . ILE A 1 58  ? 9.843   1.675   -6.805  1.00 33.62 ? 56  ILE A CA  1 
ATOM   443  C C   . ILE A 1 58  ? 10.533  0.370   -6.425  1.00 30.97 ? 56  ILE A C   1 
ATOM   444  O O   . ILE A 1 58  ? 10.482  -0.059  -5.265  1.00 29.84 ? 56  ILE A O   1 
ATOM   445  C CB  . ILE A 1 58  ? 10.583  2.892   -6.221  1.00 30.29 ? 56  ILE A CB  1 
ATOM   446  C CG1 . ILE A 1 58  ? 9.867   4.185   -6.612  1.00 31.10 ? 56  ILE A CG1 1 
ATOM   447  C CG2 . ILE A 1 58  ? 12.034  2.920   -6.686  1.00 37.30 ? 56  ILE A CG2 1 
ATOM   448  C CD1 . ILE A 1 58  ? 9.519   4.265   -8.083  1.00 37.25 ? 56  ILE A CD1 1 
ATOM   449  N N   . ILE A 1 59  ? 11.184  -0.271  -7.394  1.00 26.81 ? 57  ILE A N   1 
ATOM   450  C CA  . ILE A 1 59  ? 11.828  -1.559  -7.165  1.00 32.99 ? 57  ILE A CA  1 
ATOM   451  C C   . ILE A 1 59  ? 13.321  -1.294  -6.983  1.00 37.10 ? 57  ILE A C   1 
ATOM   452  O O   . ILE A 1 59  ? 13.974  -0.834  -7.932  1.00 33.84 ? 57  ILE A O   1 
ATOM   453  C CB  . ILE A 1 59  ? 11.559  -2.540  -8.311  1.00 30.79 ? 57  ILE A CB  1 
ATOM   454  C CG1 . ILE A 1 59  ? 10.043  -2.683  -8.532  1.00 33.90 ? 57  ILE A CG1 1 
ATOM   455  C CG2 . ILE A 1 59  ? 12.196  -3.884  -8.017  1.00 29.39 ? 57  ILE A CG2 1 
ATOM   456  C CD1 . ILE A 1 59  ? 9.269   -3.202  -7.324  1.00 27.92 ? 57  ILE A CD1 1 
ATOM   457  N N   . PRO A 1 60  ? 13.884  -1.523  -5.800  1.00 35.83 ? 58  PRO A N   1 
ATOM   458  C CA  . PRO A 1 60  ? 15.274  -1.133  -5.557  1.00 34.96 ? 58  PRO A CA  1 
ATOM   459  C C   . PRO A 1 60  ? 16.229  -2.041  -6.316  1.00 34.53 ? 58  PRO A C   1 
ATOM   460  O O   . PRO A 1 60  ? 15.849  -3.079  -6.854  1.00 32.95 ? 58  PRO A O   1 
ATOM   461  C CB  . PRO A 1 60  ? 15.424  -1.288  -4.041  1.00 35.20 ? 58  PRO A CB  1 
ATOM   462  C CG  . PRO A 1 60  ? 14.464  -2.370  -3.693  1.00 39.22 ? 58  PRO A CG  1 
ATOM   463  C CD  . PRO A 1 60  ? 13.283  -2.193  -4.630  1.00 34.92 ? 58  PRO A CD  1 
ATOM   464  N N   . GLU A 1 61  ? 17.497  -1.628  -6.341  1.00 38.46 ? 59  GLU A N   1 
ATOM   465  C CA  . GLU A 1 61  ? 18.485  -2.336  -7.148  1.00 41.39 ? 59  GLU A CA  1 
ATOM   466  C C   . GLU A 1 61  ? 18.725  -3.761  -6.656  1.00 40.98 ? 59  GLU A C   1 
ATOM   467  O O   . GLU A 1 61  ? 19.030  -4.644  -7.463  1.00 38.09 ? 59  GLU A O   1 
ATOM   468  C CB  . GLU A 1 61  ? 19.786  -1.541  -7.182  1.00 45.89 ? 59  GLU A CB  1 
ATOM   469  C CG  . GLU A 1 61  ? 20.645  -1.811  -8.409  1.00 56.49 ? 59  GLU A CG  1 
ATOM   470  C CD  . GLU A 1 61  ? 19.838  -1.865  -9.701  1.00 62.59 ? 59  GLU A CD  1 
ATOM   471  O OE1 . GLU A 1 61  ? 19.448  -0.793  -10.215 1.00 61.95 ? 59  GLU A OE1 1 
ATOM   472  O OE2 . GLU A 1 61  ? 19.609  -2.986  -10.211 1.00 62.18 ? 59  GLU A OE2 1 
ATOM   473  N N   . ARG A 1 62  ? 18.563  -4.024  -5.359  1.00 32.74 ? 60  ARG A N   1 
ATOM   474  C CA  . ARG A 1 62  ? 18.839  -5.346  -4.806  1.00 36.35 ? 60  ARG A CA  1 
ATOM   475  C C   . ARG A 1 62  ? 17.589  -6.216  -4.663  1.00 35.63 ? 60  ARG A C   1 
ATOM   476  O O   . ARG A 1 62  ? 17.665  -7.310  -4.091  1.00 33.27 ? 60  ARG A O   1 
ATOM   477  C CB  . ARG A 1 62  ? 19.569  -5.189  -3.472  1.00 42.86 ? 60  ARG A CB  1 
ATOM   478  C CG  . ARG A 1 62  ? 20.795  -4.292  -3.621  1.00 46.65 ? 60  ARG A CG  1 
ATOM   479  C CD  . ARG A 1 62  ? 21.607  -4.163  -2.348  1.00 49.20 ? 60  ARG A CD  1 
ATOM   480  N NE  . ARG A 1 62  ? 22.508  -5.289  -2.158  1.00 61.81 ? 60  ARG A NE  1 
ATOM   481  C CZ  . ARG A 1 62  ? 22.299  -6.252  -1.274  1.00 53.32 ? 60  ARG A CZ  1 
ATOM   482  N NH1 . ARG A 1 62  ? 21.227  -6.253  -0.497  1.00 50.39 ? 60  ARG A NH1 1 
ATOM   483  N NH2 . ARG A 1 62  ? 23.192  -7.228  -1.158  1.00 45.34 ? 60  ARG A NH2 1 
ATOM   484  N N   . TYR A 1 63  ? 16.451  -5.773  -5.195  1.00 33.52 ? 61  TYR A N   1 
ATOM   485  C CA  . TYR A 1 63  ? 15.289  -6.646  -5.309  1.00 34.05 ? 61  TYR A CA  1 
ATOM   486  C C   . TYR A 1 63  ? 15.688  -7.961  -5.977  1.00 33.91 ? 61  TYR A C   1 
ATOM   487  O O   . TYR A 1 63  ? 16.452  -7.947  -6.949  1.00 36.18 ? 61  TYR A O   1 
ATOM   488  C CB  . TYR A 1 63  ? 14.192  -5.947  -6.122  1.00 30.84 ? 61  TYR A CB  1 
ATOM   489  C CG  . TYR A 1 63  ? 12.857  -6.635  -6.069  1.00 31.82 ? 61  TYR A CG  1 
ATOM   490  C CD1 . TYR A 1 63  ? 12.032  -6.489  -4.963  1.00 25.46 ? 61  TYR A CD1 1 
ATOM   491  C CD2 . TYR A 1 63  ? 12.422  -7.440  -7.118  1.00 31.60 ? 61  TYR A CD2 1 
ATOM   492  C CE1 . TYR A 1 63  ? 10.818  -7.129  -4.894  1.00 28.38 ? 61  TYR A CE1 1 
ATOM   493  C CE2 . TYR A 1 63  ? 11.207  -8.092  -7.058  1.00 30.10 ? 61  TYR A CE2 1 
ATOM   494  C CZ  . TYR A 1 63  ? 10.401  -7.915  -5.944  1.00 28.50 ? 61  TYR A CZ  1 
ATOM   495  O OH  . TYR A 1 63  ? 9.186   -8.544  -5.864  1.00 31.11 ? 61  TYR A OH  1 
ATOM   496  N N   . PRO A 1 64  ? 15.177  -9.122  -5.514  1.00 33.58 ? 62  PRO A N   1 
ATOM   497  C CA  . PRO A 1 64  ? 14.132  -9.333  -4.500  1.00 31.71 ? 62  PRO A CA  1 
ATOM   498  C C   . PRO A 1 64  ? 14.649  -9.433  -3.067  1.00 37.70 ? 62  PRO A C   1 
ATOM   499  O O   . PRO A 1 64  ? 13.933  -9.900  -2.192  1.00 34.45 ? 62  PRO A O   1 
ATOM   500  C CB  . PRO A 1 64  ? 13.505  -10.658 -4.939  1.00 33.04 ? 62  PRO A CB  1 
ATOM   501  C CG  . PRO A 1 64  ? 14.669  -11.444 -5.534  1.00 29.39 ? 62  PRO A CG  1 
ATOM   502  C CD  . PRO A 1 64  ? 15.628  -10.402 -6.102  1.00 34.16 ? 62  PRO A CD  1 
ATOM   503  N N   . PHE A 1 65  ? 15.873  -9.002  -2.792  1.00 34.45 ? 63  PHE A N   1 
ATOM   504  C CA  . PHE A 1 65  ? 16.440  -9.163  -1.459  1.00 38.37 ? 63  PHE A CA  1 
ATOM   505  C C   . PHE A 1 65  ? 16.178  -7.963  -0.561  1.00 38.35 ? 63  PHE A C   1 
ATOM   506  O O   . PHE A 1 65  ? 16.389  -8.056  0.654   1.00 39.57 ? 63  PHE A O   1 
ATOM   507  C CB  . PHE A 1 65  ? 17.936  -9.478  -1.589  1.00 39.83 ? 63  PHE A CB  1 
ATOM   508  C CG  . PHE A 1 65  ? 18.198  -10.683 -2.445  1.00 38.83 ? 63  PHE A CG  1 
ATOM   509  C CD1 . PHE A 1 65  ? 17.736  -11.933 -2.054  1.00 34.84 ? 63  PHE A CD1 1 
ATOM   510  C CD2 . PHE A 1 65  ? 18.833  -10.570 -3.676  1.00 37.77 ? 63  PHE A CD2 1 
ATOM   511  C CE1 . PHE A 1 65  ? 17.945  -13.048 -2.845  1.00 42.31 ? 63  PHE A CE1 1 
ATOM   512  C CE2 . PHE A 1 65  ? 19.039  -11.675 -4.460  1.00 40.17 ? 63  PHE A CE2 1 
ATOM   513  C CZ  . PHE A 1 65  ? 18.591  -12.918 -4.053  1.00 39.52 ? 63  PHE A CZ  1 
ATOM   514  N N   . GLU A 1 66  ? 15.704  -6.855  -1.125  1.00 37.68 ? 64  GLU A N   1 
ATOM   515  C CA  . GLU A 1 66  ? 15.120  -5.716  -0.442  1.00 35.31 ? 64  GLU A CA  1 
ATOM   516  C C   . GLU A 1 66  ? 13.675  -5.542  -0.906  1.00 34.45 ? 64  GLU A C   1 
ATOM   517  O O   . GLU A 1 66  ? 13.338  -5.903  -2.040  1.00 29.79 ? 64  GLU A O   1 
ATOM   518  C CB  . GLU A 1 66  ? 15.892  -4.420  -0.718  1.00 34.63 ? 64  GLU A CB  1 
ATOM   519  C CG  . GLU A 1 66  ? 17.309  -4.414  -0.226  1.00 45.52 ? 64  GLU A CG  1 
ATOM   520  C CD  . GLU A 1 66  ? 18.022  -3.122  -0.559  1.00 45.10 ? 64  GLU A CD  1 
ATOM   521  O OE1 . GLU A 1 66  ? 19.149  -2.920  -0.058  1.00 57.06 ? 64  GLU A OE1 1 
ATOM   522  O OE2 . GLU A 1 66  ? 17.460  -2.305  -1.313  1.00 47.77 ? 64  GLU A OE2 1 
ATOM   523  N N   . PRO A 1 67  ? 12.803  -4.989  -0.070  1.00 32.41 ? 65  PRO A N   1 
ATOM   524  C CA  . PRO A 1 67  ? 11.386  -4.904  -0.434  1.00 29.56 ? 65  PRO A CA  1 
ATOM   525  C C   . PRO A 1 67  ? 11.127  -3.798  -1.442  1.00 28.27 ? 65  PRO A C   1 
ATOM   526  O O   . PRO A 1 67  ? 11.918  -2.856  -1.579  1.00 27.09 ? 65  PRO A O   1 
ATOM   527  C CB  . PRO A 1 67  ? 10.689  -4.610  0.913   1.00 26.76 ? 65  PRO A CB  1 
ATOM   528  C CG  . PRO A 1 67  ? 11.747  -3.932  1.729   1.00 29.73 ? 65  PRO A CG  1 
ATOM   529  C CD  . PRO A 1 67  ? 13.037  -4.626  1.339   1.00 30.81 ? 65  PRO A CD  1 
ATOM   530  N N   . PRO A 1 68  ? 10.014  -3.884  -2.171  1.00 26.25 ? 66  PRO A N   1 
ATOM   531  C CA  . PRO A 1 68  ? 9.545   -2.732  -2.941  1.00 27.90 ? 66  PRO A CA  1 
ATOM   532  C C   . PRO A 1 68  ? 9.371   -1.526  -2.035  1.00 26.49 ? 66  PRO A C   1 
ATOM   533  O O   . PRO A 1 68  ? 8.998   -1.650  -0.866  1.00 29.60 ? 66  PRO A O   1 
ATOM   534  C CB  . PRO A 1 68  ? 8.194   -3.199  -3.495  1.00 28.07 ? 66  PRO A CB  1 
ATOM   535  C CG  . PRO A 1 68  ? 8.249   -4.693  -3.434  1.00 33.03 ? 66  PRO A CG  1 
ATOM   536  C CD  . PRO A 1 68  ? 9.058   -4.997  -2.209  1.00 27.54 ? 66  PRO A CD  1 
ATOM   537  N N   . GLN A 1 69  ? 9.650   -0.352  -2.586  1.00 25.67 ? 67  GLN A N   1 
ATOM   538  C CA  . GLN A 1 69  ? 9.478   0.914   -1.880  1.00 30.19 ? 67  GLN A CA  1 
ATOM   539  C C   . GLN A 1 69  ? 8.179   1.542   -2.364  1.00 30.09 ? 67  GLN A C   1 
ATOM   540  O O   . GLN A 1 69  ? 8.078   1.955   -3.522  1.00 27.98 ? 67  GLN A O   1 
ATOM   541  C CB  . GLN A 1 69  ? 10.684  1.815   -2.124  1.00 33.38 ? 67  GLN A CB  1 
ATOM   542  C CG  . GLN A 1 69  ? 11.981  1.129   -1.696  1.00 36.45 ? 67  GLN A CG  1 
ATOM   543  C CD  . GLN A 1 69  ? 13.228  1.881   -2.118  1.00 46.10 ? 67  GLN A CD  1 
ATOM   544  O OE1 . GLN A 1 69  ? 13.160  3.013   -2.601  1.00 53.05 ? 67  GLN A OE1 1 
ATOM   545  N NE2 . GLN A 1 69  ? 14.381  1.254   -1.927  1.00 50.68 ? 67  GLN A NE2 1 
ATOM   546  N N   . ILE A 1 70  ? 7.175   1.589   -1.491  1.00 24.98 ? 68  ILE A N   1 
ATOM   547  C CA  . ILE A 1 70  ? 5.813   1.911   -1.903  1.00 24.34 ? 68  ILE A CA  1 
ATOM   548  C C   . ILE A 1 70  ? 5.287   3.040   -1.035  1.00 30.58 ? 68  ILE A C   1 
ATOM   549  O O   . ILE A 1 70  ? 5.413   2.999   0.195   1.00 27.64 ? 68  ILE A O   1 
ATOM   550  C CB  . ILE A 1 70  ? 4.889   0.681   -1.813  1.00 25.09 ? 68  ILE A CB  1 
ATOM   551  C CG1 . ILE A 1 70  ? 5.441   -0.485  -2.656  1.00 21.01 ? 68  ILE A CG1 1 
ATOM   552  C CG2 . ILE A 1 70  ? 3.464   1.035   -2.263  1.00 26.03 ? 68  ILE A CG2 1 
ATOM   553  C CD1 . ILE A 1 70  ? 4.566   -1.730  -2.587  1.00 24.49 ? 68  ILE A CD1 1 
ATOM   554  N N   . ARG A 1 71  ? 4.693   4.046   -1.671  1.00 27.30 ? 69  ARG A N   1 
ATOM   555  C CA  . ARG A 1 71  ? 4.049   5.122   -0.930  1.00 24.74 ? 69  ARG A CA  1 
ATOM   556  C C   . ARG A 1 71  ? 2.755   5.489   -1.641  1.00 25.05 ? 69  ARG A C   1 
ATOM   557  O O   . ARG A 1 71  ? 2.636   5.329   -2.864  1.00 25.61 ? 69  ARG A O   1 
ATOM   558  C CB  . ARG A 1 71  ? 4.967   6.339   -0.825  1.00 29.13 ? 69  ARG A CB  1 
ATOM   559  C CG  . ARG A 1 71  ? 5.269   6.960   -2.170  1.00 34.01 ? 69  ARG A CG  1 
ATOM   560  C CD  . ARG A 1 71  ? 5.949   8.307   -2.039  1.00 41.27 ? 69  ARG A CD  1 
ATOM   561  N NE  . ARG A 1 71  ? 6.563   8.702   -3.301  1.00 43.80 ? 69  ARG A NE  1 
ATOM   562  C CZ  . ARG A 1 71  ? 6.394   9.891   -3.867  1.00 46.06 ? 69  ARG A CZ  1 
ATOM   563  N NH1 . ARG A 1 71  ? 5.647   10.829  -3.298  1.00 46.19 ? 69  ARG A NH1 1 
ATOM   564  N NH2 . ARG A 1 71  ? 6.992   10.145  -5.029  1.00 47.82 ? 69  ARG A NH2 1 
ATOM   565  N N   . PHE A 1 72  ? 1.777   5.945   -0.865  1.00 24.31 ? 70  PHE A N   1 
ATOM   566  C CA  . PHE A 1 72  ? 0.549   6.476   -1.443  1.00 23.75 ? 70  PHE A CA  1 
ATOM   567  C C   . PHE A 1 72  ? 0.828   7.803   -2.136  1.00 29.48 ? 70  PHE A C   1 
ATOM   568  O O   . PHE A 1 72  ? 1.529   8.670   -1.598  1.00 31.98 ? 70  PHE A O   1 
ATOM   569  C CB  . PHE A 1 72  ? -0.525  6.664   -0.362  1.00 24.84 ? 70  PHE A CB  1 
ATOM   570  C CG  . PHE A 1 72  ? -1.257  5.408   -0.007  1.00 26.40 ? 70  PHE A CG  1 
ATOM   571  C CD1 . PHE A 1 72  ? -2.494  5.120   -0.576  1.00 27.96 ? 70  PHE A CD1 1 
ATOM   572  C CD2 . PHE A 1 72  ? -0.706  4.499   0.887   1.00 23.39 ? 70  PHE A CD2 1 
ATOM   573  C CE1 . PHE A 1 72  ? -3.169  3.954   -0.256  1.00 25.64 ? 70  PHE A CE1 1 
ATOM   574  C CE2 . PHE A 1 72  ? -1.383  3.318   1.211   1.00 23.25 ? 70  PHE A CE2 1 
ATOM   575  C CZ  . PHE A 1 72  ? -2.605  3.046   0.645   1.00 25.66 ? 70  PHE A CZ  1 
ATOM   576  N N   . LEU A 1 73  ? 0.288   7.954   -3.344  1.00 27.41 ? 71  LEU A N   1 
ATOM   577  C CA  . LEU A 1 73  ? 0.228   9.243   -4.021  1.00 26.37 ? 71  LEU A CA  1 
ATOM   578  C C   . LEU A 1 73  ? -1.095  9.940   -3.766  1.00 29.98 ? 71  LEU A C   1 
ATOM   579  O O   . LEU A 1 73  ? -1.144  11.175  -3.705  1.00 33.29 ? 71  LEU A O   1 
ATOM   580  C CB  . LEU A 1 73  ? 0.418   9.046   -5.534  1.00 29.46 ? 71  LEU A CB  1 
ATOM   581  C CG  . LEU A 1 73  ? 1.723   8.374   -5.934  1.00 28.73 ? 71  LEU A CG  1 
ATOM   582  C CD1 . LEU A 1 73  ? 1.650   7.939   -7.397  1.00 30.64 ? 71  LEU A CD1 1 
ATOM   583  C CD2 . LEU A 1 73  ? 2.898   9.305   -5.697  1.00 30.35 ? 71  LEU A CD2 1 
ATOM   584  N N   . THR A 1 74  ? -2.158  9.175   -3.623  1.00 27.15 ? 72  THR A N   1 
ATOM   585  C CA  . THR A 1 74  ? -3.452  9.697   -3.208  1.00 26.98 ? 72  THR A CA  1 
ATOM   586  C C   . THR A 1 74  ? -3.459  9.862   -1.692  1.00 30.02 ? 72  THR A C   1 
ATOM   587  O O   . THR A 1 74  ? -3.183  8.897   -0.980  1.00 29.46 ? 72  THR A O   1 
ATOM   588  C CB  . THR A 1 74  ? -4.566  8.726   -3.607  1.00 30.08 ? 72  THR A CB  1 
ATOM   589  O OG1 . THR A 1 74  ? -4.488  8.431   -5.015  1.00 29.05 ? 72  THR A OG1 1 
ATOM   590  C CG2 . THR A 1 74  ? -5.954  9.314   -3.235  1.00 27.97 ? 72  THR A CG2 1 
ATOM   591  N N   . PRO A 1 75  ? -3.771  11.046  -1.163  1.00 30.45 ? 73  PRO A N   1 
ATOM   592  C CA  . PRO A 1 75  ? -3.868  11.187  0.298   1.00 27.84 ? 73  PRO A CA  1 
ATOM   593  C C   . PRO A 1 75  ? -4.889  10.218  0.881   1.00 25.34 ? 73  PRO A C   1 
ATOM   594  O O   . PRO A 1 75  ? -5.948  9.977   0.297   1.00 31.78 ? 73  PRO A O   1 
ATOM   595  C CB  . PRO A 1 75  ? -4.309  12.646  0.490   1.00 31.93 ? 73  PRO A CB  1 
ATOM   596  C CG  . PRO A 1 75  ? -3.833  13.344  -0.737  1.00 34.56 ? 73  PRO A CG  1 
ATOM   597  C CD  . PRO A 1 75  ? -3.966  12.329  -1.859  1.00 34.44 ? 73  PRO A CD  1 
ATOM   598  N N   . ILE A 1 76  ? -4.569  9.669   2.053   1.00 29.27 ? 74  ILE A N   1 
ATOM   599  C CA  . ILE A 1 76  ? -5.457  8.749   2.762   1.00 27.33 ? 74  ILE A CA  1 
ATOM   600  C C   . ILE A 1 76  ? -5.342  9.004   4.260   1.00 30.57 ? 74  ILE A C   1 
ATOM   601  O O   . ILE A 1 76  ? -4.248  9.262   4.774   1.00 29.61 ? 74  ILE A O   1 
ATOM   602  C CB  . ILE A 1 76  ? -5.126  7.280   2.421   1.00 28.12 ? 74  ILE A CB  1 
ATOM   603  C CG1 . ILE A 1 76  ? -6.086  6.316   3.122   1.00 28.08 ? 74  ILE A CG1 1 
ATOM   604  C CG2 . ILE A 1 76  ? -3.685  6.984   2.781   1.00 31.69 ? 74  ILE A CG2 1 
ATOM   605  C CD1 . ILE A 1 76  ? -6.063  4.855   2.589   1.00 26.11 ? 74  ILE A CD1 1 
ATOM   606  N N   . TYR A 1 77  ? -6.479  8.931   4.956   1.00 26.94 ? 75  TYR A N   1 
ATOM   607  C CA  . TYR A 1 77  ? -6.589  9.234   6.381   1.00 27.39 ? 75  TYR A CA  1 
ATOM   608  C C   . TYR A 1 77  ? -6.568  7.919   7.146   1.00 25.14 ? 75  TYR A C   1 
ATOM   609  O O   . TYR A 1 77  ? -7.561  7.190   7.142   1.00 28.58 ? 75  TYR A O   1 
ATOM   610  C CB  . TYR A 1 77  ? -7.891  9.995   6.628   1.00 24.88 ? 75  TYR A CB  1 
ATOM   611  C CG  . TYR A 1 77  ? -8.123  10.484  8.049   1.00 25.45 ? 75  TYR A CG  1 
ATOM   612  C CD1 . TYR A 1 77  ? -7.708  11.748  8.431   1.00 34.19 ? 75  TYR A CD1 1 
ATOM   613  C CD2 . TYR A 1 77  ? -8.794  9.698   8.978   1.00 29.53 ? 75  TYR A CD2 1 
ATOM   614  C CE1 . TYR A 1 77  ? -7.934  12.219  9.714   1.00 31.75 ? 75  TYR A CE1 1 
ATOM   615  C CE2 . TYR A 1 77  ? -9.033  10.170  10.279  1.00 32.19 ? 75  TYR A CE2 1 
ATOM   616  C CZ  . TYR A 1 77  ? -8.587  11.430  10.635  1.00 31.85 ? 75  TYR A CZ  1 
ATOM   617  O OH  . TYR A 1 77  ? -8.810  11.931  11.918  1.00 33.27 ? 75  TYR A OH  1 
ATOM   618  N N   . HIS A 1 78  ? -5.441  7.617   7.818   1.00 25.35 ? 76  HIS A N   1 
ATOM   619  C CA  . HIS A 1 78  ? -5.219  6.261   8.305   1.00 26.74 ? 76  HIS A CA  1 
ATOM   620  C C   . HIS A 1 78  ? -4.150  6.263   9.387   1.00 23.07 ? 76  HIS A C   1 
ATOM   621  O O   . HIS A 1 78  ? -3.166  7.001   9.263   1.00 25.49 ? 76  HIS A O   1 
ATOM   622  C CB  . HIS A 1 78  ? -4.795  5.356   7.133   1.00 21.43 ? 76  HIS A CB  1 
ATOM   623  C CG  . HIS A 1 78  ? -4.783  3.893   7.446   1.00 24.58 ? 76  HIS A CG  1 
ATOM   624  N ND1 . HIS A 1 78  ? -3.785  3.290   8.182   1.00 25.04 ? 76  HIS A ND1 1 
ATOM   625  C CD2 . HIS A 1 78  ? -5.628  2.900   7.076   1.00 24.92 ? 76  HIS A CD2 1 
ATOM   626  C CE1 . HIS A 1 78  ? -4.022  1.992   8.265   1.00 26.25 ? 76  HIS A CE1 1 
ATOM   627  N NE2 . HIS A 1 78  ? -5.136  1.729   7.602   1.00 26.69 ? 76  HIS A NE2 1 
ATOM   628  N N   . PRO A 1 79  ? -4.315  5.479   10.451  1.00 24.96 ? 77  PRO A N   1 
ATOM   629  C CA  . PRO A 1 79  ? -3.303  5.444   11.520  1.00 25.32 ? 77  PRO A CA  1 
ATOM   630  C C   . PRO A 1 79  ? -1.893  5.100   11.059  1.00 27.38 ? 77  PRO A C   1 
ATOM   631  O O   . PRO A 1 79  ? -0.924  5.572   11.665  1.00 27.39 ? 77  PRO A O   1 
ATOM   632  C CB  . PRO A 1 79  ? -3.838  4.352   12.453  1.00 31.20 ? 77  PRO A CB  1 
ATOM   633  C CG  . PRO A 1 79  ? -5.299  4.313   12.198  1.00 32.26 ? 77  PRO A CG  1 
ATOM   634  C CD  . PRO A 1 79  ? -5.473  4.618   10.754  1.00 26.65 ? 77  PRO A CD  1 
ATOM   635  N N   . ASN A 1 80  ? -1.735  4.286   10.016  1.00 24.04 ? 78  ASN A N   1 
ATOM   636  C CA  . ASN A 1 80  ? -0.427  3.747   9.661   1.00 25.93 ? 78  ASN A CA  1 
ATOM   637  C C   . ASN A 1 80  ? 0.175   4.388   8.413   1.00 29.14 ? 78  ASN A C   1 
ATOM   638  O O   . ASN A 1 80  ? 1.217   3.926   7.933   1.00 28.89 ? 78  ASN A O   1 
ATOM   639  C CB  . ASN A 1 80  ? -0.527  2.227   9.471   1.00 27.48 ? 78  ASN A CB  1 
ATOM   640  C CG  . ASN A 1 80  ? -1.082  1.523   10.712  1.00 31.32 ? 78  ASN A CG  1 
ATOM   641  O OD1 . ASN A 1 80  ? -2.202  1.018   10.710  1.00 28.81 ? 78  ASN A OD1 1 
ATOM   642  N ND2 . ASN A 1 80  ? -0.288  1.488   11.773  1.00 30.24 ? 78  ASN A ND2 1 
ATOM   643  N N   . ILE A 1 81  ? -0.450  5.429   7.872   1.00 26.49 ? 79  ILE A N   1 
ATOM   644  C CA  . ILE A 1 81  ? 0.003   6.089   6.654   1.00 25.66 ? 79  ILE A CA  1 
ATOM   645  C C   . ILE A 1 81  ? 0.102   7.581   6.942   1.00 27.24 ? 79  ILE A C   1 
ATOM   646  O O   . ILE A 1 81  ? -0.871  8.188   7.399   1.00 28.85 ? 79  ILE A O   1 
ATOM   647  C CB  . ILE A 1 81  ? -0.951  5.808   5.472   1.00 24.58 ? 79  ILE A CB  1 
ATOM   648  C CG1 . ILE A 1 81  ? -1.143  4.293   5.306   1.00 30.30 ? 79  ILE A CG1 1 
ATOM   649  C CG2 . ILE A 1 81  ? -0.432  6.438   4.184   1.00 25.07 ? 79  ILE A CG2 1 
ATOM   650  C CD1 . ILE A 1 81  ? -2.357  3.902   4.454   1.00 28.99 ? 79  ILE A CD1 1 
ATOM   651  N N   . ASP A 1 82  ? 1.268   8.177   6.691   1.00 26.38 ? 80  ASP A N   1 
ATOM   652  C CA  . ASP A 1 82  ? 1.414   9.575   7.083   1.00 27.68 ? 80  ASP A CA  1 
ATOM   653  C C   . ASP A 1 82  ? 0.934   10.505  5.968   1.00 28.27 ? 80  ASP A C   1 
ATOM   654  O O   . ASP A 1 82  ? 0.450   10.068  4.919   1.00 28.43 ? 80  ASP A O   1 
ATOM   655  C CB  . ASP A 1 82  ? 2.847   9.868   7.569   1.00 26.51 ? 80  ASP A CB  1 
ATOM   656  C CG  . ASP A 1 82  ? 3.880   10.055  6.451   1.00 32.58 ? 80  ASP A CG  1 
ATOM   657  O OD1 . ASP A 1 82  ? 3.556   9.995   5.243   1.00 28.11 ? 80  ASP A OD1 1 
ATOM   658  O OD2 . ASP A 1 82  ? 5.067   10.242  6.809   1.00 30.86 ? 80  ASP A OD2 1 
ATOM   659  N N   . SER A 1 83  ? 1.028   11.817  6.214   1.00 29.63 ? 81  SER A N   1 
ATOM   660  C CA  . SER A 1 83  ? 0.485   12.789  5.273   1.00 30.17 ? 81  SER A CA  1 
ATOM   661  C C   . SER A 1 83  ? 1.262   12.856  3.968   1.00 32.14 ? 81  SER A C   1 
ATOM   662  O O   . SER A 1 83  ? 0.760   13.443  3.003   1.00 34.05 ? 81  SER A O   1 
ATOM   663  C CB  . SER A 1 83  ? 0.435   14.172  5.931   1.00 35.51 ? 81  SER A CB  1 
ATOM   664  O OG  . SER A 1 83  ? 1.693   14.815  5.821   1.00 36.74 ? 81  SER A OG  1 
ATOM   665  N N   . ALA A 1 84  ? 2.458   12.276  3.907   1.00 32.68 ? 82  ALA A N   1 
ATOM   666  C CA  . ALA A 1 84  ? 3.228   12.207  2.677   1.00 30.49 ? 82  ALA A CA  1 
ATOM   667  C C   . ALA A 1 84  ? 3.057   10.865  1.985   1.00 30.44 ? 82  ALA A C   1 
ATOM   668  O O   . ALA A 1 84  ? 3.722   10.600  0.975   1.00 32.83 ? 82  ALA A O   1 
ATOM   669  C CB  . ALA A 1 84  ? 4.705   12.464  2.954   1.00 33.66 ? 82  ALA A CB  1 
ATOM   670  N N   . GLY A 1 85  ? 2.188   10.012  2.516   1.00 28.16 ? 83  GLY A N   1 
ATOM   671  C CA  . GLY A 1 85  ? 1.930   8.715   1.940   1.00 26.14 ? 83  GLY A CA  1 
ATOM   672  C C   . GLY A 1 85  ? 2.850   7.604   2.389   1.00 28.64 ? 83  GLY A C   1 
ATOM   673  O O   . GLY A 1 85  ? 2.748   6.493   1.844   1.00 25.65 ? 83  GLY A O   1 
ATOM   674  N N   . ARG A 1 86  ? 3.743   7.860   3.352   1.00 25.78 ? 84  ARG A N   1 
ATOM   675  C CA  . ARG A 1 86  ? 4.603   6.799   3.874   1.00 27.46 ? 84  ARG A CA  1 
ATOM   676  C C   . ARG A 1 86  ? 3.766   5.756   4.597   1.00 28.84 ? 84  ARG A C   1 
ATOM   677  O O   . ARG A 1 86  ? 2.827   6.093   5.325   1.00 27.42 ? 84  ARG A O   1 
ATOM   678  C CB  . ARG A 1 86  ? 5.649   7.355   4.847   1.00 29.09 ? 84  ARG A CB  1 
ATOM   679  C CG  . ARG A 1 86  ? 6.723   8.248   4.267   1.00 37.33 ? 84  ARG A CG  1 
ATOM   680  C CD  . ARG A 1 86  ? 7.945   8.288   5.202   1.00 39.44 ? 84  ARG A CD  1 
ATOM   681  N NE  . ARG A 1 86  ? 7.613   8.692   6.569   1.00 35.86 ? 84  ARG A NE  1 
ATOM   682  C CZ  . ARG A 1 86  ? 8.213   8.224   7.655   1.00 36.07 ? 84  ARG A CZ  1 
ATOM   683  N NH1 . ARG A 1 86  ? 9.158   7.302   7.579   1.00 45.97 ? 84  ARG A NH1 1 
ATOM   684  N NH2 . ARG A 1 86  ? 7.865   8.703   8.849   1.00 34.81 ? 84  ARG A NH2 1 
ATOM   685  N N   . ILE A 1 87  ? 4.130   4.485   4.421   1.00 23.99 ? 85  ILE A N   1 
ATOM   686  C CA  . ILE A 1 87  ? 3.353   3.359   4.924   1.00 24.61 ? 85  ILE A CA  1 
ATOM   687  C C   . ILE A 1 87  ? 4.157   2.606   5.971   1.00 29.29 ? 85  ILE A C   1 
ATOM   688  O O   . ILE A 1 87  ? 5.275   2.148   5.692   1.00 28.73 ? 85  ILE A O   1 
ATOM   689  C CB  . ILE A 1 87  ? 2.943   2.396   3.791   1.00 23.45 ? 85  ILE A CB  1 
ATOM   690  C CG1 . ILE A 1 87  ? 2.200   3.143   2.690   1.00 22.75 ? 85  ILE A CG1 1 
ATOM   691  C CG2 . ILE A 1 87  ? 2.084   1.278   4.322   1.00 24.53 ? 85  ILE A CG2 1 
ATOM   692  C CD1 . ILE A 1 87  ? 2.069   2.295   1.393   1.00 24.18 ? 85  ILE A CD1 1 
ATOM   693  N N   . CYS A 1 88  ? 3.559   2.419   7.161   1.00 24.75 ? 86  CYS A N   1 
ATOM   694  C CA  . CYS A 1 88  ? 4.134   1.564   8.201   1.00 23.61 ? 86  CYS A CA  1 
ATOM   695  C C   . CYS A 1 88  ? 3.489   0.183   8.131   1.00 27.66 ? 86  CYS A C   1 
ATOM   696  O O   . CYS A 1 88  ? 2.331   0.010   8.540   1.00 24.18 ? 86  CYS A O   1 
ATOM   697  C CB  . CYS A 1 88  ? 3.932   2.183   9.593   1.00 28.26 ? 86  CYS A CB  1 
ATOM   698  S SG  . CYS A 1 88  ? 4.751   1.170   10.848  1.00 36.16 ? 86  CYS A SG  1 
ATOM   699  N N   . LEU A 1 89  ? 4.242   -0.799  7.626   1.00 25.68 ? 87  LEU A N   1 
ATOM   700  C CA  . LEU A 1 89  ? 3.758   -2.154  7.424   1.00 23.04 ? 87  LEU A CA  1 
ATOM   701  C C   . LEU A 1 89  ? 4.946   -3.112  7.411   1.00 25.66 ? 87  LEU A C   1 
ATOM   702  O O   . LEU A 1 89  ? 5.935   -2.864  6.721   1.00 25.20 ? 87  LEU A O   1 
ATOM   703  C CB  . LEU A 1 89  ? 2.998   -2.248  6.096   1.00 26.18 ? 87  LEU A CB  1 
ATOM   704  C CG  . LEU A 1 89  ? 2.550   -3.629  5.618   1.00 26.70 ? 87  LEU A CG  1 
ATOM   705  C CD1 . LEU A 1 89  ? 1.557   -4.194  6.596   1.00 30.02 ? 87  LEU A CD1 1 
ATOM   706  C CD2 . LEU A 1 89  ? 1.906   -3.495  4.240   1.00 24.76 ? 87  LEU A CD2 1 
ATOM   707  N N   . ASP A 1 90  ? 4.811   -4.250  8.104   1.00 27.37 ? 88  ASP A N   1 
ATOM   708  C CA  . ASP A 1 90  ? 5.981   -5.093  8.348   1.00 27.97 ? 88  ASP A CA  1 
ATOM   709  C C   . ASP A 1 90  ? 6.584   -5.645  7.055   1.00 27.96 ? 88  ASP A C   1 
ATOM   710  O O   . ASP A 1 90  ? 7.809   -5.706  6.924   1.00 29.36 ? 88  ASP A O   1 
ATOM   711  C CB  . ASP A 1 90  ? 5.658   -6.239  9.308   1.00 33.10 ? 88  ASP A CB  1 
ATOM   712  C CG  . ASP A 1 90  ? 4.475   -7.089  8.874   1.00 32.41 ? 88  ASP A CG  1 
ATOM   713  O OD1 . ASP A 1 90  ? 3.822   -6.805  7.847   1.00 32.92 ? 88  ASP A OD1 1 
ATOM   714  O OD2 . ASP A 1 90  ? 4.178   -8.050  9.617   1.00 39.93 ? 88  ASP A OD2 1 
ATOM   715  N N   . VAL A 1 91  ? 5.754   -6.044  6.089   1.00 25.68 ? 89  VAL A N   1 
ATOM   716  C CA  . VAL A 1 91  ? 6.311   -6.662  4.888   1.00 26.35 ? 89  VAL A CA  1 
ATOM   717  C C   . VAL A 1 91  ? 7.043   -5.675  3.990   1.00 27.53 ? 89  VAL A C   1 
ATOM   718  O O   . VAL A 1 91  ? 7.661   -6.099  3.007   1.00 28.73 ? 89  VAL A O   1 
ATOM   719  C CB  . VAL A 1 91  ? 5.235   -7.392  4.050   1.00 29.45 ? 89  VAL A CB  1 
ATOM   720  C CG1 . VAL A 1 91  ? 4.715   -8.639  4.778   1.00 31.87 ? 89  VAL A CG1 1 
ATOM   721  C CG2 . VAL A 1 91  ? 4.108   -6.452  3.644   1.00 25.61 ? 89  VAL A CG2 1 
ATOM   722  N N   . LEU A 1 92  ? 6.994   -4.377  4.288   1.00 25.48 ? 90  LEU A N   1 
ATOM   723  C CA  . LEU A 1 92  ? 7.753   -3.387  3.540   1.00 27.35 ? 90  LEU A CA  1 
ATOM   724  C C   . LEU A 1 92  ? 9.123   -3.112  4.155   1.00 28.69 ? 90  LEU A C   1 
ATOM   725  O O   . LEU A 1 92  ? 9.794   -2.170  3.725   1.00 29.69 ? 90  LEU A O   1 
ATOM   726  C CB  . LEU A 1 92  ? 6.968   -2.078  3.428   1.00 25.53 ? 90  LEU A CB  1 
ATOM   727  C CG  . LEU A 1 92  ? 5.689   -2.081  2.592   1.00 25.03 ? 90  LEU A CG  1 
ATOM   728  C CD1 . LEU A 1 92  ? 5.032   -0.693  2.583   1.00 26.75 ? 90  LEU A CD1 1 
ATOM   729  C CD2 . LEU A 1 92  ? 5.953   -2.585  1.175   1.00 27.89 ? 90  LEU A CD2 1 
ATOM   730  N N   . LYS A 1 93  ? 9.545   -3.917  5.138   1.00 32.71 ? 91  LYS A N   1 
ATOM   731  C CA  . LYS A 1 93  ? 10.831  -3.782  5.817   1.00 29.71 ? 91  LYS A CA  1 
ATOM   732  C C   . LYS A 1 93  ? 11.483  -5.147  5.972   1.00 26.50 ? 91  LYS A C   1 
ATOM   733  O O   . LYS A 1 93  ? 10.796  -6.158  6.124   1.00 32.62 ? 91  LYS A O   1 
ATOM   734  C CB  . LYS A 1 93  ? 10.666  -3.159  7.207   1.00 31.96 ? 91  LYS A CB  1 
ATOM   735  C CG  . LYS A 1 93  ? 10.138  -1.749  7.175   1.00 38.24 ? 91  LYS A CG  1 
ATOM   736  C CD  . LYS A 1 93  ? 11.070  -0.887  6.351   1.00 41.03 ? 91  LYS A CD  1 
ATOM   737  C CE  . LYS A 1 93  ? 10.785  0.578   6.544   1.00 41.64 ? 91  LYS A CE  1 
ATOM   738  N NZ  . LYS A 1 93  ? 11.722  1.401   5.733   1.00 46.61 ? 91  LYS A NZ  1 
ATOM   739  N N   . LEU A 1 94  ? 12.824  -5.165  5.959   1.00 32.47 ? 92  LEU A N   1 
ATOM   740  C CA  . LEU A 1 94  ? 13.548  -6.415  6.134   1.00 36.74 ? 92  LEU A CA  1 
ATOM   741  C C   . LEU A 1 94  ? 13.616  -6.773  7.616   1.00 34.49 ? 92  LEU A C   1 
ATOM   742  O O   . LEU A 1 94  ? 13.476  -5.901  8.482   1.00 34.92 ? 92  LEU A O   1 
ATOM   743  C CB  . LEU A 1 94  ? 14.964  -6.299  5.571   1.00 36.20 ? 92  LEU A CB  1 
ATOM   744  C CG  . LEU A 1 94  ? 15.181  -6.555  4.082   1.00 31.36 ? 92  LEU A CG  1 
ATOM   745  C CD1 . LEU A 1 94  ? 16.526  -5.991  3.634   1.00 35.73 ? 92  LEU A CD1 1 
ATOM   746  C CD2 . LEU A 1 94  ? 15.105  -8.063  3.742   1.00 33.41 ? 92  LEU A CD2 1 
ATOM   747  N N   . PRO A 1 95  ? 13.825  -8.052  7.930   1.00 35.55 ? 93  PRO A N   1 
ATOM   748  C CA  . PRO A 1 95  ? 14.177  -8.434  9.303   1.00 34.30 ? 93  PRO A CA  1 
ATOM   749  C C   . PRO A 1 95  ? 15.370  -7.628  9.779   1.00 36.25 ? 93  PRO A C   1 
ATOM   750  O O   . PRO A 1 95  ? 16.196  -7.190  8.959   1.00 42.20 ? 93  PRO A O   1 
ATOM   751  C CB  . PRO A 1 95  ? 14.528  -9.923  9.176   1.00 35.66 ? 93  PRO A CB  1 
ATOM   752  C CG  . PRO A 1 95  ? 13.747  -10.388 7.965   1.00 38.92 ? 93  PRO A CG  1 
ATOM   753  C CD  . PRO A 1 95  ? 13.793  -9.217  7.023   1.00 33.79 ? 93  PRO A CD  1 
ATOM   754  N N   . PRO A 1 96  ? 15.531  -7.449  11.097  1.00 32.06 ? 94  PRO A N   1 
ATOM   755  C CA  . PRO A 1 96  ? 14.759  -8.077  12.184  1.00 31.77 ? 94  PRO A CA  1 
ATOM   756  C C   . PRO A 1 96  ? 13.392  -7.446  12.447  1.00 32.11 ? 94  PRO A C   1 
ATOM   757  O O   . PRO A 1 96  ? 12.466  -8.137  12.852  1.00 37.24 ? 94  PRO A O   1 
ATOM   758  C CB  . PRO A 1 96  ? 15.689  -7.924  13.403  1.00 29.21 ? 94  PRO A CB  1 
ATOM   759  C CG  . PRO A 1 96  ? 16.596  -6.782  13.088  1.00 29.70 ? 94  PRO A CG  1 
ATOM   760  C CD  . PRO A 1 96  ? 16.701  -6.700  11.588  1.00 33.26 ? 94  PRO A CD  1 
ATOM   761  N N   . LYS A 1 97  ? 13.215  -6.155  12.215  1.00 29.15 ? 95  LYS A N   1 
ATOM   762  C CA  . LYS A 1 97  ? 11.935  -5.537  12.565  1.00 32.01 ? 95  LYS A CA  1 
ATOM   763  C C   . LYS A 1 97  ? 10.837  -5.913  11.579  1.00 37.25 ? 95  LYS A C   1 
ATOM   764  O O   . LYS A 1 97  ? 9.675   -6.062  11.975  1.00 37.32 ? 95  LYS A O   1 
ATOM   765  C CB  . LYS A 1 97  ? 12.085  -4.015  12.644  1.00 34.10 ? 95  LYS A CB  1 
ATOM   766  N N   . GLY A 1 98  ? 11.195  -6.118  10.310  1.00 36.54 ? 96  GLY A N   1 
ATOM   767  C CA  . GLY A 1 98  ? 10.228  -6.312  9.257   1.00 35.74 ? 96  GLY A CA  1 
ATOM   768  C C   . GLY A 1 98  ? 10.057  -7.770  8.873   1.00 34.29 ? 96  GLY A C   1 
ATOM   769  O O   . GLY A 1 98  ? 10.650  -8.683  9.449   1.00 32.38 ? 96  GLY A O   1 
ATOM   770  N N   . ALA A 1 99  ? 9.231   -7.971  7.842   1.00 30.13 ? 97  ALA A N   1 
ATOM   771  C CA  . ALA A 1 99  ? 8.797   -9.302  7.441   1.00 29.80 ? 97  ALA A CA  1 
ATOM   772  C C   . ALA A 1 99  ? 9.102   -9.613  5.980   1.00 27.82 ? 97  ALA A C   1 
ATOM   773  O O   . ALA A 1 99  ? 8.691   -10.673 5.488   1.00 30.02 ? 97  ALA A O   1 
ATOM   774  C CB  . ALA A 1 99  ? 7.295   -9.457  7.705   1.00 31.29 ? 97  ALA A CB  1 
ATOM   775  N N   . TRP A 1 100 ? 9.808   -8.734  5.277   1.00 27.24 ? 98  TRP A N   1 
ATOM   776  C CA  . TRP A 1 100 ? 10.078  -8.997  3.864   1.00 29.69 ? 98  TRP A CA  1 
ATOM   777  C C   . TRP A 1 100 ? 10.976  -10.221 3.714   1.00 33.13 ? 98  TRP A C   1 
ATOM   778  O O   . TRP A 1 100 ? 11.890  -10.447 4.510   1.00 32.33 ? 98  TRP A O   1 
ATOM   779  C CB  . TRP A 1 100 ? 10.734  -7.794  3.176   1.00 27.38 ? 98  TRP A CB  1 
ATOM   780  C CG  . TRP A 1 100 ? 11.170  -8.155  1.762   1.00 32.52 ? 98  TRP A CG  1 
ATOM   781  C CD1 . TRP A 1 100 ? 12.429  -8.486  1.342   1.00 34.17 ? 98  TRP A CD1 1 
ATOM   782  C CD2 . TRP A 1 100 ? 10.317  -8.286  0.614   1.00 30.80 ? 98  TRP A CD2 1 
ATOM   783  N NE1 . TRP A 1 100 ? 12.415  -8.799  -0.008  1.00 30.44 ? 98  TRP A NE1 1 
ATOM   784  C CE2 . TRP A 1 100 ? 11.132  -8.683  -0.476  1.00 31.68 ? 98  TRP A CE2 1 
ATOM   785  C CE3 . TRP A 1 100 ? 8.945   -8.101  0.399   1.00 31.52 ? 98  TRP A CE3 1 
ATOM   786  C CZ2 . TRP A 1 100 ? 10.618  -8.891  -1.761  1.00 32.05 ? 98  TRP A CZ2 1 
ATOM   787  C CZ3 . TRP A 1 100 ? 8.433   -8.311  -0.875  1.00 28.87 ? 98  TRP A CZ3 1 
ATOM   788  C CH2 . TRP A 1 100 ? 9.271   -8.706  -1.941  1.00 30.93 ? 98  TRP A CH2 1 
ATOM   789  N N   . ARG A 1 101 ? 10.689  -11.026 2.703   1.00 29.55 ? 99  ARG A N   1 
ATOM   790  C CA  . ARG A 1 101 ? 11.591  -12.076 2.253   1.00 31.31 ? 99  ARG A CA  1 
ATOM   791  C C   . ARG A 1 101 ? 11.365  -12.251 0.762   1.00 32.66 ? 99  ARG A C   1 
ATOM   792  O O   . ARG A 1 101 ? 10.342  -11.800 0.236   1.00 29.30 ? 99  ARG A O   1 
ATOM   793  C CB  . ARG A 1 101 ? 11.362  -13.388 3.018   1.00 32.23 ? 99  ARG A CB  1 
ATOM   794  C CG  . ARG A 1 101 ? 9.971   -13.989 2.885   1.00 35.10 ? 99  ARG A CG  1 
ATOM   795  C CD  . ARG A 1 101 ? 9.171   -13.764 4.168   1.00 37.94 ? 99  ARG A CD  1 
ATOM   796  N NE  . ARG A 1 101 ? 7.942   -14.548 4.185   1.00 41.09 ? 99  ARG A NE  1 
ATOM   797  C CZ  . ARG A 1 101 ? 6.879   -14.250 4.922   1.00 45.05 ? 99  ARG A CZ  1 
ATOM   798  N NH1 . ARG A 1 101 ? 6.864   -13.191 5.726   1.00 41.37 ? 99  ARG A NH1 1 
ATOM   799  N NH2 . ARG A 1 101 ? 5.807   -15.035 4.856   1.00 45.41 ? 99  ARG A NH2 1 
ATOM   800  N N   . PRO A 1 102 ? 12.306  -12.880 0.046   1.00 32.46 ? 100 PRO A N   1 
ATOM   801  C CA  . PRO A 1 102 ? 12.174  -12.970 -1.417  1.00 28.08 ? 100 PRO A CA  1 
ATOM   802  C C   . PRO A 1 102 ? 11.023  -13.824 -1.888  1.00 30.94 ? 100 PRO A C   1 
ATOM   803  O O   . PRO A 1 102 ? 10.715  -13.795 -3.090  1.00 32.45 ? 100 PRO A O   1 
ATOM   804  C CB  . PRO A 1 102 ? 13.511  -13.590 -1.854  1.00 31.41 ? 100 PRO A CB  1 
ATOM   805  C CG  . PRO A 1 102 ? 14.454  -13.253 -0.773  1.00 34.64 ? 100 PRO A CG  1 
ATOM   806  C CD  . PRO A 1 102 ? 13.638  -13.328 0.489   1.00 38.31 ? 100 PRO A CD  1 
ATOM   807  N N   . SER A 1 103 ? 10.400  -14.617 -1.016  1.00 27.40 ? 101 SER A N   1 
ATOM   808  C CA  . SER A 1 103 ? 9.259   -15.408 -1.452  1.00 36.79 ? 101 SER A CA  1 
ATOM   809  C C   . SER A 1 103 ? 7.965   -14.609 -1.422  1.00 34.08 ? 101 SER A C   1 
ATOM   810  O O   . SER A 1 103 ? 6.941   -15.107 -1.896  1.00 32.85 ? 101 SER A O   1 
ATOM   811  C CB  . SER A 1 103 ? 9.125   -16.680 -0.607  1.00 39.05 ? 101 SER A CB  1 
ATOM   812  O OG  . SER A 1 103 ? 9.317   -16.422 0.771   1.00 47.92 ? 101 SER A OG  1 
ATOM   813  N N   . LEU A 1 104 ? 7.984   -13.403 -0.856  1.00 29.36 ? 102 LEU A N   1 
ATOM   814  C CA  . LEU A 1 104 ? 6.929   -12.430 -1.103  1.00 29.48 ? 102 LEU A CA  1 
ATOM   815  C C   . LEU A 1 104 ? 7.179   -11.746 -2.449  1.00 31.18 ? 102 LEU A C   1 
ATOM   816  O O   . LEU A 1 104 ? 8.214   -11.943 -3.092  1.00 31.66 ? 102 LEU A O   1 
ATOM   817  C CB  . LEU A 1 104 ? 6.868   -11.394 0.025   1.00 25.73 ? 102 LEU A CB  1 
ATOM   818  C CG  . LEU A 1 104 ? 6.711   -11.961 1.438   1.00 26.59 ? 102 LEU A CG  1 
ATOM   819  C CD1 . LEU A 1 104 ? 6.618   -10.847 2.484   1.00 29.48 ? 102 LEU A CD1 1 
ATOM   820  C CD2 . LEU A 1 104 ? 5.524   -12.899 1.525   1.00 33.11 ? 102 LEU A CD2 1 
ATOM   821  N N   . ASN A 1 105 ? 6.226   -10.920 -2.879  1.00 27.76 ? 103 ASN A N   1 
ATOM   822  C CA  . ASN A 1 105 ? 6.375   -10.275 -4.181  1.00 28.41 ? 103 ASN A CA  1 
ATOM   823  C C   . ASN A 1 105 ? 5.513   -9.017  -4.212  1.00 29.55 ? 103 ASN A C   1 
ATOM   824  O O   . ASN A 1 105 ? 4.876   -8.650  -3.218  1.00 25.02 ? 103 ASN A O   1 
ATOM   825  C CB  . ASN A 1 105 ? 6.024   -11.250 -5.318  1.00 28.56 ? 103 ASN A CB  1 
ATOM   826  C CG  . ASN A 1 105 ? 4.683   -11.908 -5.117  1.00 30.54 ? 103 ASN A CG  1 
ATOM   827  O OD1 . ASN A 1 105 ? 3.656   -11.233 -4.992  1.00 29.39 ? 103 ASN A OD1 1 
ATOM   828  N ND2 . ASN A 1 105 ? 4.678   -13.234 -5.065  1.00 32.45 ? 103 ASN A ND2 1 
ATOM   829  N N   . ILE A 1 106 ? 5.521   -8.340  -5.365  1.00 24.27 ? 104 ILE A N   1 
ATOM   830  C CA  . ILE A 1 106 ? 4.790   -7.074  -5.490  1.00 23.97 ? 104 ILE A CA  1 
ATOM   831  C C   . ILE A 1 106 ? 3.304   -7.281  -5.220  1.00 26.46 ? 104 ILE A C   1 
ATOM   832  O O   . ILE A 1 106 ? 2.674   -6.501  -4.492  1.00 25.20 ? 104 ILE A O   1 
ATOM   833  C CB  . ILE A 1 106 ? 5.028   -6.452  -6.879  1.00 26.04 ? 104 ILE A CB  1 
ATOM   834  C CG1 . ILE A 1 106 ? 6.498   -6.070  -7.046  1.00 24.88 ? 104 ILE A CG1 1 
ATOM   835  C CG2 . ILE A 1 106 ? 4.138   -5.204  -7.053  1.00 23.39 ? 104 ILE A CG2 1 
ATOM   836  C CD1 . ILE A 1 106 ? 6.901   -5.833  -8.501  1.00 27.62 ? 104 ILE A CD1 1 
ATOM   837  N N   . ALA A 1 107 ? 2.712   -8.322  -5.821  1.00 23.31 ? 105 ALA A N   1 
ATOM   838  C CA  . ALA A 1 107 ? 1.290   -8.585  -5.607  1.00 26.69 ? 105 ALA A CA  1 
ATOM   839  C C   . ALA A 1 107 ? 1.000   -8.866  -4.139  1.00 26.47 ? 105 ALA A C   1 
ATOM   840  O O   . ALA A 1 107 ? -0.028  -8.439  -3.600  1.00 26.44 ? 105 ALA A O   1 
ATOM   841  C CB  . ALA A 1 107 ? 0.833   -9.762  -6.474  1.00 27.58 ? 105 ALA A CB  1 
ATOM   842  N N   . THR A 1 108 ? 1.898   -9.587  -3.483  1.00 25.91 ? 106 THR A N   1 
ATOM   843  C CA  . THR A 1 108 ? 1.717   -9.954  -2.081  1.00 23.33 ? 106 THR A CA  1 
ATOM   844  C C   . THR A 1 108 ? 1.726   -8.725  -1.175  1.00 25.57 ? 106 THR A C   1 
ATOM   845  O O   . THR A 1 108 ? 0.855   -8.583  -0.304  1.00 25.06 ? 106 THR A O   1 
ATOM   846  C CB  . THR A 1 108 ? 2.820   -10.965 -1.743  1.00 28.45 ? 106 THR A CB  1 
ATOM   847  O OG1 . THR A 1 108 ? 2.421   -12.282 -2.204  1.00 39.66 ? 106 THR A OG1 1 
ATOM   848  C CG2 . THR A 1 108 ? 3.200   -11.004 -0.390  1.00 26.21 ? 106 THR A CG2 1 
ATOM   849  N N   . VAL A 1 109 ? 2.660   -7.800  -1.397  1.00 22.76 ? 107 VAL A N   1 
ATOM   850  C CA  . VAL A 1 109 ? 2.718   -6.631  -0.517  1.00 23.38 ? 107 VAL A CA  1 
ATOM   851  C C   . VAL A 1 109 ? 1.607   -5.635  -0.849  1.00 26.65 ? 107 VAL A C   1 
ATOM   852  O O   . VAL A 1 109 ? 1.107   -4.953  0.045   1.00 24.09 ? 107 VAL A O   1 
ATOM   853  C CB  . VAL A 1 109 ? 4.106   -5.965  -0.557  1.00 25.99 ? 107 VAL A CB  1 
ATOM   854  C CG1 . VAL A 1 109 ? 5.207   -6.953  -0.112  1.00 26.75 ? 107 VAL A CG1 1 
ATOM   855  C CG2 . VAL A 1 109 ? 4.429   -5.417  -1.910  1.00 30.59 ? 107 VAL A CG2 1 
ATOM   856  N N   . LEU A 1 110 ? 1.199   -5.525  -2.118  1.00 23.50 ? 108 LEU A N   1 
ATOM   857  C CA  . LEU A 1 110 ? 0.053   -4.671  -2.425  1.00 24.33 ? 108 LEU A CA  1 
ATOM   858  C C   . LEU A 1 110 ? -1.211  -5.224  -1.787  1.00 23.50 ? 108 LEU A C   1 
ATOM   859  O O   . LEU A 1 110 ? -2.070  -4.457  -1.331  1.00 25.27 ? 108 LEU A O   1 
ATOM   860  C CB  . LEU A 1 110 ? -0.126  -4.536  -3.944  1.00 23.90 ? 108 LEU A CB  1 
ATOM   861  C CG  . LEU A 1 110 ? 0.892   -3.668  -4.703  1.00 23.27 ? 108 LEU A CG  1 
ATOM   862  C CD1 . LEU A 1 110 ? 0.685   -3.815  -6.237  1.00 21.46 ? 108 LEU A CD1 1 
ATOM   863  C CD2 . LEU A 1 110 ? 0.878   -2.192  -4.283  1.00 26.77 ? 108 LEU A CD2 1 
ATOM   864  N N   . THR A 1 111 ? -1.345  -6.554  -1.743  1.00 23.25 ? 109 THR A N   1 
ATOM   865  C CA  . THR A 1 111 ? -2.461  -7.155  -1.020  1.00 25.57 ? 109 THR A CA  1 
ATOM   866  C C   . THR A 1 111 ? -2.358  -6.869  0.476   1.00 25.35 ? 109 THR A C   1 
ATOM   867  O O   . THR A 1 111 ? -3.375  -6.640  1.147   1.00 26.63 ? 109 THR A O   1 
ATOM   868  C CB  . THR A 1 111 ? -2.501  -8.657  -1.280  1.00 26.39 ? 109 THR A CB  1 
ATOM   869  O OG1 . THR A 1 111 ? -2.641  -8.882  -2.686  1.00 28.16 ? 109 THR A OG1 1 
ATOM   870  C CG2 . THR A 1 111 ? -3.690  -9.309  -0.593  1.00 27.74 ? 109 THR A CG2 1 
ATOM   871  N N   . SER A 1 112 ? -1.139  -6.890  1.018   1.00 25.23 ? 110 SER A N   1 
ATOM   872  C CA  . SER A 1 112 ? -0.970  -6.565  2.439   1.00 25.89 ? 110 SER A CA  1 
ATOM   873  C C   . SER A 1 112 ? -1.365  -5.123  2.732   1.00 26.49 ? 110 SER A C   1 
ATOM   874  O O   . SER A 1 112 ? -1.920  -4.831  3.804   1.00 26.14 ? 110 SER A O   1 
ATOM   875  C CB  . SER A 1 112 ? 0.477   -6.806  2.872   1.00 27.32 ? 110 SER A CB  1 
ATOM   876  O OG  . SER A 1 112 ? 0.866   -8.161  2.727   1.00 28.52 ? 110 SER A OG  1 
ATOM   877  N N   . ILE A 1 113 ? -1.053  -4.201  1.813   1.00 24.84 ? 111 ILE A N   1 
ATOM   878  C CA  . ILE A 1 113 ? -1.436  -2.796  1.990   1.00 23.82 ? 111 ILE A CA  1 
ATOM   879  C C   . ILE A 1 113 ? -2.948  -2.658  1.933   1.00 27.52 ? 111 ILE A C   1 
ATOM   880  O O   . ILE A 1 113 ? -3.557  -1.946  2.739   1.00 24.20 ? 111 ILE A O   1 
ATOM   881  C CB  . ILE A 1 113 ? -0.755  -1.901  0.933   1.00 22.64 ? 111 ILE A CB  1 
ATOM   882  C CG1 . ILE A 1 113 ? 0.761   -1.839  1.146   1.00 25.72 ? 111 ILE A CG1 1 
ATOM   883  C CG2 . ILE A 1 113 ? -1.362  -0.459  0.923   1.00 24.55 ? 111 ILE A CG2 1 
ATOM   884  C CD1 . ILE A 1 113 ? 1.546   -1.219  -0.019  1.00 24.37 ? 111 ILE A CD1 1 
ATOM   885  N N   . GLN A 1 114 ? -3.579  -3.340  0.975   1.00 24.90 ? 112 GLN A N   1 
ATOM   886  C CA  . GLN A 1 114 ? -5.035  -3.332  0.887   1.00 26.60 ? 112 GLN A CA  1 
ATOM   887  C C   . GLN A 1 114 ? -5.666  -3.832  2.182   1.00 26.00 ? 112 GLN A C   1 
ATOM   888  O O   . GLN A 1 114 ? -6.641  -3.245  2.675   1.00 27.99 ? 112 GLN A O   1 
ATOM   889  C CB  . GLN A 1 114 ? -5.457  -4.198  -0.304  1.00 24.62 ? 112 GLN A CB  1 
ATOM   890  C CG  . GLN A 1 114 ? -6.938  -4.445  -0.450  1.00 27.47 ? 112 GLN A CG  1 
ATOM   891  C CD  . GLN A 1 114 ? -7.208  -5.480  -1.548  1.00 26.48 ? 112 GLN A CD  1 
ATOM   892  O OE1 . GLN A 1 114 ? -6.730  -6.610  -1.471  1.00 30.29 ? 112 GLN A OE1 1 
ATOM   893  N NE2 . GLN A 1 114 ? -7.943  -5.081  -2.577  1.00 30.67 ? 112 GLN A NE2 1 
ATOM   894  N N   . LEU A 1 115 ? -5.107  -4.900  2.761   1.00 26.38 ? 113 LEU A N   1 
ATOM   895  C CA  . LEU A 1 115 ? -5.606  -5.417  4.034   1.00 25.10 ? 113 LEU A CA  1 
ATOM   896  C C   . LEU A 1 115 ? -5.383  -4.417  5.163   1.00 30.00 ? 113 LEU A C   1 
ATOM   897  O O   . LEU A 1 115 ? -6.268  -4.217  6.009   1.00 30.58 ? 113 LEU A O   1 
ATOM   898  C CB  . LEU A 1 115 ? -4.928  -6.745  4.370   1.00 30.62 ? 113 LEU A CB  1 
ATOM   899  C CG  . LEU A 1 115 ? -5.374  -7.390  5.693   1.00 31.46 ? 113 LEU A CG  1 
ATOM   900  C CD1 . LEU A 1 115 ? -6.900  -7.534  5.748   1.00 32.47 ? 113 LEU A CD1 1 
ATOM   901  C CD2 . LEU A 1 115 ? -4.681  -8.710  5.949   1.00 37.06 ? 113 LEU A CD2 1 
ATOM   902  N N   . LEU A 1 116 ? -4.206  -3.789  5.191   1.00 24.60 ? 114 LEU A N   1 
ATOM   903  C CA  . LEU A 1 116 ? -3.941  -2.727  6.167   1.00 25.47 ? 114 LEU A CA  1 
ATOM   904  C C   . LEU A 1 116 ? -4.996  -1.626  6.097   1.00 28.64 ? 114 LEU A C   1 
ATOM   905  O O   . LEU A 1 116 ? -5.400  -1.071  7.132   1.00 29.20 ? 114 LEU A O   1 
ATOM   906  C CB  . LEU A 1 116 ? -2.553  -2.138  5.916   1.00 25.12 ? 114 LEU A CB  1 
ATOM   907  C CG  . LEU A 1 116 ? -2.096  -1.035  6.888   1.00 26.29 ? 114 LEU A CG  1 
ATOM   908  C CD1 . LEU A 1 116 ? -2.018  -1.604  8.288   1.00 27.48 ? 114 LEU A CD1 1 
ATOM   909  C CD2 . LEU A 1 116 ? -0.749  -0.502  6.450   1.00 26.16 ? 114 LEU A CD2 1 
ATOM   910  N N   . MET A 1 117 ? -5.444  -1.279  4.885   1.00 27.59 ? 115 MET A N   1 
ATOM   911  C CA  . MET A 1 117 ? -6.478  -0.250  4.752   1.00 30.26 ? 115 MET A CA  1 
ATOM   912  C C   . MET A 1 117 ? -7.770  -0.643  5.470   1.00 30.56 ? 115 MET A C   1 
ATOM   913  O O   . MET A 1 117 ? -8.404  0.195   6.130   1.00 33.58 ? 115 MET A O   1 
ATOM   914  C CB  . MET A 1 117 ? -6.742  0.027   3.270   1.00 27.05 ? 115 MET A CB  1 
ATOM   915  C CG  . MET A 1 117 ? -5.627  0.803   2.578   1.00 25.85 ? 115 MET A CG  1 
ATOM   916  S SD  . MET A 1 117 ? -5.784  0.725   0.769   1.00 28.86 ? 115 MET A SD  1 
ATOM   917  C CE  . MET A 1 117 ? -7.359  1.538   0.507   1.00 30.10 ? 115 MET A CE  1 
ATOM   918  N N   . SER A 1 118 ? -8.171  -1.916  5.361   1.00 31.59 ? 116 SER A N   1 
ATOM   919  C CA  . SER A 1 118 ? -9.372  -2.407  6.036   1.00 34.52 ? 116 SER A CA  1 
ATOM   920  C C   . SER A 1 118 ? -9.162  -2.613  7.529   1.00 37.84 ? 116 SER A C   1 
ATOM   921  O O   . SER A 1 118 ? -10.118 -2.522  8.304   1.00 36.42 ? 116 SER A O   1 
ATOM   922  C CB  . SER A 1 118 ? -9.824  -3.731  5.414   1.00 36.54 ? 116 SER A CB  1 
ATOM   923  O OG  . SER A 1 118 ? -9.880  -3.637  4.006   1.00 49.58 ? 116 SER A OG  1 
ATOM   924  N N   . GLU A 1 119 ? -7.942  -2.934  7.950   1.00 32.06 ? 117 GLU A N   1 
ATOM   925  C CA  . GLU A 1 119 ? -7.648  -3.320  9.331   1.00 35.62 ? 117 GLU A CA  1 
ATOM   926  C C   . GLU A 1 119 ? -6.408  -2.578  9.808   1.00 32.94 ? 117 GLU A C   1 
ATOM   927  O O   . GLU A 1 119 ? -5.297  -3.121  9.774   1.00 31.35 ? 117 GLU A O   1 
ATOM   928  C CB  . GLU A 1 119 ? -7.456  -4.837  9.443   1.00 33.51 ? 117 GLU A CB  1 
ATOM   929  C CG  . GLU A 1 119 ? -8.489  -5.635  8.672   1.00 40.45 ? 117 GLU A CG  1 
ATOM   930  C CD  . GLU A 1 119 ? -8.561  -7.102  9.075   1.00 54.38 ? 117 GLU A CD  1 
ATOM   931  O OE1 . GLU A 1 119 ? -9.614  -7.732  8.835   1.00 58.56 ? 117 GLU A OE1 1 
ATOM   932  O OE2 . GLU A 1 119 ? -7.554  -7.636  9.593   1.00 57.52 ? 117 GLU A OE2 1 
ATOM   933  N N   . PRO A 1 120 ? -6.558  -1.332  10.269  1.00 35.78 ? 118 PRO A N   1 
ATOM   934  C CA  . PRO A 1 120 ? -5.389  -0.604  10.777  1.00 35.71 ? 118 PRO A CA  1 
ATOM   935  C C   . PRO A 1 120 ? -4.739  -1.320  11.956  1.00 36.89 ? 118 PRO A C   1 
ATOM   936  O O   . PRO A 1 120 ? -5.351  -2.144  12.639  1.00 36.78 ? 118 PRO A O   1 
ATOM   937  C CB  . PRO A 1 120 ? -5.968  0.755   11.193  1.00 32.35 ? 118 PRO A CB  1 
ATOM   938  C CG  . PRO A 1 120 ? -7.162  0.930   10.326  1.00 32.40 ? 118 PRO A CG  1 
ATOM   939  C CD  . PRO A 1 120 ? -7.745  -0.465  10.163  1.00 34.72 ? 118 PRO A CD  1 
ATOM   940  N N   . ASN A 1 121 ? -3.461  -1.014  12.165  1.00 35.75 ? 119 ASN A N   1 
ATOM   941  C CA  . ASN A 1 121 ? -2.697  -1.451  13.327  1.00 36.75 ? 119 ASN A CA  1 
ATOM   942  C C   . ASN A 1 121 ? -2.394  -0.251  14.219  1.00 37.86 ? 119 ASN A C   1 
ATOM   943  O O   . ASN A 1 121 ? -1.285  0.293   14.163  1.00 36.01 ? 119 ASN A O   1 
ATOM   944  C CB  . ASN A 1 121 ? -1.403  -2.149  12.899  1.00 35.42 ? 119 ASN A CB  1 
ATOM   945  C CG  . ASN A 1 121 ? -1.662  -3.337  12.001  1.00 46.23 ? 119 ASN A CG  1 
ATOM   946  O OD1 . ASN A 1 121 ? -2.708  -3.973  12.109  1.00 49.57 ? 119 ASN A OD1 1 
ATOM   947  N ND2 . ASN A 1 121 ? -0.730  -3.627  11.085  1.00 46.06 ? 119 ASN A ND2 1 
ATOM   948  N N   . PRO A 1 122 ? -3.338  0.177   15.067  1.00 42.53 ? 120 PRO A N   1 
ATOM   949  C CA  . PRO A 1 122 ? -3.122  1.406   15.858  1.00 44.89 ? 120 PRO A CA  1 
ATOM   950  C C   . PRO A 1 122 ? -1.967  1.335   16.850  1.00 44.63 ? 120 PRO A C   1 
ATOM   951  O O   . PRO A 1 122 ? -1.535  2.396   17.334  1.00 45.99 ? 120 PRO A O   1 
ATOM   952  C CB  . PRO A 1 122 ? -4.465  1.605   16.585  1.00 40.37 ? 120 PRO A CB  1 
ATOM   953  C CG  . PRO A 1 122 ? -5.129  0.276   16.567  1.00 42.25 ? 120 PRO A CG  1 
ATOM   954  C CD  . PRO A 1 122 ? -4.670  -0.408  15.303  1.00 42.34 ? 120 PRO A CD  1 
ATOM   955  N N   . ASP A 1 123 ? -1.457  0.147   17.178  1.00 46.75 ? 121 ASP A N   1 
ATOM   956  C CA  . ASP A 1 123 ? -0.326  0.045   18.098  1.00 54.92 ? 121 ASP A CA  1 
ATOM   957  C C   . ASP A 1 123 ? 1.009   0.413   17.458  1.00 55.50 ? 121 ASP A C   1 
ATOM   958  O O   . ASP A 1 123 ? 2.007   0.531   18.176  1.00 57.31 ? 121 ASP A O   1 
ATOM   959  C CB  . ASP A 1 123 ? -0.228  -1.371  18.680  1.00 60.22 ? 121 ASP A CB  1 
ATOM   960  C CG  . ASP A 1 123 ? -1.347  -1.682  19.663  1.00 71.20 ? 121 ASP A CG  1 
ATOM   961  O OD1 . ASP A 1 123 ? -1.975  -0.729  20.175  1.00 71.77 ? 121 ASP A OD1 1 
ATOM   962  O OD2 . ASP A 1 123 ? -1.595  -2.880  19.925  1.00 75.36 ? 121 ASP A OD2 1 
ATOM   963  N N   . ASP A 1 124 ? 1.062   0.595   16.142  1.00 46.53 ? 122 ASP A N   1 
ATOM   964  C CA  . ASP A 1 124 ? 2.295   0.989   15.459  1.00 47.10 ? 122 ASP A CA  1 
ATOM   965  C C   . ASP A 1 124 ? 1.991   2.077   14.442  1.00 46.93 ? 122 ASP A C   1 
ATOM   966  O O   . ASP A 1 124 ? 2.098   1.871   13.225  1.00 43.74 ? 122 ASP A O   1 
ATOM   967  C CB  . ASP A 1 124 ? 2.954   -0.225  14.815  1.00 50.65 ? 122 ASP A CB  1 
ATOM   968  C CG  . ASP A 1 124 ? 3.251   -1.300  15.825  1.00 58.71 ? 122 ASP A CG  1 
ATOM   969  O OD1 . ASP A 1 124 ? 2.425   -2.226  15.967  1.00 60.43 ? 122 ASP A OD1 1 
ATOM   970  O OD2 . ASP A 1 124 ? 4.294   -1.188  16.505  1.00 59.02 ? 122 ASP A OD2 1 
ATOM   971  N N   . PRO A 1 125 ? 1.643   3.270   14.914  1.00 39.80 ? 123 PRO A N   1 
ATOM   972  C CA  . PRO A 1 125 ? 1.163   4.318   14.018  1.00 34.19 ? 123 PRO A CA  1 
ATOM   973  C C   . PRO A 1 125 ? 2.254   5.235   13.498  1.00 34.86 ? 123 PRO A C   1 
ATOM   974  O O   . PRO A 1 125 ? 3.283   5.464   14.134  1.00 46.98 ? 123 PRO A O   1 
ATOM   975  C CB  . PRO A 1 125 ? 0.220   5.116   14.926  1.00 35.26 ? 123 PRO A CB  1 
ATOM   976  C CG  . PRO A 1 125 ? 0.922   5.055   16.264  1.00 40.77 ? 123 PRO A CG  1 
ATOM   977  C CD  . PRO A 1 125 ? 1.596   3.696   16.326  1.00 40.34 ? 123 PRO A CD  1 
ATOM   978  N N   . LEU A 1 126 ? 1.986   5.799   12.326  1.00 33.04 ? 124 LEU A N   1 
ATOM   979  C CA  . LEU A 1 126 ? 2.688   6.993   11.899  1.00 35.43 ? 124 LEU A CA  1 
ATOM   980  C C   . LEU A 1 126 ? 1.924   8.261   12.240  1.00 31.59 ? 124 LEU A C   1 
ATOM   981  O O   . LEU A 1 126 ? 2.515   9.344   12.211  1.00 34.13 ? 124 LEU A O   1 
ATOM   982  C CB  . LEU A 1 126 ? 2.940   6.953   10.393  1.00 34.34 ? 124 LEU A CB  1 
ATOM   983  C CG  . LEU A 1 126 ? 4.124   6.078   10.008  1.00 37.53 ? 124 LEU A CG  1 
ATOM   984  C CD1 . LEU A 1 126 ? 4.245   6.064   8.504   1.00 30.16 ? 124 LEU A CD1 1 
ATOM   985  C CD2 . LEU A 1 126 ? 5.387   6.608   10.670  1.00 38.14 ? 124 LEU A CD2 1 
ATOM   986  N N   . MET A 1 127 ? 0.625   8.149   12.538  1.00 28.48 ? 125 MET A N   1 
ATOM   987  C CA  . MET A 1 127 ? -0.250  9.286   12.843  1.00 30.08 ? 125 MET A CA  1 
ATOM   988  C C   . MET A 1 127 ? -0.904  9.014   14.195  1.00 32.35 ? 125 MET A C   1 
ATOM   989  O O   . MET A 1 127 ? -1.963  8.382   14.277  1.00 26.69 ? 125 MET A O   1 
ATOM   990  C CB  . MET A 1 127 ? -1.285  9.510   11.739  1.00 34.53 ? 125 MET A CB  1 
ATOM   991  C CG  . MET A 1 127 ? -0.729  9.690   10.331  1.00 31.14 ? 125 MET A CG  1 
ATOM   992  S SD  . MET A 1 127 ? 0.244   11.205  10.111  1.00 30.91 ? 125 MET A SD  1 
ATOM   993  C CE  . MET A 1 127 ? -1.053  12.342  9.690   1.00 33.22 ? 125 MET A CE  1 
ATOM   994  N N   . ALA A 1 128 ? -0.270  9.524   15.255  1.00 33.12 ? 126 ALA A N   1 
ATOM   995  C CA  . ALA A 1 128 ? -0.700  9.208   16.613  1.00 33.77 ? 126 ALA A CA  1 
ATOM   996  C C   . ALA A 1 128 ? -2.106  9.728   16.899  1.00 28.96 ? 126 ALA A C   1 
ATOM   997  O O   . ALA A 1 128 ? -2.901  9.050   17.561  1.00 31.23 ? 126 ALA A O   1 
ATOM   998  C CB  . ALA A 1 128 ? 0.306   9.787   17.609  1.00 40.52 ? 126 ALA A CB  1 
ATOM   999  N N   . ASP A 1 129 ? -2.431  10.933  16.431  1.00 30.44 ? 127 ASP A N   1 
ATOM   1000 C CA  . ASP A 1 129 ? -3.759  11.478  16.708  1.00 30.51 ? 127 ASP A CA  1 
ATOM   1001 C C   . ASP A 1 129 ? -4.839  10.708  15.957  1.00 33.66 ? 127 ASP A C   1 
ATOM   1002 O O   . ASP A 1 129 ? -5.921  10.465  16.497  1.00 29.13 ? 127 ASP A O   1 
ATOM   1003 C CB  . ASP A 1 129 ? -3.815  12.963  16.360  1.00 31.21 ? 127 ASP A CB  1 
ATOM   1004 C CG  . ASP A 1 129 ? -2.997  13.825  17.328  1.00 36.30 ? 127 ASP A CG  1 
ATOM   1005 O OD1 . ASP A 1 129 ? -2.491  13.294  18.338  1.00 41.72 ? 127 ASP A OD1 1 
ATOM   1006 O OD2 . ASP A 1 129 ? -2.852  15.026  17.056  1.00 40.86 ? 127 ASP A OD2 1 
ATOM   1007 N N   . ILE A 1 130 ? -4.564  10.298  14.719  1.00 29.57 ? 128 ILE A N   1 
ATOM   1008 C CA  . ILE A 1 130 ? -5.526  9.449   14.016  1.00 26.25 ? 128 ILE A CA  1 
ATOM   1009 C C   . ILE A 1 130 ? -5.673  8.110   14.728  1.00 23.98 ? 128 ILE A C   1 
ATOM   1010 O O   . ILE A 1 130 ? -6.781  7.575   14.856  1.00 28.49 ? 128 ILE A O   1 
ATOM   1011 C CB  . ILE A 1 130 ? -5.109  9.273   12.545  1.00 28.06 ? 128 ILE A CB  1 
ATOM   1012 C CG1 . ILE A 1 130 ? -5.089  10.626  11.835  1.00 29.08 ? 128 ILE A CG1 1 
ATOM   1013 C CG2 . ILE A 1 130 ? -6.066  8.306   11.825  1.00 26.21 ? 128 ILE A CG2 1 
ATOM   1014 C CD1 . ILE A 1 130 ? -4.646  10.528  10.381  1.00 31.48 ? 128 ILE A CD1 1 
ATOM   1015 N N   . SER A 1 131 ? -4.566  7.560   15.231  1.00 26.73 ? 129 SER A N   1 
ATOM   1016 C CA  A SER A 1 131 ? -4.621  6.258   15.887  0.66 30.41 ? 129 SER A CA  1 
ATOM   1017 C CA  B SER A 1 131 ? -4.626  6.258   15.892  0.34 30.39 ? 129 SER A CA  1 
ATOM   1018 C C   . SER A 1 131 ? -5.465  6.315   17.157  1.00 32.14 ? 129 SER A C   1 
ATOM   1019 O O   . SER A 1 131 ? -6.275  5.415   17.424  1.00 27.97 ? 129 SER A O   1 
ATOM   1020 C CB  A SER A 1 131 ? -3.205  5.787   16.200  0.66 32.95 ? 129 SER A CB  1 
ATOM   1021 C CB  B SER A 1 131 ? -3.224  5.768   16.225  0.34 32.91 ? 129 SER A CB  1 
ATOM   1022 O OG  A SER A 1 131 ? -3.206  4.429   16.581  0.66 36.51 ? 129 SER A OG  1 
ATOM   1023 O OG  B SER A 1 131 ? -2.651  5.157   15.097  0.34 31.67 ? 129 SER A OG  1 
ATOM   1024 N N   . SER A 1 132 ? -5.278  7.356   17.964  1.00 27.08 ? 130 SER A N   1 
ATOM   1025 C CA  . SER A 1 132 ? -6.100  7.471   19.153  1.00 26.83 ? 130 SER A CA  1 
ATOM   1026 C C   . SER A 1 132 ? -7.566  7.622   18.783  1.00 25.93 ? 130 SER A C   1 
ATOM   1027 O O   . SER A 1 132 ? -8.443  7.045   19.435  1.00 28.61 ? 130 SER A O   1 
ATOM   1028 C CB  . SER A 1 132 ? -5.613  8.654   19.976  1.00 28.54 ? 130 SER A CB  1 
ATOM   1029 O OG  . SER A 1 132 ? -4.281  8.419   20.386  1.00 29.50 ? 130 SER A OG  1 
ATOM   1030 N N   . GLU A 1 133 ? -7.848  8.396   17.735  1.00 24.80 ? 131 GLU A N   1 
ATOM   1031 C CA  . GLU A 1 133 ? -9.224  8.551   17.282  1.00 27.84 ? 131 GLU A CA  1 
ATOM   1032 C C   . GLU A 1 133 ? -9.803  7.217   16.838  1.00 31.85 ? 131 GLU A C   1 
ATOM   1033 O O   . GLU A 1 133 ? -10.947 6.881   17.168  1.00 31.02 ? 131 GLU A O   1 
ATOM   1034 C CB  . GLU A 1 133 ? -9.274  9.572   16.149  1.00 28.06 ? 131 GLU A CB  1 
ATOM   1035 C CG  . GLU A 1 133 ? -10.650 9.969   15.681  1.00 30.92 ? 131 GLU A CG  1 
ATOM   1036 C CD  . GLU A 1 133 ? -10.579 10.918  14.516  1.00 33.87 ? 131 GLU A CD  1 
ATOM   1037 O OE1 . GLU A 1 133 ? -10.193 10.467  13.411  1.00 34.52 ? 131 GLU A OE1 1 
ATOM   1038 O OE2 . GLU A 1 133 ? -10.841 12.131  14.710  1.00 35.23 ? 131 GLU A OE2 1 
ATOM   1039 N N   . PHE A 1 134 ? -9.020  6.441   16.082  1.00 27.35 ? 132 PHE A N   1 
ATOM   1040 C CA  . PHE A 1 134 ? -9.453  5.108   15.692  1.00 27.76 ? 132 PHE A CA  1 
ATOM   1041 C C   . PHE A 1 134 ? -9.766  4.240   16.905  1.00 30.74 ? 132 PHE A C   1 
ATOM   1042 O O   . PHE A 1 134 ? -10.776 3.526   16.918  1.00 33.42 ? 132 PHE A O   1 
ATOM   1043 C CB  . PHE A 1 134 ? -8.366  4.458   14.834  1.00 26.55 ? 132 PHE A CB  1 
ATOM   1044 C CG  . PHE A 1 134 ? -8.690  3.066   14.416  1.00 31.38 ? 132 PHE A CG  1 
ATOM   1045 C CD1 . PHE A 1 134 ? -9.444  2.839   13.282  1.00 35.74 ? 132 PHE A CD1 1 
ATOM   1046 C CD2 . PHE A 1 134 ? -8.246  1.984   15.156  1.00 32.85 ? 132 PHE A CD2 1 
ATOM   1047 C CE1 . PHE A 1 134 ? -9.745  1.545   12.887  1.00 32.53 ? 132 PHE A CE1 1 
ATOM   1048 C CE2 . PHE A 1 134 ? -8.551  0.685   14.762  1.00 38.71 ? 132 PHE A CE2 1 
ATOM   1049 C CZ  . PHE A 1 134 ? -9.305  0.476   13.632  1.00 32.82 ? 132 PHE A CZ  1 
ATOM   1050 N N   . LYS A 1 135 ? -8.907  4.277   17.931  1.00 29.19 ? 133 LYS A N   1 
ATOM   1051 C CA  . LYS A 1 135 ? -9.084  3.402   19.081  1.00 27.91 ? 133 LYS A CA  1 
ATOM   1052 C C   . LYS A 1 135 ? -10.272 3.829   19.934  1.00 33.97 ? 133 LYS A C   1 
ATOM   1053 O O   . LYS A 1 135 ? -11.043 2.984   20.403  1.00 35.00 ? 133 LYS A O   1 
ATOM   1054 C CB  . LYS A 1 135 ? -7.829  3.397   19.950  1.00 28.46 ? 133 LYS A CB  1 
ATOM   1055 C CG  . LYS A 1 135 ? -6.635  2.693   19.398  1.00 38.45 ? 133 LYS A CG  1 
ATOM   1056 C CD  . LYS A 1 135 ? -5.440  2.896   20.316  1.00 41.62 ? 133 LYS A CD  1 
ATOM   1057 C CE  . LYS A 1 135 ? -5.597  2.074   21.588  1.00 49.19 ? 133 LYS A CE  1 
ATOM   1058 N NZ  . LYS A 1 135 ? -4.339  1.320   21.907  1.00 57.10 ? 133 LYS A NZ  1 
ATOM   1059 N N   . TYR A 1 136 ? -10.417 5.133   20.165  1.00 29.20 ? 134 TYR A N   1 
ATOM   1060 C CA  . TYR A 1 136 ? -11.255 5.644   21.243  1.00 31.81 ? 134 TYR A CA  1 
ATOM   1061 C C   . TYR A 1 136 ? -12.495 6.390   20.787  1.00 36.23 ? 134 TYR A C   1 
ATOM   1062 O O   . TYR A 1 136 ? -13.349 6.712   21.627  1.00 36.55 ? 134 TYR A O   1 
ATOM   1063 C CB  . TYR A 1 136 ? -10.433 6.581   22.125  1.00 28.63 ? 134 TYR A CB  1 
ATOM   1064 C CG  . TYR A 1 136 ? -9.291  5.893   22.829  1.00 29.36 ? 134 TYR A CG  1 
ATOM   1065 C CD1 . TYR A 1 136 ? -7.989  6.341   22.676  1.00 29.24 ? 134 TYR A CD1 1 
ATOM   1066 C CD2 . TYR A 1 136 ? -9.520  4.812   23.656  1.00 29.20 ? 134 TYR A CD2 1 
ATOM   1067 C CE1 . TYR A 1 136 ? -6.958  5.733   23.327  1.00 30.46 ? 134 TYR A CE1 1 
ATOM   1068 C CE2 . TYR A 1 136 ? -8.492  4.192   24.302  1.00 33.22 ? 134 TYR A CE2 1 
ATOM   1069 C CZ  . TYR A 1 136 ? -7.211  4.649   24.129  1.00 33.89 ? 134 TYR A CZ  1 
ATOM   1070 O OH  . TYR A 1 136 ? -6.176  4.031   24.789  1.00 37.77 ? 134 TYR A OH  1 
ATOM   1071 N N   . ASN A 1 137 ? -12.597 6.726   19.513  1.00 30.89 ? 135 ASN A N   1 
ATOM   1072 C CA  . ASN A 1 137 ? -13.755 7.418   18.978  1.00 31.75 ? 135 ASN A CA  1 
ATOM   1073 C C   . ASN A 1 137 ? -13.939 6.938   17.540  1.00 28.54 ? 135 ASN A C   1 
ATOM   1074 O O   . ASN A 1 137 ? -13.831 7.693   16.587  1.00 31.82 ? 135 ASN A O   1 
ATOM   1075 C CB  . ASN A 1 137 ? -13.576 8.932   19.071  1.00 35.00 ? 135 ASN A CB  1 
ATOM   1076 C CG  . ASN A 1 137 ? -14.846 9.699   18.731  1.00 36.25 ? 135 ASN A CG  1 
ATOM   1077 O OD1 . ASN A 1 137 ? -15.895 9.115   18.452  1.00 38.03 ? 135 ASN A OD1 1 
ATOM   1078 N ND2 . ASN A 1 137 ? -14.750 11.020  18.747  1.00 36.60 ? 135 ASN A ND2 1 
ATOM   1079 N N   . LYS A 1 138 ? -14.244 5.657   17.396  1.00 31.07 ? 136 LYS A N   1 
ATOM   1080 C CA  . LYS A 1 138 ? -14.361 5.064   16.062  1.00 37.97 ? 136 LYS A CA  1 
ATOM   1081 C C   . LYS A 1 138 ? -15.345 5.800   15.163  1.00 39.92 ? 136 LYS A C   1 
ATOM   1082 O O   . LYS A 1 138 ? -14.986 6.072   14.006  1.00 33.27 ? 136 LYS A O   1 
ATOM   1083 C CB  . LYS A 1 138 ? -14.735 3.578   16.185  1.00 38.16 ? 136 LYS A CB  1 
ATOM   1084 C CG  . LYS A 1 138 ? -14.650 2.774   14.873  1.00 45.12 ? 136 LYS A CG  1 
ATOM   1085 C CD  . LYS A 1 138 ? -13.249 2.223   14.609  1.00 44.55 ? 136 LYS A CD  1 
ATOM   1086 C CE  . LYS A 1 138 ? -13.213 1.262   13.407  1.00 41.30 ? 136 LYS A CE  1 
ATOM   1087 N NZ  . LYS A 1 138 ? -13.047 -0.171  13.821  1.00 45.94 ? 136 LYS A NZ  1 
ATOM   1088 N N   . PRO A 1 139 ? -16.553 6.178   15.605  1.00 37.14 ? 137 PRO A N   1 
ATOM   1089 C CA  . PRO A 1 139 ? -17.447 6.898   14.682  1.00 36.25 ? 137 PRO A CA  1 
ATOM   1090 C C   . PRO A 1 139 ? -16.836 8.161   14.104  1.00 37.85 ? 137 PRO A C   1 
ATOM   1091 O O   . PRO A 1 139 ? -17.083 8.477   12.934  1.00 38.13 ? 137 PRO A O   1 
ATOM   1092 C CB  . PRO A 1 139 ? -18.674 7.204   15.556  1.00 39.30 ? 137 PRO A CB  1 
ATOM   1093 C CG  . PRO A 1 139 ? -18.675 6.128   16.580  1.00 38.36 ? 137 PRO A CG  1 
ATOM   1094 C CD  . PRO A 1 139 ? -17.221 5.902   16.895  1.00 42.35 ? 137 PRO A CD  1 
ATOM   1095 N N   . ALA A 1 140 ? -16.035 8.892   14.885  1.00 30.28 ? 138 ALA A N   1 
ATOM   1096 C CA  . ALA A 1 140 ? -15.408 10.106  14.368  1.00 30.65 ? 138 ALA A CA  1 
ATOM   1097 C C   . ALA A 1 140 ? -14.309 9.773   13.367  1.00 30.84 ? 138 ALA A C   1 
ATOM   1098 O O   . ALA A 1 140 ? -14.099 10.510  12.398  1.00 30.60 ? 138 ALA A O   1 
ATOM   1099 C CB  . ALA A 1 140 ? -14.826 10.928  15.507  1.00 32.66 ? 138 ALA A CB  1 
ATOM   1100 N N   . PHE A 1 141 ? -13.572 8.694   13.619  1.00 29.49 ? 139 PHE A N   1 
ATOM   1101 C CA  . PHE A 1 141 ? -12.549 8.259   12.672  1.00 27.51 ? 139 PHE A CA  1 
ATOM   1102 C C   . PHE A 1 141 ? -13.174 7.881   11.336  1.00 31.00 ? 139 PHE A C   1 
ATOM   1103 O O   . PHE A 1 141 ? -12.706 8.305   10.272  1.00 32.70 ? 139 PHE A O   1 
ATOM   1104 C CB  . PHE A 1 141 ? -11.762 7.084   13.245  1.00 27.25 ? 139 PHE A CB  1 
ATOM   1105 C CG  . PHE A 1 141 ? -10.937 6.378   12.196  1.00 29.89 ? 139 PHE A CG  1 
ATOM   1106 C CD1 . PHE A 1 141 ? -9.686  6.859   11.850  1.00 33.43 ? 139 PHE A CD1 1 
ATOM   1107 C CD2 . PHE A 1 141 ? -11.458 5.296   11.510  1.00 28.70 ? 139 PHE A CD2 1 
ATOM   1108 C CE1 . PHE A 1 141 ? -8.942  6.246   10.845  1.00 30.00 ? 139 PHE A CE1 1 
ATOM   1109 C CE2 . PHE A 1 141 ? -10.714 4.665   10.497  1.00 33.45 ? 139 PHE A CE2 1 
ATOM   1110 C CZ  . PHE A 1 141 ? -9.460  5.142   10.178  1.00 33.48 ? 139 PHE A CZ  1 
ATOM   1111 N N   . LEU A 1 142 ? -14.247 7.085   11.372  1.00 33.48 ? 140 LEU A N   1 
ATOM   1112 C CA  . LEU A 1 142 ? -14.902 6.683   10.128  1.00 35.80 ? 140 LEU A CA  1 
ATOM   1113 C C   . LEU A 1 142 ? -15.407 7.893   9.355   1.00 35.24 ? 140 LEU A C   1 
ATOM   1114 O O   . LEU A 1 142 ? -15.228 7.977   8.136   1.00 37.83 ? 140 LEU A O   1 
ATOM   1115 C CB  . LEU A 1 142 ? -16.039 5.711   10.423  1.00 33.20 ? 140 LEU A CB  1 
ATOM   1116 C CG  . LEU A 1 142 ? -15.585 4.392   11.056  1.00 40.04 ? 140 LEU A CG  1 
ATOM   1117 C CD1 . LEU A 1 142 ? -16.772 3.575   11.546  1.00 40.44 ? 140 LEU A CD1 1 
ATOM   1118 C CD2 . LEU A 1 142 ? -14.716 3.574   10.088  1.00 38.35 ? 140 LEU A CD2 1 
ATOM   1119 N N   . LYS A 1 143 ? -16.025 8.857   10.048  1.00 34.21 ? 141 LYS A N   1 
ATOM   1120 C CA  . LYS A 1 143 ? -16.514 10.038  9.350   1.00 32.91 ? 141 LYS A CA  1 
ATOM   1121 C C   . LYS A 1 143 ? -15.370 10.847  8.752   1.00 33.28 ? 141 LYS A C   1 
ATOM   1122 O O   . LYS A 1 143 ? -15.471 11.337  7.624   1.00 35.47 ? 141 LYS A O   1 
ATOM   1123 C CB  . LYS A 1 143 ? -17.352 10.916  10.289  1.00 35.14 ? 141 LYS A CB  1 
ATOM   1124 C CG  . LYS A 1 143 ? -17.811 12.208  9.625   1.00 44.24 ? 141 LYS A CG  1 
ATOM   1125 C CD  . LYS A 1 143 ? -19.039 12.815  10.320  1.00 48.22 ? 141 LYS A CD  1 
ATOM   1126 C CE  . LYS A 1 143 ? -19.238 14.276  9.929   1.00 56.33 ? 141 LYS A CE  1 
ATOM   1127 N NZ  . LYS A 1 143 ? -18.475 15.238  10.785  1.00 68.03 ? 141 LYS A NZ  1 
ATOM   1128 N N   . ASN A 1 144 ? -14.281 11.024  9.496   1.00 30.75 ? 142 ASN A N   1 
ATOM   1129 C CA  . ASN A 1 144 ? -13.159 11.773  8.945   1.00 29.97 ? 142 ASN A CA  1 
ATOM   1130 C C   . ASN A 1 144 ? -12.522 11.023  7.778   1.00 30.44 ? 142 ASN A C   1 
ATOM   1131 O O   . ASN A 1 144 ? -12.088 11.635  6.794   1.00 31.88 ? 142 ASN A O   1 
ATOM   1132 C CB  . ASN A 1 144 ? -12.125 12.044  10.035  1.00 33.61 ? 142 ASN A CB  1 
ATOM   1133 C CG  . ASN A 1 144 ? -12.480 13.255  10.864  1.00 38.72 ? 142 ASN A CG  1 
ATOM   1134 O OD1 . ASN A 1 144 ? -13.099 14.190  10.355  1.00 38.75 ? 142 ASN A OD1 1 
ATOM   1135 N ND2 . ASN A 1 144 ? -12.090 13.253  12.142  1.00 36.61 ? 142 ASN A ND2 1 
ATOM   1136 N N   . ALA A 1 145 ? -12.479 9.697   7.869   1.00 30.61 ? 143 ALA A N   1 
ATOM   1137 C CA  . ALA A 1 145 ? -11.883 8.896   6.798   1.00 31.12 ? 143 ALA A CA  1 
ATOM   1138 C C   . ALA A 1 145 ? -12.742 8.916   5.538   1.00 36.34 ? 143 ALA A C   1 
ATOM   1139 O O   . ALA A 1 145 ? -12.203 8.951   4.425   1.00 34.87 ? 143 ALA A O   1 
ATOM   1140 C CB  . ALA A 1 145 ? -11.665 7.468   7.283   1.00 27.12 ? 143 ALA A CB  1 
ATOM   1141 N N   . ARG A 1 146 ? -14.075 8.913   5.690   1.00 37.87 ? 144 ARG A N   1 
ATOM   1142 C CA  . ARG A 1 146 ? -14.954 9.080   4.534   1.00 35.27 ? 144 ARG A CA  1 
ATOM   1143 C C   . ARG A 1 146 ? -14.791 10.461  3.912   1.00 37.01 ? 144 ARG A C   1 
ATOM   1144 O O   . ARG A 1 146 ? -14.717 10.588  2.684   1.00 36.40 ? 144 ARG A O   1 
ATOM   1145 C CB  . ARG A 1 146 ? -16.415 8.843   4.932   1.00 35.24 ? 144 ARG A CB  1 
ATOM   1146 C CG  . ARG A 1 146 ? -16.727 7.408   5.319   1.00 40.30 ? 144 ARG A CG  1 
ATOM   1147 C CD  . ARG A 1 146 ? -18.219 7.144   5.537   1.00 39.53 ? 144 ARG A CD  1 
ATOM   1148 N NE  . ARG A 1 146 ? -18.777 7.998   6.581   1.00 47.72 ? 144 ARG A NE  1 
ATOM   1149 C CZ  . ARG A 1 146 ? -19.133 7.569   7.785   1.00 44.22 ? 144 ARG A CZ  1 
ATOM   1150 N NH1 . ARG A 1 146 ? -18.997 6.298   8.133   1.00 49.34 ? 144 ARG A NH1 1 
ATOM   1151 N NH2 . ARG A 1 146 ? -19.632 8.440   8.662   1.00 43.30 ? 144 ARG A NH2 1 
ATOM   1152 N N   . GLN A 1 147 ? -14.747 11.510  4.737   1.00 34.74 ? 145 GLN A N   1 
ATOM   1153 C CA  . GLN A 1 147 ? -14.622 12.858  4.193   1.00 33.90 ? 145 GLN A CA  1 
ATOM   1154 C C   . GLN A 1 147 ? -13.301 13.045  3.459   1.00 35.42 ? 145 GLN A C   1 
ATOM   1155 O O   . GLN A 1 147 ? -13.254 13.695  2.409   1.00 36.11 ? 145 GLN A O   1 
ATOM   1156 C CB  . GLN A 1 147 ? -14.760 13.896  5.312   1.00 35.99 ? 145 GLN A CB  1 
ATOM   1157 C CG  . GLN A 1 147 ? -16.182 14.066  5.774   1.00 41.34 ? 145 GLN A CG  1 
ATOM   1158 C CD  . GLN A 1 147 ? -16.302 14.999  6.963   1.00 47.74 ? 145 GLN A CD  1 
ATOM   1159 O OE1 . GLN A 1 147 ? -15.357 15.172  7.735   1.00 47.49 ? 145 GLN A OE1 1 
ATOM   1160 N NE2 . GLN A 1 147 ? -17.474 15.599  7.118   1.00 52.48 ? 145 GLN A NE2 1 
ATOM   1161 N N   A TRP A 1 148 ? -12.210 12.506  4.014   0.68 35.63 ? 146 TRP A N   1 
ATOM   1162 N N   B TRP A 1 148 ? -12.210 12.501  4.007   0.32 35.59 ? 146 TRP A N   1 
ATOM   1163 C CA  A TRP A 1 148 ? -10.921 12.558  3.328   0.68 35.55 ? 146 TRP A CA  1 
ATOM   1164 C CA  B TRP A 1 148 ? -10.930 12.577  3.310   0.32 35.51 ? 146 TRP A CA  1 
ATOM   1165 C C   A TRP A 1 148 ? -10.970 11.775  2.020   0.68 34.62 ? 146 TRP A C   1 
ATOM   1166 C C   B TRP A 1 148 ? -10.956 11.766  2.022   0.32 34.65 ? 146 TRP A C   1 
ATOM   1167 O O   A TRP A 1 148 ? -10.377 12.187  1.016   0.68 34.65 ? 146 TRP A O   1 
ATOM   1168 O O   B TRP A 1 148 ? -10.322 12.152  1.033   0.32 34.71 ? 146 TRP A O   1 
ATOM   1169 C CB  A TRP A 1 148 ? -9.817  12.022  4.248   0.68 31.15 ? 146 TRP A CB  1 
ATOM   1170 C CB  B TRP A 1 148 ? -9.797  12.103  4.224   0.32 31.30 ? 146 TRP A CB  1 
ATOM   1171 C CG  A TRP A 1 148 ? -8.436  12.618  4.023   0.68 34.84 ? 146 TRP A CG  1 
ATOM   1172 C CG  B TRP A 1 148 ? -9.145  13.218  4.993   0.32 34.94 ? 146 TRP A CG  1 
ATOM   1173 C CD1 A TRP A 1 148 ? -7.314  11.949  3.616   0.68 33.95 ? 146 TRP A CD1 1 
ATOM   1174 C CD1 B TRP A 1 148 ? -9.630  13.833  6.111   0.32 34.49 ? 146 TRP A CD1 1 
ATOM   1175 C CD2 A TRP A 1 148 ? -8.037  13.984  4.211   0.68 36.21 ? 146 TRP A CD2 1 
ATOM   1176 C CD2 B TRP A 1 148 ? -7.890  13.852  4.701   0.32 36.48 ? 146 TRP A CD2 1 
ATOM   1177 N NE1 A TRP A 1 148 ? -6.245  12.812  3.535   0.68 32.12 ? 146 TRP A NE1 1 
ATOM   1178 N NE1 B TRP A 1 148 ? -8.760  14.807  6.534   0.32 36.77 ? 146 TRP A NE1 1 
ATOM   1179 C CE2 A TRP A 1 148 ? -6.663  14.066  3.899   0.68 36.63 ? 146 TRP A CE2 1 
ATOM   1180 C CE2 B TRP A 1 148 ? -7.684  14.842  5.687   0.32 34.35 ? 146 TRP A CE2 1 
ATOM   1181 C CE3 A TRP A 1 148 ? -8.707  15.146  4.619   0.68 37.32 ? 146 TRP A CE3 1 
ATOM   1182 C CE3 B TRP A 1 148 ? -6.925  13.682  3.705   0.32 36.70 ? 146 TRP A CE3 1 
ATOM   1183 C CZ2 A TRP A 1 148 ? -5.953  15.263  3.968   0.68 36.11 ? 146 TRP A CZ2 1 
ATOM   1184 C CZ2 B TRP A 1 148 ? -6.553  15.655  5.704   0.32 35.07 ? 146 TRP A CZ2 1 
ATOM   1185 C CZ3 A TRP A 1 148 ? -7.996  16.330  4.690   0.68 38.13 ? 146 TRP A CZ3 1 
ATOM   1186 C CZ3 B TRP A 1 148 ? -5.799  14.493  3.725   0.32 37.15 ? 146 TRP A CZ3 1 
ATOM   1187 C CH2 A TRP A 1 148 ? -6.636  16.382  4.371   0.68 39.33 ? 146 TRP A CH2 1 
ATOM   1188 C CH2 B TRP A 1 148 ? -5.623  15.464  4.718   0.32 38.34 ? 146 TRP A CH2 1 
ATOM   1189 N N   . THR A 1 149 ? -11.692 10.652  2.009   1.00 33.22 ? 147 THR A N   1 
ATOM   1190 C CA  . THR A 1 149 ? -11.847 9.890   0.771   1.00 35.17 ? 147 THR A CA  1 
ATOM   1191 C C   . THR A 1 149 ? -12.648 10.688  -0.246  1.00 40.22 ? 147 THR A C   1 
ATOM   1192 O O   . THR A 1 149 ? -12.286 10.749  -1.425  1.00 38.42 ? 147 THR A O   1 
ATOM   1193 C CB  . THR A 1 149 ? -12.526 8.549   1.056   1.00 33.06 ? 147 THR A CB  1 
ATOM   1194 O OG1 . THR A 1 149 ? -11.711 7.780   1.949   1.00 29.37 ? 147 THR A OG1 1 
ATOM   1195 C CG2 . THR A 1 149 ? -12.767 7.749   -0.250  1.00 35.84 ? 147 THR A CG2 1 
ATOM   1196 N N   . GLU A 1 150 ? -13.726 11.334  0.205   1.00 38.25 ? 148 GLU A N   1 
ATOM   1197 C CA  . GLU A 1 150 ? -14.519 12.152  -0.704  1.00 38.14 ? 148 GLU A CA  1 
ATOM   1198 C C   . GLU A 1 150 ? -13.686 13.284  -1.279  1.00 35.52 ? 148 GLU A C   1 
ATOM   1199 O O   . GLU A 1 150 ? -13.758 13.576  -2.477  1.00 40.10 ? 148 GLU A O   1 
ATOM   1200 C CB  . GLU A 1 150 ? -15.748 12.703  0.025   1.00 40.55 ? 148 GLU A CB  1 
ATOM   1201 C CG  . GLU A 1 150 ? -16.742 13.429  -0.875  1.00 46.04 ? 148 GLU A CG  1 
ATOM   1202 C CD  . GLU A 1 150 ? -17.436 12.490  -1.851  1.00 63.15 ? 148 GLU A CD  1 
ATOM   1203 O OE1 . GLU A 1 150 ? -17.824 12.949  -2.949  1.00 68.10 ? 148 GLU A OE1 1 
ATOM   1204 O OE2 . GLU A 1 150 ? -17.592 11.294  -1.520  1.00 65.55 ? 148 GLU A OE2 1 
ATOM   1205 N N   . LYS A 1 151 ? -12.869 13.925  -0.448  1.00 38.13 ? 149 LYS A N   1 
ATOM   1206 C CA  . LYS A 1 151 ? -12.183 15.118  -0.918  1.00 39.54 ? 149 LYS A CA  1 
ATOM   1207 C C   . LYS A 1 151 ? -11.001 14.799  -1.826  1.00 42.24 ? 149 LYS A C   1 
ATOM   1208 O O   . LYS A 1 151 ? -10.697 15.594  -2.722  1.00 41.55 ? 149 LYS A O   1 
ATOM   1209 C CB  . LYS A 1 151 ? -11.725 15.970  0.267   1.00 45.18 ? 149 LYS A CB  1 
ATOM   1210 C CG  . LYS A 1 151 ? -10.922 17.189  -0.156  1.00 54.93 ? 149 LYS A CG  1 
ATOM   1211 C CD  . LYS A 1 151 ? -9.963  17.662  0.916   1.00 55.69 ? 149 LYS A CD  1 
ATOM   1212 C CE  . LYS A 1 151 ? -10.586 18.659  1.862   1.00 63.14 ? 149 LYS A CE  1 
ATOM   1213 N NZ  . LYS A 1 151 ? -10.218 20.038  1.420   1.00 68.40 ? 149 LYS A NZ  1 
ATOM   1214 N N   . HIS A 1 152 ? -10.337 13.647  -1.641  1.00 39.41 ? 150 HIS A N   1 
ATOM   1215 C CA  . HIS A 1 152 ? -9.075  13.390  -2.332  1.00 42.08 ? 150 HIS A CA  1 
ATOM   1216 C C   . HIS A 1 152 ? -9.029  12.133  -3.194  1.00 38.54 ? 150 HIS A C   1 
ATOM   1217 O O   . HIS A 1 152 ? -8.120  12.023  -4.022  1.00 41.90 ? 150 HIS A O   1 
ATOM   1218 C CB  . HIS A 1 152 ? -7.915  13.284  -1.330  1.00 38.92 ? 150 HIS A CB  1 
ATOM   1219 C CG  . HIS A 1 152 ? -7.585  14.569  -0.642  1.00 42.93 ? 150 HIS A CG  1 
ATOM   1220 N ND1 . HIS A 1 152 ? -6.910  15.597  -1.263  1.00 46.54 ? 150 HIS A ND1 1 
ATOM   1221 C CD2 . HIS A 1 152 ? -7.792  14.970  0.633   1.00 44.42 ? 150 HIS A CD2 1 
ATOM   1222 C CE1 . HIS A 1 152 ? -6.748  16.592  -0.411  1.00 50.57 ? 150 HIS A CE1 1 
ATOM   1223 N NE2 . HIS A 1 152 ? -7.265  16.233  0.750   1.00 48.58 ? 150 HIS A NE2 1 
ATOM   1224 N N   . ALA A 1 153 ? -9.937  11.177  -3.013  1.00 38.97 ? 151 ALA A N   1 
ATOM   1225 C CA  . ALA A 1 153 ? -9.835  9.894   -3.700  1.00 41.29 ? 151 ALA A CA  1 
ATOM   1226 C C   . ALA A 1 153 ? -11.036 9.582   -4.585  1.00 48.09 ? 151 ALA A C   1 
ATOM   1227 O O   . ALA A 1 153 ? -11.111 8.476   -5.128  1.00 39.64 ? 151 ALA A O   1 
ATOM   1228 C CB  . ALA A 1 153 ? -9.638  8.761   -2.688  1.00 35.40 ? 151 ALA A CB  1 
ATOM   1229 N N   . ARG A 1 154 ? -11.981 10.505  -4.743  1.00 47.46 ? 152 ARG A N   1 
ATOM   1230 C CA  . ARG A 1 154 ? -13.125 10.227  -5.615  1.00 57.81 ? 152 ARG A CA  1 
ATOM   1231 C C   . ARG A 1 154 ? -13.145 11.176  -6.810  1.00 60.32 ? 152 ARG A C   1 
ATOM   1232 O O   . ARG A 1 154 ? -12.170 11.266  -7.556  1.00 64.26 ? 152 ARG A O   1 
ATOM   1233 C CB  . ARG A 1 154 ? -14.448 10.324  -4.840  1.00 56.02 ? 152 ARG A CB  1 
ATOM   1234 C CG  . ARG A 1 154 ? -15.393 9.152   -5.118  1.00 66.54 ? 152 ARG A CG  1 
ATOM   1235 C CD  . ARG A 1 154 ? -16.849 9.472   -4.816  1.00 70.34 ? 152 ARG A CD  1 
ATOM   1236 N NE  . ARG A 1 154 ? -17.540 10.010  -5.984  1.00 80.90 ? 152 ARG A NE  1 
ATOM   1237 C CZ  . ARG A 1 154 ? -18.539 10.884  -5.931  1.00 79.86 ? 152 ARG A CZ  1 
ATOM   1238 N NH1 . ARG A 1 154 ? -19.117 11.345  -7.030  1.00 79.98 ? 152 ARG A NH1 1 
ATOM   1239 N NH2 . ARG A 1 154 ? -18.964 11.312  -4.745  1.00 76.38 ? 152 ARG A NH2 1 
HETATM 1240 C C22 . V6C B 2 .   ? 7.699   -2.456  10.631  1.00 40.42 ? 201 V6C A C22 1 
HETATM 1241 C C23 . V6C B 2 .   ? 7.515   -3.681  11.271  1.00 43.64 ? 201 V6C A C23 1 
HETATM 1242 C C24 . V6C B 2 .   ? 6.766   -3.773  12.443  1.00 48.77 ? 201 V6C A C24 1 
HETATM 1243 C C01 . V6C B 2 .   ? 4.672   -3.904  14.259  1.00 58.48 ? 201 V6C A C01 1 
HETATM 1244 C C03 . V6C B 2 .   ? 6.202   -2.610  12.977  1.00 51.11 ? 201 V6C A C03 1 
HETATM 1245 C C04 . V6C B 2 .   ? 6.394   -1.376  12.332  1.00 44.15 ? 201 V6C A C04 1 
HETATM 1246 C C05 . V6C B 2 .   ? 7.147   -1.303  11.167  1.00 45.43 ? 201 V6C A C05 1 
HETATM 1247 C C07 . V6C B 2 .   ? 6.475   1.000   10.529  1.00 38.11 ? 201 V6C A C07 1 
HETATM 1248 N N06 . V6C B 2 .   ? 7.324   -0.022  10.492  1.00 45.39 ? 201 V6C A N06 1 
HETATM 1249 N N19 . V6C B 2 .   ? 6.937   2.004   9.788   1.00 43.07 ? 201 V6C A N19 1 
HETATM 1250 N N20 . V6C B 2 .   ? 8.142   1.627   9.248   1.00 43.76 ? 201 V6C A N20 1 
HETATM 1251 N N21 . V6C B 2 .   ? 8.368   0.357   9.701   1.00 41.65 ? 201 V6C A N21 1 
HETATM 1252 O O02 . V6C B 2 .   ? 5.444   -2.717  14.163  1.00 60.16 ? 201 V6C A O02 1 
HETATM 1253 C C1  . EDO C 3 .   ? 2.633   -2.077  10.963  1.00 46.08 ? 202 EDO A C1  1 
HETATM 1254 O O1  . EDO C 3 .   ? 1.293   -1.745  10.546  1.00 32.57 ? 202 EDO A O1  1 
HETATM 1255 C C2  . EDO C 3 .   ? 2.790   -3.558  11.316  1.00 44.85 ? 202 EDO A C2  1 
HETATM 1256 O O2  . EDO C 3 .   ? 2.829   -4.404  10.159  1.00 34.53 ? 202 EDO A O2  1 
HETATM 1257 O O   . HOH D 4 .   ? -9.312  -2.543  1.916   1.00 34.71 ? 301 HOH A O   1 
HETATM 1258 O O   . HOH D 4 .   ? -7.723  8.701   -6.929  1.00 39.20 ? 302 HOH A O   1 
HETATM 1259 O O   . HOH D 4 .   ? 1.731   -7.960  7.108   1.00 44.21 ? 303 HOH A O   1 
HETATM 1260 O O   . HOH D 4 .   ? -11.419 13.174  16.928  1.00 40.42 ? 304 HOH A O   1 
HETATM 1261 O O   . HOH D 4 .   ? -14.772 0.693   -3.775  1.00 46.87 ? 305 HOH A O   1 
HETATM 1262 O O   . HOH D 4 .   ? -15.940 6.248   1.307   1.00 39.50 ? 306 HOH A O   1 
HETATM 1263 O O   . HOH D 4 .   ? 3.527   10.380  -1.586  1.00 44.21 ? 307 HOH A O   1 
HETATM 1264 O O   . HOH D 4 .   ? -9.952  -3.203  -2.409  1.00 40.03 ? 308 HOH A O   1 
HETATM 1265 O O   . HOH D 4 .   ? 1.761   4.985   -17.951 1.00 42.26 ? 309 HOH A O   1 
HETATM 1266 O O   . HOH D 4 .   ? -5.340  10.364  -6.549  1.00 38.75 ? 310 HOH A O   1 
HETATM 1267 O O   . HOH D 4 .   ? -9.392  15.856  8.849   1.00 51.01 ? 311 HOH A O   1 
HETATM 1268 O O   . HOH D 4 .   ? -1.762  -2.265  16.204  1.00 50.06 ? 312 HOH A O   1 
HETATM 1269 O O   . HOH D 4 .   ? 14.002  3.121   -13.047 1.00 52.06 ? 313 HOH A O   1 
HETATM 1270 O O   . HOH D 4 .   ? -7.119  -8.594  -3.156  1.00 35.63 ? 314 HOH A O   1 
HETATM 1271 O O   . HOH D 4 .   ? 6.277   4.168   2.421   1.00 26.94 ? 315 HOH A O   1 
HETATM 1272 O O   . HOH D 4 .   ? -3.177  9.524   7.275   1.00 26.82 ? 316 HOH A O   1 
HETATM 1273 O O   . HOH D 4 .   ? 10.018  -0.755  1.474   1.00 32.26 ? 317 HOH A O   1 
HETATM 1274 O O   . HOH D 4 .   ? 0.175   -4.353  -15.657 1.00 34.92 ? 318 HOH A O   1 
HETATM 1275 O O   . HOH D 4 .   ? -2.386  -11.516 -3.181  1.00 35.48 ? 319 HOH A O   1 
HETATM 1276 O O   . HOH D 4 .   ? 1.344   5.521   -14.900 1.00 43.39 ? 320 HOH A O   1 
HETATM 1277 O O   . HOH D 4 .   ? 7.370   2.193   3.998   1.00 32.99 ? 321 HOH A O   1 
HETATM 1278 O O   . HOH D 4 .   ? -2.628  -5.140  -12.865 1.00 31.06 ? 322 HOH A O   1 
HETATM 1279 O O   . HOH D 4 .   ? 6.057   10.924  9.225   0.50 31.65 ? 323 HOH A O   1 
HETATM 1280 O O   . HOH D 4 .   ? -0.793  -15.831 -16.433 1.00 37.96 ? 324 HOH A O   1 
HETATM 1281 O O   . HOH D 4 .   ? -7.052  12.111  18.331  1.00 31.46 ? 325 HOH A O   1 
HETATM 1282 O O   . HOH D 4 .   ? 18.031  0.848   -5.365  1.00 42.63 ? 326 HOH A O   1 
HETATM 1283 O O   . HOH D 4 .   ? 3.969   -9.822  -8.101  1.00 31.41 ? 327 HOH A O   1 
HETATM 1284 O O   . HOH D 4 .   ? 17.759  -5.722  -13.204 1.00 42.48 ? 328 HOH A O   1 
HETATM 1285 O O   . HOH D 4 .   ? 15.233  1.498   -8.542  1.00 48.58 ? 329 HOH A O   1 
HETATM 1286 O O   . HOH D 4 .   ? 14.255  -11.785 4.403   1.00 34.93 ? 330 HOH A O   1 
HETATM 1287 O O   . HOH D 4 .   ? -8.589  9.978   0.952   1.00 32.85 ? 331 HOH A O   1 
HETATM 1288 O O   . HOH D 4 .   ? 9.001   -3.837  -19.898 1.00 46.46 ? 332 HOH A O   1 
HETATM 1289 O O   . HOH D 4 .   ? -7.879  -6.004  -10.124 1.00 35.08 ? 333 HOH A O   1 
HETATM 1290 O O   . HOH D 4 .   ? -3.795  5.152   24.017  1.00 51.79 ? 334 HOH A O   1 
HETATM 1291 O O   . HOH D 4 .   ? 15.001  -11.959 -18.764 1.00 46.02 ? 335 HOH A O   1 
HETATM 1292 O O   . HOH D 4 .   ? 7.061   -16.553 2.340   1.00 46.65 ? 336 HOH A O   1 
HETATM 1293 O O   . HOH D 4 .   ? 7.121   11.610  5.568   1.00 40.06 ? 337 HOH A O   1 
HETATM 1294 O O   . HOH D 4 .   ? -10.283 -0.069  1.969   1.00 32.98 ? 338 HOH A O   1 
HETATM 1295 O O   . HOH D 4 .   ? -0.534  -10.554 1.059   1.00 33.63 ? 339 HOH A O   1 
HETATM 1296 O O   . HOH D 4 .   ? -18.441 10.057  17.883  1.00 49.19 ? 340 HOH A O   1 
HETATM 1297 O O   . HOH D 4 .   ? 9.007   5.506   -15.795 1.00 48.34 ? 341 HOH A O   1 
HETATM 1298 O O   . HOH D 4 .   ? -7.892  -3.212  13.088  1.00 42.57 ? 342 HOH A O   1 
HETATM 1299 O O   . HOH D 4 .   ? -11.694 0.870   16.994  1.00 45.88 ? 343 HOH A O   1 
HETATM 1300 O O   . HOH D 4 .   ? 18.955  -1.622  -3.595  1.00 43.86 ? 344 HOH A O   1 
HETATM 1301 O O   . HOH D 4 .   ? -16.018 6.641   22.541  1.00 48.69 ? 345 HOH A O   1 
HETATM 1302 O O   . HOH D 4 .   ? 15.000  -4.035  11.665  1.00 43.02 ? 346 HOH A O   1 
HETATM 1303 O O   . HOH D 4 .   ? 2.364   8.798   -11.228 1.00 43.21 ? 347 HOH A O   1 
HETATM 1304 O O   . HOH D 4 .   ? 9.567   3.177   5.250   1.00 48.61 ? 348 HOH A O   1 
HETATM 1305 O O   . HOH D 4 .   ? -19.540 8.245   11.488  1.00 51.95 ? 349 HOH A O   1 
HETATM 1306 O O   . HOH D 4 .   ? 7.816   4.900   -3.446  1.00 31.68 ? 350 HOH A O   1 
HETATM 1307 O O   . HOH D 4 .   ? -5.719  12.804  -5.315  1.00 45.12 ? 351 HOH A O   1 
HETATM 1308 O O   . HOH D 4 .   ? -6.331  -7.646  1.147   1.00 33.45 ? 352 HOH A O   1 
HETATM 1309 O O   . HOH D 4 .   ? -14.661 3.855   19.561  1.00 48.75 ? 353 HOH A O   1 
HETATM 1310 O O   . HOH D 4 .   ? -1.613  10.519  3.003   1.00 32.62 ? 354 HOH A O   1 
HETATM 1311 O O   . HOH D 4 .   ? 2.736   -2.806  -17.099 1.00 32.25 ? 355 HOH A O   1 
HETATM 1312 O O   . HOH D 4 .   ? 3.627   12.726  -4.031  1.00 57.52 ? 356 HOH A O   1 
HETATM 1313 O O   . HOH D 4 .   ? -11.262 -6.511  -8.704  1.00 46.16 ? 357 HOH A O   1 
HETATM 1314 O O   . HOH D 4 .   ? 8.518   2.749   -16.085 1.00 33.88 ? 358 HOH A O   1 
HETATM 1315 O O   . HOH D 4 .   ? -17.640 4.225   6.662   1.00 45.20 ? 359 HOH A O   1 
HETATM 1316 O O   . HOH D 4 .   ? 2.239   -5.970  -16.959 1.00 30.72 ? 360 HOH A O   1 
HETATM 1317 O O   . HOH D 4 .   ? -3.482  5.866   21.473  1.00 53.92 ? 361 HOH A O   1 
HETATM 1318 O O   . HOH D 4 .   ? -16.245 8.877   0.928   1.00 47.70 ? 362 HOH A O   1 
HETATM 1319 O O   . HOH D 4 .   ? 7.073   -0.175  6.640   1.00 39.58 ? 363 HOH A O   1 
HETATM 1320 O O   . HOH D 4 .   ? -13.659 2.191   -5.363  1.00 45.85 ? 364 HOH A O   1 
HETATM 1321 O O   . HOH D 4 .   ? -6.891  13.311  13.689  1.00 45.71 ? 365 HOH A O   1 
HETATM 1322 O O   . HOH D 4 .   ? -4.911  5.395   -10.299 1.00 41.70 ? 366 HOH A O   1 
HETATM 1323 O O   . HOH D 4 .   ? 9.712   -19.049 2.089   1.00 50.38 ? 367 HOH A O   1 
HETATM 1324 O O   . HOH D 4 .   ? -7.487  -1.521  -8.913  1.00 28.52 ? 368 HOH A O   1 
HETATM 1325 O O   . HOH D 4 .   ? 8.211   1.364   1.285   1.00 31.50 ? 369 HOH A O   1 
HETATM 1326 O O   . HOH D 4 .   ? 18.957  -8.723  1.994   1.00 42.44 ? 370 HOH A O   1 
HETATM 1327 O O   . HOH D 4 .   ? -1.713  -6.336  6.361   1.00 37.68 ? 371 HOH A O   1 
HETATM 1328 O O   . HOH D 4 .   ? -9.088  8.760   3.537   1.00 31.22 ? 372 HOH A O   1 
HETATM 1329 O O   . HOH D 4 .   ? 10.757  -11.394 10.718  1.00 44.08 ? 373 HOH A O   1 
HETATM 1330 O O   . HOH D 4 .   ? -14.232 7.319   -7.488  1.00 55.78 ? 374 HOH A O   1 
HETATM 1331 O O   . HOH D 4 .   ? -0.415  -10.958 -9.497  1.00 37.62 ? 375 HOH A O   1 
HETATM 1332 O O   . HOH D 4 .   ? 1.798   -14.137 -5.354  1.00 42.81 ? 376 HOH A O   1 
HETATM 1333 O O   . HOH D 4 .   ? 12.689  5.376   -14.077 1.00 51.62 ? 377 HOH A O   1 
HETATM 1334 O O   . HOH D 4 .   ? -11.784 13.545  -4.922  1.00 49.59 ? 378 HOH A O   1 
HETATM 1335 O O   . HOH D 4 .   ? -8.710  -8.894  -10.093 1.00 41.54 ? 379 HOH A O   1 
HETATM 1336 O O   . HOH D 4 .   ? 2.793   13.371  8.287   1.00 32.93 ? 380 HOH A O   1 
HETATM 1337 O O   . HOH D 4 .   ? -1.094  -18.806 -10.013 1.00 50.88 ? 381 HOH A O   1 
HETATM 1338 O O   . HOH D 4 .   ? 17.507  -15.538 -15.316 1.00 49.13 ? 382 HOH A O   1 
HETATM 1339 O O   . HOH D 4 .   ? 6.668   9.667   1.213   1.00 43.49 ? 383 HOH A O   1 
HETATM 1340 O O   . HOH D 4 .   ? 7.780   -14.742 -4.887  1.00 44.59 ? 384 HOH A O   1 
HETATM 1341 O O   . HOH D 4 .   ? -2.111  14.687  3.058   1.00 47.05 ? 385 HOH A O   1 
HETATM 1342 O O   . HOH D 4 .   ? -0.544  13.030  15.074  1.00 44.56 ? 386 HOH A O   1 
HETATM 1343 O O   . HOH D 4 .   ? -2.185  12.131  13.520  1.00 30.04 ? 387 HOH A O   1 
HETATM 1344 O O   . HOH D 4 .   ? -1.348  -5.733  8.796   1.00 47.67 ? 388 HOH A O   1 
HETATM 1345 O O   . HOH D 4 .   ? -3.109  12.599  4.013   1.00 34.78 ? 389 HOH A O   1 
HETATM 1346 O O   . HOH D 4 .   ? 13.255  3.219   -10.280 1.00 45.24 ? 390 HOH A O   1 
HETATM 1347 O O   . HOH D 4 .   ? 7.580   4.160   7.164   1.00 50.44 ? 391 HOH A O   1 
HETATM 1348 O O   . HOH D 4 .   ? -18.392 3.920   4.187   1.00 51.96 ? 392 HOH A O   1 
HETATM 1349 O O   . HOH D 4 .   ? 12.217  0.445   2.425   1.00 47.00 ? 393 HOH A O   1 
HETATM 1350 O O   . HOH D 4 .   ? -16.750 1.462   7.438   1.00 46.95 ? 394 HOH A O   1 
HETATM 1351 O O   . HOH D 4 .   ? -14.821 -0.030  9.002   1.00 47.09 ? 395 HOH A O   1 
HETATM 1352 O O   . HOH D 4 .   ? -9.272  -3.489  -9.395  1.00 38.82 ? 396 HOH A O   1 
HETATM 1353 O O   . HOH D 4 .   ? -5.368  12.650  20.384  1.00 42.80 ? 397 HOH A O   1 
HETATM 1354 O O   . HOH D 4 .   ? 3.225   -12.075 -8.549  1.00 43.05 ? 398 HOH A O   1 
HETATM 1355 O O   . HOH D 4 .   ? -18.801 10.174  1.774   1.00 51.97 ? 399 HOH A O   1 
HETATM 1356 O O   . HOH D 4 .   ? -3.344  12.246  6.845   1.00 36.23 ? 400 HOH A O   1 
HETATM 1357 O O   . HOH D 4 .   ? 9.567   3.530   0.728   1.00 34.29 ? 401 HOH A O   1 
HETATM 1358 O O   . HOH D 4 .   ? -18.318 11.931  3.518   1.00 51.72 ? 402 HOH A O   1 
HETATM 1359 O O   . HOH D 4 .   ? 0.161   -14.776 -0.401  1.00 48.26 ? 403 HOH A O   1 
HETATM 1360 O O   . HOH D 4 .   ? -2.564  -9.935  2.940   1.00 35.08 ? 404 HOH A O   1 
HETATM 1361 O O   . HOH D 4 .   ? 1.275   15.142  9.657   1.00 38.48 ? 405 HOH A O   1 
HETATM 1362 O O   . HOH D 4 .   ? 1.775   -12.028 2.448   1.00 50.56 ? 406 HOH A O   1 
HETATM 1363 O O   . HOH D 4 .   ? 2.450   -14.522 1.109   1.00 47.32 ? 407 HOH A O   1 
HETATM 1364 O O   . HOH D 4 .   ? -1.462  -12.460 -0.586  1.00 37.27 ? 408 HOH A O   1 
HETATM 1365 O O   . HOH D 4 .   ? -0.702  -12.786 -5.048  1.00 42.59 ? 409 HOH A O   1 
HETATM 1366 O O   . HOH D 4 .   ? -18.487 5.505   2.358   1.00 48.21 ? 410 HOH A O   1 
HETATM 1367 O O   . HOH D 4 .   ? 8.917   5.533   -0.950  1.00 48.63 ? 411 HOH A O   1 
HETATM 1368 O O   . HOH D 4 .   ? -3.860  13.981  12.486  1.00 45.98 ? 412 HOH A O   1 
HETATM 1369 O O   . HOH D 4 .   ? 7.930   6.312   1.589   1.00 34.95 ? 413 HOH A O   1 
HETATM 1370 O O   . HOH D 4 .   ? 8.230   11.484  3.207   1.00 48.40 ? 414 HOH A O   1 
HETATM 1371 O O   . HOH D 4 .   ? -5.312  -13.269 -6.013  1.00 47.86 ? 415 HOH A O   1 
HETATM 1372 O O   . HOH D 4 .   ? 6.326   14.405  5.766   0.50 49.15 ? 416 HOH A O   1 
HETATM 1373 O O   . HOH D 4 .   ? 10.131  5.816   3.437   1.00 51.32 ? 417 HOH A O   1 
HETATM 1374 O O   . HOH D 4 .   ? -4.716  -12.708 -3.911  1.00 42.78 ? 418 HOH A O   1 
HETATM 1375 O O   . HOH D 4 .   ? 21.951  -0.940  -3.269  1.00 56.90 ? 419 HOH A O   1 
HETATM 1376 O O   . HOH D 4 .   ? -6.188  -10.147 1.912   1.00 43.49 ? 420 HOH A O   1 
HETATM 1377 O O   . HOH D 4 .   ? -6.752  -11.154 -2.495  1.00 44.21 ? 421 HOH A O   1 
HETATM 1378 O O   . HOH D 4 .   ? -4.386  -11.529 2.802   1.00 44.85 ? 422 HOH A O   1 
HETATM 1379 O O   . HOH D 4 .   ? -3.745  -13.394 0.593   1.00 50.66 ? 423 HOH A O   1 
# 
loop_
_pdbx_poly_seq_scheme.asym_id 
_pdbx_poly_seq_scheme.entity_id 
_pdbx_poly_seq_scheme.seq_id 
_pdbx_poly_seq_scheme.mon_id 
_pdbx_poly_seq_scheme.ndb_seq_num 
_pdbx_poly_seq_scheme.pdb_seq_num 
_pdbx_poly_seq_scheme.auth_seq_num 
_pdbx_poly_seq_scheme.pdb_mon_id 
_pdbx_poly_seq_scheme.auth_mon_id 
_pdbx_poly_seq_scheme.pdb_strand_id 
_pdbx_poly_seq_scheme.pdb_ins_code 
_pdbx_poly_seq_scheme.hetero 
A 1 1   GLY 1   -1  ?   ?   ?   A . n 
A 1 2   SER 2   0   0   SER SER A . n 
A 1 3   MET 3   1   1   MET MET A . n 
A 1 4   GLN 4   2   2   GLN GLN A . n 
A 1 5   ARG 5   3   3   ARG ARG A . n 
A 1 6   ALA 6   4   4   ALA ALA A . n 
A 1 7   SER 7   5   5   SER SER A . n 
A 1 8   ARG 8   6   6   ARG ARG A . n 
A 1 9   LEU 9   7   7   LEU LEU A . n 
A 1 10  LYS 10  8   8   LYS LYS A . n 
A 1 11  ARG 11  9   9   ARG ARG A . n 
A 1 12  GLU 12  10  10  GLU GLU A . n 
A 1 13  LEU 13  11  11  LEU LEU A . n 
A 1 14  HIS 14  12  12  HIS HIS A . n 
A 1 15  MET 15  13  13  MET MET A . n 
A 1 16  LEU 16  14  14  LEU LEU A . n 
A 1 17  ALA 17  15  15  ALA ALA A . n 
A 1 18  THR 18  16  16  THR THR A . n 
A 1 19  GLU 19  17  17  GLU GLU A . n 
A 1 20  PRO 20  18  18  PRO PRO A . n 
A 1 21  PRO 21  19  19  PRO PRO A . n 
A 1 22  PRO 22  20  20  PRO PRO A . n 
A 1 23  GLY 23  21  21  GLY GLY A . n 
A 1 24  ILE 24  22  22  ILE ILE A . n 
A 1 25  THR 25  23  23  THR THR A . n 
A 1 26  CYS 26  24  24  CYS CYS A . n 
A 1 27  TRP 27  25  25  TRP TRP A . n 
A 1 28  GLN 28  26  26  GLN GLN A . n 
A 1 29  ASP 29  27  27  ASP ASP A . n 
A 1 30  LYS 30  28  28  LYS LYS A . n 
A 1 31  ASP 31  29  29  ASP ASP A . n 
A 1 32  GLN 32  30  30  GLN GLN A . n 
A 1 33  MET 33  31  31  MET MET A . n 
A 1 34  ASP 34  32  32  ASP ASP A . n 
A 1 35  ASP 35  33  33  ASP ASP A . n 
A 1 36  LEU 36  34  34  LEU LEU A . n 
A 1 37  ARG 37  35  35  ARG ARG A . n 
A 1 38  ALA 38  36  36  ALA ALA A . n 
A 1 39  GLN 39  37  37  GLN GLN A . n 
A 1 40  ILE 40  38  38  ILE ILE A . n 
A 1 41  LEU 41  39  39  LEU LEU A . n 
A 1 42  GLY 42  40  40  GLY GLY A . n 
A 1 43  GLY 43  41  41  GLY GLY A . n 
A 1 44  ALA 44  42  42  ALA ALA A . n 
A 1 45  ASN 45  43  43  ASN ASN A . n 
A 1 46  THR 46  44  44  THR THR A . n 
A 1 47  PRO 47  45  45  PRO PRO A . n 
A 1 48  TYR 48  46  46  TYR TYR A . n 
A 1 49  GLU 49  47  47  GLU GLU A . n 
A 1 50  LYS 50  48  48  LYS LYS A . n 
A 1 51  GLY 51  49  49  GLY GLY A . n 
A 1 52  VAL 52  50  50  VAL VAL A . n 
A 1 53  PHE 53  51  51  PHE PHE A . n 
A 1 54  LYS 54  52  52  LYS LYS A . n 
A 1 55  LEU 55  53  53  LEU LEU A . n 
A 1 56  GLU 56  54  54  GLU GLU A . n 
A 1 57  VAL 57  55  55  VAL VAL A . n 
A 1 58  ILE 58  56  56  ILE ILE A . n 
A 1 59  ILE 59  57  57  ILE ILE A . n 
A 1 60  PRO 60  58  58  PRO PRO A . n 
A 1 61  GLU 61  59  59  GLU GLU A . n 
A 1 62  ARG 62  60  60  ARG ARG A . n 
A 1 63  TYR 63  61  61  TYR TYR A . n 
A 1 64  PRO 64  62  62  PRO PRO A . n 
A 1 65  PHE 65  63  63  PHE PHE A . n 
A 1 66  GLU 66  64  64  GLU GLU A . n 
A 1 67  PRO 67  65  65  PRO PRO A . n 
A 1 68  PRO 68  66  66  PRO PRO A . n 
A 1 69  GLN 69  67  67  GLN GLN A . n 
A 1 70  ILE 70  68  68  ILE ILE A . n 
A 1 71  ARG 71  69  69  ARG ARG A . n 
A 1 72  PHE 72  70  70  PHE PHE A . n 
A 1 73  LEU 73  71  71  LEU LEU A . n 
A 1 74  THR 74  72  72  THR THR A . n 
A 1 75  PRO 75  73  73  PRO PRO A . n 
A 1 76  ILE 76  74  74  ILE ILE A . n 
A 1 77  TYR 77  75  75  TYR TYR A . n 
A 1 78  HIS 78  76  76  HIS HIS A . n 
A 1 79  PRO 79  77  77  PRO PRO A . n 
A 1 80  ASN 80  78  78  ASN ASN A . n 
A 1 81  ILE 81  79  79  ILE ILE A . n 
A 1 82  ASP 82  80  80  ASP ASP A . n 
A 1 83  SER 83  81  81  SER SER A . n 
A 1 84  ALA 84  82  82  ALA ALA A . n 
A 1 85  GLY 85  83  83  GLY GLY A . n 
A 1 86  ARG 86  84  84  ARG ARG A . n 
A 1 87  ILE 87  85  85  ILE ILE A . n 
A 1 88  CYS 88  86  86  CYS CYS A . n 
A 1 89  LEU 89  87  87  LEU LEU A . n 
A 1 90  ASP 90  88  88  ASP ASP A . n 
A 1 91  VAL 91  89  89  VAL VAL A . n 
A 1 92  LEU 92  90  90  LEU LEU A . n 
A 1 93  LYS 93  91  91  LYS LYS A . n 
A 1 94  LEU 94  92  92  LEU LEU A . n 
A 1 95  PRO 95  93  93  PRO PRO A . n 
A 1 96  PRO 96  94  94  PRO PRO A . n 
A 1 97  LYS 97  95  95  LYS LYS A . n 
A 1 98  GLY 98  96  96  GLY GLY A . n 
A 1 99  ALA 99  97  97  ALA ALA A . n 
A 1 100 TRP 100 98  98  TRP TRP A . n 
A 1 101 ARG 101 99  99  ARG ARG A . n 
A 1 102 PRO 102 100 100 PRO PRO A . n 
A 1 103 SER 103 101 101 SER SER A . n 
A 1 104 LEU 104 102 102 LEU LEU A . n 
A 1 105 ASN 105 103 103 ASN ASN A . n 
A 1 106 ILE 106 104 104 ILE ILE A . n 
A 1 107 ALA 107 105 105 ALA ALA A . n 
A 1 108 THR 108 106 106 THR THR A . n 
A 1 109 VAL 109 107 107 VAL VAL A . n 
A 1 110 LEU 110 108 108 LEU LEU A . n 
A 1 111 THR 111 109 109 THR THR A . n 
A 1 112 SER 112 110 110 SER SER A . n 
A 1 113 ILE 113 111 111 ILE ILE A . n 
A 1 114 GLN 114 112 112 GLN GLN A . n 
A 1 115 LEU 115 113 113 LEU LEU A . n 
A 1 116 LEU 116 114 114 LEU LEU A . n 
A 1 117 MET 117 115 115 MET MET A . n 
A 1 118 SER 118 116 116 SER SER A . n 
A 1 119 GLU 119 117 117 GLU GLU A . n 
A 1 120 PRO 120 118 118 PRO PRO A . n 
A 1 121 ASN 121 119 119 ASN ASN A . n 
A 1 122 PRO 122 120 120 PRO PRO A . n 
A 1 123 ASP 123 121 121 ASP ASP A . n 
A 1 124 ASP 124 122 122 ASP ASP A . n 
A 1 125 PRO 125 123 123 PRO PRO A . n 
A 1 126 LEU 126 124 124 LEU LEU A . n 
A 1 127 MET 127 125 125 MET MET A . n 
A 1 128 ALA 128 126 126 ALA ALA A . n 
A 1 129 ASP 129 127 127 ASP ASP A . n 
A 1 130 ILE 130 128 128 ILE ILE A . n 
A 1 131 SER 131 129 129 SER SER A . n 
A 1 132 SER 132 130 130 SER SER A . n 
A 1 133 GLU 133 131 131 GLU GLU A . n 
A 1 134 PHE 134 132 132 PHE PHE A . n 
A 1 135 LYS 135 133 133 LYS LYS A . n 
A 1 136 TYR 136 134 134 TYR TYR A . n 
A 1 137 ASN 137 135 135 ASN ASN A . n 
A 1 138 LYS 138 136 136 LYS LYS A . n 
A 1 139 PRO 139 137 137 PRO PRO A . n 
A 1 140 ALA 140 138 138 ALA ALA A . n 
A 1 141 PHE 141 139 139 PHE PHE A . n 
A 1 142 LEU 142 140 140 LEU LEU A . n 
A 1 143 LYS 143 141 141 LYS LYS A . n 
A 1 144 ASN 144 142 142 ASN ASN A . n 
A 1 145 ALA 145 143 143 ALA ALA A . n 
A 1 146 ARG 146 144 144 ARG ARG A . n 
A 1 147 GLN 147 145 145 GLN GLN A . n 
A 1 148 TRP 148 146 146 TRP TRP A . n 
A 1 149 THR 149 147 147 THR THR A . n 
A 1 150 GLU 150 148 148 GLU GLU A . n 
A 1 151 LYS 151 149 149 LYS LYS A . n 
A 1 152 HIS 152 150 150 HIS HIS A . n 
A 1 153 ALA 153 151 151 ALA ALA A . n 
A 1 154 ARG 154 152 152 ARG ARG A . n 
A 1 155 GLN 155 153 ?   ?   ?   A . n 
A 1 156 LYS 156 154 ?   ?   ?   A . n 
# 
_pdbx_contact_author.id                 2 
_pdbx_contact_author.email              bnithya@eddc.a-star.edu.sg 
_pdbx_contact_author.name_first         Nithya 
_pdbx_contact_author.name_last          Baburajendran 
_pdbx_contact_author.name_mi            ? 
_pdbx_contact_author.role               'principal investigator/group leader' 
_pdbx_contact_author.identifier_ORCID   0000-0002-7013-9580 
# 
loop_
_pdbx_nonpoly_scheme.asym_id 
_pdbx_nonpoly_scheme.entity_id 
_pdbx_nonpoly_scheme.mon_id 
_pdbx_nonpoly_scheme.ndb_seq_num 
_pdbx_nonpoly_scheme.pdb_seq_num 
_pdbx_nonpoly_scheme.auth_seq_num 
_pdbx_nonpoly_scheme.pdb_mon_id 
_pdbx_nonpoly_scheme.auth_mon_id 
_pdbx_nonpoly_scheme.pdb_strand_id 
_pdbx_nonpoly_scheme.pdb_ins_code 
B 2 V6C 1   201 201 V6C 615 A . 
C 3 EDO 1   202 1   EDO EDO A . 
D 4 HOH 1   301 17  HOH HOH A . 
D 4 HOH 2   302 67  HOH HOH A . 
D 4 HOH 3   303 110 HOH HOH A . 
D 4 HOH 4   304 66  HOH HOH A . 
D 4 HOH 5   305 50  HOH HOH A . 
D 4 HOH 6   306 42  HOH HOH A . 
D 4 HOH 7   307 34  HOH HOH A . 
D 4 HOH 8   308 25  HOH HOH A . 
D 4 HOH 9   309 30  HOH HOH A . 
D 4 HOH 10  310 58  HOH HOH A . 
D 4 HOH 11  311 70  HOH HOH A . 
D 4 HOH 12  312 57  HOH HOH A . 
D 4 HOH 13  313 72  HOH HOH A . 
D 4 HOH 14  314 15  HOH HOH A . 
D 4 HOH 15  315 3   HOH HOH A . 
D 4 HOH 16  316 2   HOH HOH A . 
D 4 HOH 17  317 1   HOH HOH A . 
D 4 HOH 18  318 51  HOH HOH A . 
D 4 HOH 19  319 33  HOH HOH A . 
D 4 HOH 20  320 48  HOH HOH A . 
D 4 HOH 21  321 21  HOH HOH A . 
D 4 HOH 22  322 22  HOH HOH A . 
D 4 HOH 23  323 7   HOH HOH A . 
D 4 HOH 24  324 19  HOH HOH A . 
D 4 HOH 25  325 18  HOH HOH A . 
D 4 HOH 26  326 27  HOH HOH A . 
D 4 HOH 27  327 101 HOH HOH A . 
D 4 HOH 28  328 39  HOH HOH A . 
D 4 HOH 29  329 53  HOH HOH A . 
D 4 HOH 30  330 46  HOH HOH A . 
D 4 HOH 31  331 6   HOH HOH A . 
D 4 HOH 32  332 84  HOH HOH A . 
D 4 HOH 33  333 24  HOH HOH A . 
D 4 HOH 34  334 106 HOH HOH A . 
D 4 HOH 35  335 68  HOH HOH A . 
D 4 HOH 36  336 105 HOH HOH A . 
D 4 HOH 37  337 31  HOH HOH A . 
D 4 HOH 38  338 40  HOH HOH A . 
D 4 HOH 39  339 11  HOH HOH A . 
D 4 HOH 40  340 111 HOH HOH A . 
D 4 HOH 41  341 79  HOH HOH A . 
D 4 HOH 42  342 36  HOH HOH A . 
D 4 HOH 43  343 60  HOH HOH A . 
D 4 HOH 44  344 55  HOH HOH A . 
D 4 HOH 45  345 116 HOH HOH A . 
D 4 HOH 46  346 47  HOH HOH A . 
D 4 HOH 47  347 37  HOH HOH A . 
D 4 HOH 48  348 104 HOH HOH A . 
D 4 HOH 49  349 99  HOH HOH A . 
D 4 HOH 50  350 12  HOH HOH A . 
D 4 HOH 51  351 73  HOH HOH A . 
D 4 HOH 52  352 9   HOH HOH A . 
D 4 HOH 53  353 114 HOH HOH A . 
D 4 HOH 54  354 8   HOH HOH A . 
D 4 HOH 55  355 14  HOH HOH A . 
D 4 HOH 56  356 123 HOH HOH A . 
D 4 HOH 57  357 62  HOH HOH A . 
D 4 HOH 58  358 4   HOH HOH A . 
D 4 HOH 59  359 32  HOH HOH A . 
D 4 HOH 60  360 44  HOH HOH A . 
D 4 HOH 61  361 113 HOH HOH A . 
D 4 HOH 62  362 94  HOH HOH A . 
D 4 HOH 63  363 71  HOH HOH A . 
D 4 HOH 64  364 76  HOH HOH A . 
D 4 HOH 65  365 87  HOH HOH A . 
D 4 HOH 66  366 54  HOH HOH A . 
D 4 HOH 67  367 109 HOH HOH A . 
D 4 HOH 68  368 102 HOH HOH A . 
D 4 HOH 69  369 5   HOH HOH A . 
D 4 HOH 70  370 107 HOH HOH A . 
D 4 HOH 71  371 23  HOH HOH A . 
D 4 HOH 72  372 28  HOH HOH A . 
D 4 HOH 73  373 49  HOH HOH A . 
D 4 HOH 74  374 90  HOH HOH A . 
D 4 HOH 75  375 52  HOH HOH A . 
D 4 HOH 76  376 81  HOH HOH A . 
D 4 HOH 77  377 86  HOH HOH A . 
D 4 HOH 78  378 91  HOH HOH A . 
D 4 HOH 79  379 35  HOH HOH A . 
D 4 HOH 80  380 13  HOH HOH A . 
D 4 HOH 81  381 117 HOH HOH A . 
D 4 HOH 82  382 74  HOH HOH A . 
D 4 HOH 83  383 75  HOH HOH A . 
D 4 HOH 84  384 85  HOH HOH A . 
D 4 HOH 85  385 82  HOH HOH A . 
D 4 HOH 86  386 43  HOH HOH A . 
D 4 HOH 87  387 10  HOH HOH A . 
D 4 HOH 88  388 78  HOH HOH A . 
D 4 HOH 89  389 20  HOH HOH A . 
D 4 HOH 90  390 89  HOH HOH A . 
D 4 HOH 91  391 112 HOH HOH A . 
D 4 HOH 92  392 92  HOH HOH A . 
D 4 HOH 93  393 59  HOH HOH A . 
D 4 HOH 94  394 63  HOH HOH A . 
D 4 HOH 95  395 77  HOH HOH A . 
D 4 HOH 96  396 26  HOH HOH A . 
D 4 HOH 97  397 64  HOH HOH A . 
D 4 HOH 98  398 103 HOH HOH A . 
D 4 HOH 99  399 122 HOH HOH A . 
D 4 HOH 100 400 38  HOH HOH A . 
D 4 HOH 101 401 16  HOH HOH A . 
D 4 HOH 102 402 121 HOH HOH A . 
D 4 HOH 103 403 45  HOH HOH A . 
D 4 HOH 104 404 41  HOH HOH A . 
D 4 HOH 105 405 95  HOH HOH A . 
D 4 HOH 106 406 115 HOH HOH A . 
D 4 HOH 107 407 97  HOH HOH A . 
D 4 HOH 108 408 29  HOH HOH A . 
D 4 HOH 109 409 69  HOH HOH A . 
D 4 HOH 110 410 98  HOH HOH A . 
D 4 HOH 111 411 83  HOH HOH A . 
D 4 HOH 112 412 108 HOH HOH A . 
D 4 HOH 113 413 88  HOH HOH A . 
D 4 HOH 114 414 56  HOH HOH A . 
D 4 HOH 115 415 100 HOH HOH A . 
D 4 HOH 116 416 120 HOH HOH A . 
D 4 HOH 117 417 119 HOH HOH A . 
D 4 HOH 118 418 93  HOH HOH A . 
D 4 HOH 119 419 118 HOH HOH A . 
D 4 HOH 120 420 80  HOH HOH A . 
D 4 HOH 121 421 65  HOH HOH A . 
D 4 HOH 122 422 96  HOH HOH A . 
D 4 HOH 123 423 61  HOH HOH A . 
# 
_pdbx_struct_assembly.id                   1 
_pdbx_struct_assembly.details              author_defined_assembly 
_pdbx_struct_assembly.method_details       ? 
_pdbx_struct_assembly.oligomeric_details   monomeric 
_pdbx_struct_assembly.oligomeric_count     1 
# 
_pdbx_struct_assembly_gen.assembly_id       1 
_pdbx_struct_assembly_gen.oper_expression   1 
_pdbx_struct_assembly_gen.asym_id_list      A,B,C,D 
# 
loop_
_pdbx_struct_assembly_prop.biol_id 
_pdbx_struct_assembly_prop.type 
_pdbx_struct_assembly_prop.value 
_pdbx_struct_assembly_prop.details 
1 'ABSA (A^2)' 230  ? 
1 MORE         4    ? 
1 'SSA (A^2)'  8340 ? 
# 
_pdbx_struct_oper_list.id                   1 
_pdbx_struct_oper_list.type                 'identity operation' 
_pdbx_struct_oper_list.name                 1_555 
_pdbx_struct_oper_list.symmetry_operation   x,y,z 
_pdbx_struct_oper_list.matrix[1][1]         1.0000000000 
_pdbx_struct_oper_list.matrix[1][2]         0.0000000000 
_pdbx_struct_oper_list.matrix[1][3]         0.0000000000 
_pdbx_struct_oper_list.vector[1]            0.0000000000 
_pdbx_struct_oper_list.matrix[2][1]         0.0000000000 
_pdbx_struct_oper_list.matrix[2][2]         1.0000000000 
_pdbx_struct_oper_list.matrix[2][3]         0.0000000000 
_pdbx_struct_oper_list.vector[2]            0.0000000000 
_pdbx_struct_oper_list.matrix[3][1]         0.0000000000 
_pdbx_struct_oper_list.matrix[3][2]         0.0000000000 
_pdbx_struct_oper_list.matrix[3][3]         1.0000000000 
_pdbx_struct_oper_list.vector[3]            0.0000000000 
# 
loop_
_pdbx_struct_special_symmetry.id 
_pdbx_struct_special_symmetry.PDB_model_num 
_pdbx_struct_special_symmetry.auth_asym_id 
_pdbx_struct_special_symmetry.auth_comp_id 
_pdbx_struct_special_symmetry.auth_seq_id 
_pdbx_struct_special_symmetry.PDB_ins_code 
_pdbx_struct_special_symmetry.label_asym_id 
_pdbx_struct_special_symmetry.label_comp_id 
_pdbx_struct_special_symmetry.label_seq_id 
1 1 A HOH 323 ? D HOH . 
2 1 A HOH 416 ? D HOH . 
# 
_pdbx_audit_revision_history.ordinal             1 
_pdbx_audit_revision_history.data_content_type   'Structure model' 
_pdbx_audit_revision_history.major_revision      1 
_pdbx_audit_revision_history.minor_revision      0 
_pdbx_audit_revision_history.revision_date       2023-11-29 
# 
_pdbx_audit_revision_details.ordinal             1 
_pdbx_audit_revision_details.revision_ordinal    1 
_pdbx_audit_revision_details.data_content_type   'Structure model' 
_pdbx_audit_revision_details.provider            repository 
_pdbx_audit_revision_details.type                'Initial release' 
_pdbx_audit_revision_details.description         ? 
_pdbx_audit_revision_details.details             ? 
# 
loop_
_software.citation_id 
_software.classification 
_software.compiler_name 
_software.compiler_version 
_software.contact_author 
_software.contact_author_email 
_software.date 
_software.description 
_software.dependencies 
_software.hardware 
_software.language 
_software.location 
_software.mods 
_software.name 
_software.os 
_software.os_version 
_software.type 
_software.version 
_software.pdbx_ordinal 
? refinement       ? ? ? ? ? ? ? ? ? ? ? PHENIX  ? ? ? '(1.20.1_4487: ???)' 1 
? 'data scaling'   ? ? ? ? ? ? ? ? ? ? ? Aimless ? ? ? .                    2 
? 'data reduction' ? ? ? ? ? ? ? ? ? ? ? XDS     ? ? ? .                    3 
? phasing          ? ? ? ? ? ? ? ? ? ? ? PHASER  ? ? ? .                    4 
# 
_pdbx_entry_details.entry_id                 8JVE 
_pdbx_entry_details.has_ligand_of_interest   Y 
_pdbx_entry_details.compound_details         ? 
_pdbx_entry_details.source_details           ? 
_pdbx_entry_details.nonpolymer_details       ? 
_pdbx_entry_details.sequence_details         ? 
# 
_pdbx_validate_close_contact.id               1 
_pdbx_validate_close_contact.PDB_model_num    1 
_pdbx_validate_close_contact.auth_atom_id_1   SG 
_pdbx_validate_close_contact.auth_asym_id_1   A 
_pdbx_validate_close_contact.auth_comp_id_1   CYS 
_pdbx_validate_close_contact.auth_seq_id_1    86 
_pdbx_validate_close_contact.PDB_ins_code_1   ? 
_pdbx_validate_close_contact.label_alt_id_1   ? 
_pdbx_validate_close_contact.auth_atom_id_2   C07 
_pdbx_validate_close_contact.auth_asym_id_2   A 
_pdbx_validate_close_contact.auth_comp_id_2   V6C 
_pdbx_validate_close_contact.auth_seq_id_2    201 
_pdbx_validate_close_contact.PDB_ins_code_2   ? 
_pdbx_validate_close_contact.label_alt_id_2   ? 
_pdbx_validate_close_contact.dist             1.76 
# 
loop_
_pdbx_validate_torsion.id 
_pdbx_validate_torsion.PDB_model_num 
_pdbx_validate_torsion.auth_comp_id 
_pdbx_validate_torsion.auth_asym_id 
_pdbx_validate_torsion.auth_seq_id 
_pdbx_validate_torsion.PDB_ins_code 
_pdbx_validate_torsion.label_alt_id 
_pdbx_validate_torsion.phi 
_pdbx_validate_torsion.psi 
1 1 LYS A 28 ? ? -141.94 -96.27 
2 1 LYS A 48 ? ? 71.22   -2.38  
# 
loop_
_pdbx_unobs_or_zero_occ_atoms.id 
_pdbx_unobs_or_zero_occ_atoms.PDB_model_num 
_pdbx_unobs_or_zero_occ_atoms.polymer_flag 
_pdbx_unobs_or_zero_occ_atoms.occupancy_flag 
_pdbx_unobs_or_zero_occ_atoms.auth_asym_id 
_pdbx_unobs_or_zero_occ_atoms.auth_comp_id 
_pdbx_unobs_or_zero_occ_atoms.auth_seq_id 
_pdbx_unobs_or_zero_occ_atoms.PDB_ins_code 
_pdbx_unobs_or_zero_occ_atoms.auth_atom_id 
_pdbx_unobs_or_zero_occ_atoms.label_alt_id 
_pdbx_unobs_or_zero_occ_atoms.label_asym_id 
_pdbx_unobs_or_zero_occ_atoms.label_comp_id 
_pdbx_unobs_or_zero_occ_atoms.label_seq_id 
_pdbx_unobs_or_zero_occ_atoms.label_atom_id 
1 1 Y 1 A LYS 48 ? CG ? A LYS 50 CG 
2 1 Y 1 A LYS 48 ? CD ? A LYS 50 CD 
3 1 Y 1 A LYS 48 ? CE ? A LYS 50 CE 
4 1 Y 1 A LYS 48 ? NZ ? A LYS 50 NZ 
5 1 Y 1 A LYS 95 ? CG ? A LYS 97 CG 
6 1 Y 1 A LYS 95 ? CD ? A LYS 97 CD 
7 1 Y 1 A LYS 95 ? CE ? A LYS 97 CE 
8 1 Y 1 A LYS 95 ? NZ ? A LYS 97 NZ 
# 
loop_
_pdbx_unobs_or_zero_occ_residues.id 
_pdbx_unobs_or_zero_occ_residues.PDB_model_num 
_pdbx_unobs_or_zero_occ_residues.polymer_flag 
_pdbx_unobs_or_zero_occ_residues.occupancy_flag 
_pdbx_unobs_or_zero_occ_residues.auth_asym_id 
_pdbx_unobs_or_zero_occ_residues.auth_comp_id 
_pdbx_unobs_or_zero_occ_residues.auth_seq_id 
_pdbx_unobs_or_zero_occ_residues.PDB_ins_code 
_pdbx_unobs_or_zero_occ_residues.label_asym_id 
_pdbx_unobs_or_zero_occ_residues.label_comp_id 
_pdbx_unobs_or_zero_occ_residues.label_seq_id 
1 1 Y 1 A GLY -1  ? A GLY 1   
2 1 Y 1 A GLN 153 ? A GLN 155 
3 1 Y 1 A LYS 154 ? A LYS 156 
# 
loop_
_chem_comp_atom.comp_id 
_chem_comp_atom.atom_id 
_chem_comp_atom.type_symbol 
_chem_comp_atom.pdbx_aromatic_flag 
_chem_comp_atom.pdbx_stereo_config 
_chem_comp_atom.pdbx_ordinal 
ALA N    N N N 1   
ALA CA   C N S 2   
ALA C    C N N 3   
ALA O    O N N 4   
ALA CB   C N N 5   
ALA OXT  O N N 6   
ALA H    H N N 7   
ALA H2   H N N 8   
ALA HA   H N N 9   
ALA HB1  H N N 10  
ALA HB2  H N N 11  
ALA HB3  H N N 12  
ALA HXT  H N N 13  
ARG N    N N N 14  
ARG CA   C N S 15  
ARG C    C N N 16  
ARG O    O N N 17  
ARG CB   C N N 18  
ARG CG   C N N 19  
ARG CD   C N N 20  
ARG NE   N N N 21  
ARG CZ   C N N 22  
ARG NH1  N N N 23  
ARG NH2  N N N 24  
ARG OXT  O N N 25  
ARG H    H N N 26  
ARG H2   H N N 27  
ARG HA   H N N 28  
ARG HB2  H N N 29  
ARG HB3  H N N 30  
ARG HG2  H N N 31  
ARG HG3  H N N 32  
ARG HD2  H N N 33  
ARG HD3  H N N 34  
ARG HE   H N N 35  
ARG HH11 H N N 36  
ARG HH12 H N N 37  
ARG HH21 H N N 38  
ARG HH22 H N N 39  
ARG HXT  H N N 40  
ASN N    N N N 41  
ASN CA   C N S 42  
ASN C    C N N 43  
ASN O    O N N 44  
ASN CB   C N N 45  
ASN CG   C N N 46  
ASN OD1  O N N 47  
ASN ND2  N N N 48  
ASN OXT  O N N 49  
ASN H    H N N 50  
ASN H2   H N N 51  
ASN HA   H N N 52  
ASN HB2  H N N 53  
ASN HB3  H N N 54  
ASN HD21 H N N 55  
ASN HD22 H N N 56  
ASN HXT  H N N 57  
ASP N    N N N 58  
ASP CA   C N S 59  
ASP C    C N N 60  
ASP O    O N N 61  
ASP CB   C N N 62  
ASP CG   C N N 63  
ASP OD1  O N N 64  
ASP OD2  O N N 65  
ASP OXT  O N N 66  
ASP H    H N N 67  
ASP H2   H N N 68  
ASP HA   H N N 69  
ASP HB2  H N N 70  
ASP HB3  H N N 71  
ASP HD2  H N N 72  
ASP HXT  H N N 73  
CYS N    N N N 74  
CYS CA   C N R 75  
CYS C    C N N 76  
CYS O    O N N 77  
CYS CB   C N N 78  
CYS SG   S N N 79  
CYS OXT  O N N 80  
CYS H    H N N 81  
CYS H2   H N N 82  
CYS HA   H N N 83  
CYS HB2  H N N 84  
CYS HB3  H N N 85  
CYS HG   H N N 86  
CYS HXT  H N N 87  
EDO C1   C N N 88  
EDO O1   O N N 89  
EDO C2   C N N 90  
EDO O2   O N N 91  
EDO H11  H N N 92  
EDO H12  H N N 93  
EDO HO1  H N N 94  
EDO H21  H N N 95  
EDO H22  H N N 96  
EDO HO2  H N N 97  
GLN N    N N N 98  
GLN CA   C N S 99  
GLN C    C N N 100 
GLN O    O N N 101 
GLN CB   C N N 102 
GLN CG   C N N 103 
GLN CD   C N N 104 
GLN OE1  O N N 105 
GLN NE2  N N N 106 
GLN OXT  O N N 107 
GLN H    H N N 108 
GLN H2   H N N 109 
GLN HA   H N N 110 
GLN HB2  H N N 111 
GLN HB3  H N N 112 
GLN HG2  H N N 113 
GLN HG3  H N N 114 
GLN HE21 H N N 115 
GLN HE22 H N N 116 
GLN HXT  H N N 117 
GLU N    N N N 118 
GLU CA   C N S 119 
GLU C    C N N 120 
GLU O    O N N 121 
GLU CB   C N N 122 
GLU CG   C N N 123 
GLU CD   C N N 124 
GLU OE1  O N N 125 
GLU OE2  O N N 126 
GLU OXT  O N N 127 
GLU H    H N N 128 
GLU H2   H N N 129 
GLU HA   H N N 130 
GLU HB2  H N N 131 
GLU HB3  H N N 132 
GLU HG2  H N N 133 
GLU HG3  H N N 134 
GLU HE2  H N N 135 
GLU HXT  H N N 136 
GLY N    N N N 137 
GLY CA   C N N 138 
GLY C    C N N 139 
GLY O    O N N 140 
GLY OXT  O N N 141 
GLY H    H N N 142 
GLY H2   H N N 143 
GLY HA2  H N N 144 
GLY HA3  H N N 145 
GLY HXT  H N N 146 
HIS N    N N N 147 
HIS CA   C N S 148 
HIS C    C N N 149 
HIS O    O N N 150 
HIS CB   C N N 151 
HIS CG   C Y N 152 
HIS ND1  N Y N 153 
HIS CD2  C Y N 154 
HIS CE1  C Y N 155 
HIS NE2  N Y N 156 
HIS OXT  O N N 157 
HIS H    H N N 158 
HIS H2   H N N 159 
HIS HA   H N N 160 
HIS HB2  H N N 161 
HIS HB3  H N N 162 
HIS HD1  H N N 163 
HIS HD2  H N N 164 
HIS HE1  H N N 165 
HIS HE2  H N N 166 
HIS HXT  H N N 167 
HOH O    O N N 168 
HOH H1   H N N 169 
HOH H2   H N N 170 
ILE N    N N N 171 
ILE CA   C N S 172 
ILE C    C N N 173 
ILE O    O N N 174 
ILE CB   C N S 175 
ILE CG1  C N N 176 
ILE CG2  C N N 177 
ILE CD1  C N N 178 
ILE OXT  O N N 179 
ILE H    H N N 180 
ILE H2   H N N 181 
ILE HA   H N N 182 
ILE HB   H N N 183 
ILE HG12 H N N 184 
ILE HG13 H N N 185 
ILE HG21 H N N 186 
ILE HG22 H N N 187 
ILE HG23 H N N 188 
ILE HD11 H N N 189 
ILE HD12 H N N 190 
ILE HD13 H N N 191 
ILE HXT  H N N 192 
LEU N    N N N 193 
LEU CA   C N S 194 
LEU C    C N N 195 
LEU O    O N N 196 
LEU CB   C N N 197 
LEU CG   C N N 198 
LEU CD1  C N N 199 
LEU CD2  C N N 200 
LEU OXT  O N N 201 
LEU H    H N N 202 
LEU H2   H N N 203 
LEU HA   H N N 204 
LEU HB2  H N N 205 
LEU HB3  H N N 206 
LEU HG   H N N 207 
LEU HD11 H N N 208 
LEU HD12 H N N 209 
LEU HD13 H N N 210 
LEU HD21 H N N 211 
LEU HD22 H N N 212 
LEU HD23 H N N 213 
LEU HXT  H N N 214 
LYS N    N N N 215 
LYS CA   C N S 216 
LYS C    C N N 217 
LYS O    O N N 218 
LYS CB   C N N 219 
LYS CG   C N N 220 
LYS CD   C N N 221 
LYS CE   C N N 222 
LYS NZ   N N N 223 
LYS OXT  O N N 224 
LYS H    H N N 225 
LYS H2   H N N 226 
LYS HA   H N N 227 
LYS HB2  H N N 228 
LYS HB3  H N N 229 
LYS HG2  H N N 230 
LYS HG3  H N N 231 
LYS HD2  H N N 232 
LYS HD3  H N N 233 
LYS HE2  H N N 234 
LYS HE3  H N N 235 
LYS HZ1  H N N 236 
LYS HZ2  H N N 237 
LYS HZ3  H N N 238 
LYS HXT  H N N 239 
MET N    N N N 240 
MET CA   C N S 241 
MET C    C N N 242 
MET O    O N N 243 
MET CB   C N N 244 
MET CG   C N N 245 
MET SD   S N N 246 
MET CE   C N N 247 
MET OXT  O N N 248 
MET H    H N N 249 
MET H2   H N N 250 
MET HA   H N N 251 
MET HB2  H N N 252 
MET HB3  H N N 253 
MET HG2  H N N 254 
MET HG3  H N N 255 
MET HE1  H N N 256 
MET HE2  H N N 257 
MET HE3  H N N 258 
MET HXT  H N N 259 
PHE N    N N N 260 
PHE CA   C N S 261 
PHE C    C N N 262 
PHE O    O N N 263 
PHE CB   C N N 264 
PHE CG   C Y N 265 
PHE CD1  C Y N 266 
PHE CD2  C Y N 267 
PHE CE1  C Y N 268 
PHE CE2  C Y N 269 
PHE CZ   C Y N 270 
PHE OXT  O N N 271 
PHE H    H N N 272 
PHE H2   H N N 273 
PHE HA   H N N 274 
PHE HB2  H N N 275 
PHE HB3  H N N 276 
PHE HD1  H N N 277 
PHE HD2  H N N 278 
PHE HE1  H N N 279 
PHE HE2  H N N 280 
PHE HZ   H N N 281 
PHE HXT  H N N 282 
PRO N    N N N 283 
PRO CA   C N S 284 
PRO C    C N N 285 
PRO O    O N N 286 
PRO CB   C N N 287 
PRO CG   C N N 288 
PRO CD   C N N 289 
PRO OXT  O N N 290 
PRO H    H N N 291 
PRO HA   H N N 292 
PRO HB2  H N N 293 
PRO HB3  H N N 294 
PRO HG2  H N N 295 
PRO HG3  H N N 296 
PRO HD2  H N N 297 
PRO HD3  H N N 298 
PRO HXT  H N N 299 
SER N    N N N 300 
SER CA   C N S 301 
SER C    C N N 302 
SER O    O N N 303 
SER CB   C N N 304 
SER OG   O N N 305 
SER OXT  O N N 306 
SER H    H N N 307 
SER H2   H N N 308 
SER HA   H N N 309 
SER HB2  H N N 310 
SER HB3  H N N 311 
SER HG   H N N 312 
SER HXT  H N N 313 
THR N    N N N 314 
THR CA   C N S 315 
THR C    C N N 316 
THR O    O N N 317 
THR CB   C N R 318 
THR OG1  O N N 319 
THR CG2  C N N 320 
THR OXT  O N N 321 
THR H    H N N 322 
THR H2   H N N 323 
THR HA   H N N 324 
THR HB   H N N 325 
THR HG1  H N N 326 
THR HG21 H N N 327 
THR HG22 H N N 328 
THR HG23 H N N 329 
THR HXT  H N N 330 
TRP N    N N N 331 
TRP CA   C N S 332 
TRP C    C N N 333 
TRP O    O N N 334 
TRP CB   C N N 335 
TRP CG   C Y N 336 
TRP CD1  C Y N 337 
TRP CD2  C Y N 338 
TRP NE1  N Y N 339 
TRP CE2  C Y N 340 
TRP CE3  C Y N 341 
TRP CZ2  C Y N 342 
TRP CZ3  C Y N 343 
TRP CH2  C Y N 344 
TRP OXT  O N N 345 
TRP H    H N N 346 
TRP H2   H N N 347 
TRP HA   H N N 348 
TRP HB2  H N N 349 
TRP HB3  H N N 350 
TRP HD1  H N N 351 
TRP HE1  H N N 352 
TRP HE3  H N N 353 
TRP HZ2  H N N 354 
TRP HZ3  H N N 355 
TRP HH2  H N N 356 
TRP HXT  H N N 357 
TYR N    N N N 358 
TYR CA   C N S 359 
TYR C    C N N 360 
TYR O    O N N 361 
TYR CB   C N N 362 
TYR CG   C Y N 363 
TYR CD1  C Y N 364 
TYR CD2  C Y N 365 
TYR CE1  C Y N 366 
TYR CE2  C Y N 367 
TYR CZ   C Y N 368 
TYR OH   O N N 369 
TYR OXT  O N N 370 
TYR H    H N N 371 
TYR H2   H N N 372 
TYR HA   H N N 373 
TYR HB2  H N N 374 
TYR HB3  H N N 375 
TYR HD1  H N N 376 
TYR HD2  H N N 377 
TYR HE1  H N N 378 
TYR HE2  H N N 379 
TYR HH   H N N 380 
TYR HXT  H N N 381 
V6C C22  C Y N 382 
V6C C23  C Y N 383 
V6C C24  C Y N 384 
V6C C01  C N N 385 
V6C C03  C Y N 386 
V6C C04  C Y N 387 
V6C C05  C Y N 388 
V6C C07  C Y N 389 
V6C N06  N Y N 390 
V6C N19  N Y N 391 
V6C N20  N Y N 392 
V6C N21  N Y N 393 
V6C O02  O N N 394 
V6C H1   H N N 395 
V6C H2   H N N 396 
V6C H3   H N N 397 
V6C H4   H N N 398 
V6C H5   H N N 399 
V6C H6   H N N 400 
V6C H7   H N N 401 
V6C H8   H N N 402 
VAL N    N N N 403 
VAL CA   C N S 404 
VAL C    C N N 405 
VAL O    O N N 406 
VAL CB   C N N 407 
VAL CG1  C N N 408 
VAL CG2  C N N 409 
VAL OXT  O N N 410 
VAL H    H N N 411 
VAL H2   H N N 412 
VAL HA   H N N 413 
VAL HB   H N N 414 
VAL HG11 H N N 415 
VAL HG12 H N N 416 
VAL HG13 H N N 417 
VAL HG21 H N N 418 
VAL HG22 H N N 419 
VAL HG23 H N N 420 
VAL HXT  H N N 421 
# 
loop_
_chem_comp_bond.comp_id 
_chem_comp_bond.atom_id_1 
_chem_comp_bond.atom_id_2 
_chem_comp_bond.value_order 
_chem_comp_bond.pdbx_aromatic_flag 
_chem_comp_bond.pdbx_stereo_config 
_chem_comp_bond.pdbx_ordinal 
ALA N   CA   sing N N 1   
ALA N   H    sing N N 2   
ALA N   H2   sing N N 3   
ALA CA  C    sing N N 4   
ALA CA  CB   sing N N 5   
ALA CA  HA   sing N N 6   
ALA C   O    doub N N 7   
ALA C   OXT  sing N N 8   
ALA CB  HB1  sing N N 9   
ALA CB  HB2  sing N N 10  
ALA CB  HB3  sing N N 11  
ALA OXT HXT  sing N N 12  
ARG N   CA   sing N N 13  
ARG N   H    sing N N 14  
ARG N   H2   sing N N 15  
ARG CA  C    sing N N 16  
ARG CA  CB   sing N N 17  
ARG CA  HA   sing N N 18  
ARG C   O    doub N N 19  
ARG C   OXT  sing N N 20  
ARG CB  CG   sing N N 21  
ARG CB  HB2  sing N N 22  
ARG CB  HB3  sing N N 23  
ARG CG  CD   sing N N 24  
ARG CG  HG2  sing N N 25  
ARG CG  HG3  sing N N 26  
ARG CD  NE   sing N N 27  
ARG CD  HD2  sing N N 28  
ARG CD  HD3  sing N N 29  
ARG NE  CZ   sing N N 30  
ARG NE  HE   sing N N 31  
ARG CZ  NH1  sing N N 32  
ARG CZ  NH2  doub N N 33  
ARG NH1 HH11 sing N N 34  
ARG NH1 HH12 sing N N 35  
ARG NH2 HH21 sing N N 36  
ARG NH2 HH22 sing N N 37  
ARG OXT HXT  sing N N 38  
ASN N   CA   sing N N 39  
ASN N   H    sing N N 40  
ASN N   H2   sing N N 41  
ASN CA  C    sing N N 42  
ASN CA  CB   sing N N 43  
ASN CA  HA   sing N N 44  
ASN C   O    doub N N 45  
ASN C   OXT  sing N N 46  
ASN CB  CG   sing N N 47  
ASN CB  HB2  sing N N 48  
ASN CB  HB3  sing N N 49  
ASN CG  OD1  doub N N 50  
ASN CG  ND2  sing N N 51  
ASN ND2 HD21 sing N N 52  
ASN ND2 HD22 sing N N 53  
ASN OXT HXT  sing N N 54  
ASP N   CA   sing N N 55  
ASP N   H    sing N N 56  
ASP N   H2   sing N N 57  
ASP CA  C    sing N N 58  
ASP CA  CB   sing N N 59  
ASP CA  HA   sing N N 60  
ASP C   O    doub N N 61  
ASP C   OXT  sing N N 62  
ASP CB  CG   sing N N 63  
ASP CB  HB2  sing N N 64  
ASP CB  HB3  sing N N 65  
ASP CG  OD1  doub N N 66  
ASP CG  OD2  sing N N 67  
ASP OD2 HD2  sing N N 68  
ASP OXT HXT  sing N N 69  
CYS N   CA   sing N N 70  
CYS N   H    sing N N 71  
CYS N   H2   sing N N 72  
CYS CA  C    sing N N 73  
CYS CA  CB   sing N N 74  
CYS CA  HA   sing N N 75  
CYS C   O    doub N N 76  
CYS C   OXT  sing N N 77  
CYS CB  SG   sing N N 78  
CYS CB  HB2  sing N N 79  
CYS CB  HB3  sing N N 80  
CYS SG  HG   sing N N 81  
CYS OXT HXT  sing N N 82  
EDO C1  O1   sing N N 83  
EDO C1  C2   sing N N 84  
EDO C1  H11  sing N N 85  
EDO C1  H12  sing N N 86  
EDO O1  HO1  sing N N 87  
EDO C2  O2   sing N N 88  
EDO C2  H21  sing N N 89  
EDO C2  H22  sing N N 90  
EDO O2  HO2  sing N N 91  
GLN N   CA   sing N N 92  
GLN N   H    sing N N 93  
GLN N   H2   sing N N 94  
GLN CA  C    sing N N 95  
GLN CA  CB   sing N N 96  
GLN CA  HA   sing N N 97  
GLN C   O    doub N N 98  
GLN C   OXT  sing N N 99  
GLN CB  CG   sing N N 100 
GLN CB  HB2  sing N N 101 
GLN CB  HB3  sing N N 102 
GLN CG  CD   sing N N 103 
GLN CG  HG2  sing N N 104 
GLN CG  HG3  sing N N 105 
GLN CD  OE1  doub N N 106 
GLN CD  NE2  sing N N 107 
GLN NE2 HE21 sing N N 108 
GLN NE2 HE22 sing N N 109 
GLN OXT HXT  sing N N 110 
GLU N   CA   sing N N 111 
GLU N   H    sing N N 112 
GLU N   H2   sing N N 113 
GLU CA  C    sing N N 114 
GLU CA  CB   sing N N 115 
GLU CA  HA   sing N N 116 
GLU C   O    doub N N 117 
GLU C   OXT  sing N N 118 
GLU CB  CG   sing N N 119 
GLU CB  HB2  sing N N 120 
GLU CB  HB3  sing N N 121 
GLU CG  CD   sing N N 122 
GLU CG  HG2  sing N N 123 
GLU CG  HG3  sing N N 124 
GLU CD  OE1  doub N N 125 
GLU CD  OE2  sing N N 126 
GLU OE2 HE2  sing N N 127 
GLU OXT HXT  sing N N 128 
GLY N   CA   sing N N 129 
GLY N   H    sing N N 130 
GLY N   H2   sing N N 131 
GLY CA  C    sing N N 132 
GLY CA  HA2  sing N N 133 
GLY CA  HA3  sing N N 134 
GLY C   O    doub N N 135 
GLY C   OXT  sing N N 136 
GLY OXT HXT  sing N N 137 
HIS N   CA   sing N N 138 
HIS N   H    sing N N 139 
HIS N   H2   sing N N 140 
HIS CA  C    sing N N 141 
HIS CA  CB   sing N N 142 
HIS CA  HA   sing N N 143 
HIS C   O    doub N N 144 
HIS C   OXT  sing N N 145 
HIS CB  CG   sing N N 146 
HIS CB  HB2  sing N N 147 
HIS CB  HB3  sing N N 148 
HIS CG  ND1  sing Y N 149 
HIS CG  CD2  doub Y N 150 
HIS ND1 CE1  doub Y N 151 
HIS ND1 HD1  sing N N 152 
HIS CD2 NE2  sing Y N 153 
HIS CD2 HD2  sing N N 154 
HIS CE1 NE2  sing Y N 155 
HIS CE1 HE1  sing N N 156 
HIS NE2 HE2  sing N N 157 
HIS OXT HXT  sing N N 158 
HOH O   H1   sing N N 159 
HOH O   H2   sing N N 160 
ILE N   CA   sing N N 161 
ILE N   H    sing N N 162 
ILE N   H2   sing N N 163 
ILE CA  C    sing N N 164 
ILE CA  CB   sing N N 165 
ILE CA  HA   sing N N 166 
ILE C   O    doub N N 167 
ILE C   OXT  sing N N 168 
ILE CB  CG1  sing N N 169 
ILE CB  CG2  sing N N 170 
ILE CB  HB   sing N N 171 
ILE CG1 CD1  sing N N 172 
ILE CG1 HG12 sing N N 173 
ILE CG1 HG13 sing N N 174 
ILE CG2 HG21 sing N N 175 
ILE CG2 HG22 sing N N 176 
ILE CG2 HG23 sing N N 177 
ILE CD1 HD11 sing N N 178 
ILE CD1 HD12 sing N N 179 
ILE CD1 HD13 sing N N 180 
ILE OXT HXT  sing N N 181 
LEU N   CA   sing N N 182 
LEU N   H    sing N N 183 
LEU N   H2   sing N N 184 
LEU CA  C    sing N N 185 
LEU CA  CB   sing N N 186 
LEU CA  HA   sing N N 187 
LEU C   O    doub N N 188 
LEU C   OXT  sing N N 189 
LEU CB  CG   sing N N 190 
LEU CB  HB2  sing N N 191 
LEU CB  HB3  sing N N 192 
LEU CG  CD1  sing N N 193 
LEU CG  CD2  sing N N 194 
LEU CG  HG   sing N N 195 
LEU CD1 HD11 sing N N 196 
LEU CD1 HD12 sing N N 197 
LEU CD1 HD13 sing N N 198 
LEU CD2 HD21 sing N N 199 
LEU CD2 HD22 sing N N 200 
LEU CD2 HD23 sing N N 201 
LEU OXT HXT  sing N N 202 
LYS N   CA   sing N N 203 
LYS N   H    sing N N 204 
LYS N   H2   sing N N 205 
LYS CA  C    sing N N 206 
LYS CA  CB   sing N N 207 
LYS CA  HA   sing N N 208 
LYS C   O    doub N N 209 
LYS C   OXT  sing N N 210 
LYS CB  CG   sing N N 211 
LYS CB  HB2  sing N N 212 
LYS CB  HB3  sing N N 213 
LYS CG  CD   sing N N 214 
LYS CG  HG2  sing N N 215 
LYS CG  HG3  sing N N 216 
LYS CD  CE   sing N N 217 
LYS CD  HD2  sing N N 218 
LYS CD  HD3  sing N N 219 
LYS CE  NZ   sing N N 220 
LYS CE  HE2  sing N N 221 
LYS CE  HE3  sing N N 222 
LYS NZ  HZ1  sing N N 223 
LYS NZ  HZ2  sing N N 224 
LYS NZ  HZ3  sing N N 225 
LYS OXT HXT  sing N N 226 
MET N   CA   sing N N 227 
MET N   H    sing N N 228 
MET N   H2   sing N N 229 
MET CA  C    sing N N 230 
MET CA  CB   sing N N 231 
MET CA  HA   sing N N 232 
MET C   O    doub N N 233 
MET C   OXT  sing N N 234 
MET CB  CG   sing N N 235 
MET CB  HB2  sing N N 236 
MET CB  HB3  sing N N 237 
MET CG  SD   sing N N 238 
MET CG  HG2  sing N N 239 
MET CG  HG3  sing N N 240 
MET SD  CE   sing N N 241 
MET CE  HE1  sing N N 242 
MET CE  HE2  sing N N 243 
MET CE  HE3  sing N N 244 
MET OXT HXT  sing N N 245 
PHE N   CA   sing N N 246 
PHE N   H    sing N N 247 
PHE N   H2   sing N N 248 
PHE CA  C    sing N N 249 
PHE CA  CB   sing N N 250 
PHE CA  HA   sing N N 251 
PHE C   O    doub N N 252 
PHE C   OXT  sing N N 253 
PHE CB  CG   sing N N 254 
PHE CB  HB2  sing N N 255 
PHE CB  HB3  sing N N 256 
PHE CG  CD1  doub Y N 257 
PHE CG  CD2  sing Y N 258 
PHE CD1 CE1  sing Y N 259 
PHE CD1 HD1  sing N N 260 
PHE CD2 CE2  doub Y N 261 
PHE CD2 HD2  sing N N 262 
PHE CE1 CZ   doub Y N 263 
PHE CE1 HE1  sing N N 264 
PHE CE2 CZ   sing Y N 265 
PHE CE2 HE2  sing N N 266 
PHE CZ  HZ   sing N N 267 
PHE OXT HXT  sing N N 268 
PRO N   CA   sing N N 269 
PRO N   CD   sing N N 270 
PRO N   H    sing N N 271 
PRO CA  C    sing N N 272 
PRO CA  CB   sing N N 273 
PRO CA  HA   sing N N 274 
PRO C   O    doub N N 275 
PRO C   OXT  sing N N 276 
PRO CB  CG   sing N N 277 
PRO CB  HB2  sing N N 278 
PRO CB  HB3  sing N N 279 
PRO CG  CD   sing N N 280 
PRO CG  HG2  sing N N 281 
PRO CG  HG3  sing N N 282 
PRO CD  HD2  sing N N 283 
PRO CD  HD3  sing N N 284 
PRO OXT HXT  sing N N 285 
SER N   CA   sing N N 286 
SER N   H    sing N N 287 
SER N   H2   sing N N 288 
SER CA  C    sing N N 289 
SER CA  CB   sing N N 290 
SER CA  HA   sing N N 291 
SER C   O    doub N N 292 
SER C   OXT  sing N N 293 
SER CB  OG   sing N N 294 
SER CB  HB2  sing N N 295 
SER CB  HB3  sing N N 296 
SER OG  HG   sing N N 297 
SER OXT HXT  sing N N 298 
THR N   CA   sing N N 299 
THR N   H    sing N N 300 
THR N   H2   sing N N 301 
THR CA  C    sing N N 302 
THR CA  CB   sing N N 303 
THR CA  HA   sing N N 304 
THR C   O    doub N N 305 
THR C   OXT  sing N N 306 
THR CB  OG1  sing N N 307 
THR CB  CG2  sing N N 308 
THR CB  HB   sing N N 309 
THR OG1 HG1  sing N N 310 
THR CG2 HG21 sing N N 311 
THR CG2 HG22 sing N N 312 
THR CG2 HG23 sing N N 313 
THR OXT HXT  sing N N 314 
TRP N   CA   sing N N 315 
TRP N   H    sing N N 316 
TRP N   H2   sing N N 317 
TRP CA  C    sing N N 318 
TRP CA  CB   sing N N 319 
TRP CA  HA   sing N N 320 
TRP C   O    doub N N 321 
TRP C   OXT  sing N N 322 
TRP CB  CG   sing N N 323 
TRP CB  HB2  sing N N 324 
TRP CB  HB3  sing N N 325 
TRP CG  CD1  doub Y N 326 
TRP CG  CD2  sing Y N 327 
TRP CD1 NE1  sing Y N 328 
TRP CD1 HD1  sing N N 329 
TRP CD2 CE2  doub Y N 330 
TRP CD2 CE3  sing Y N 331 
TRP NE1 CE2  sing Y N 332 
TRP NE1 HE1  sing N N 333 
TRP CE2 CZ2  sing Y N 334 
TRP CE3 CZ3  doub Y N 335 
TRP CE3 HE3  sing N N 336 
TRP CZ2 CH2  doub Y N 337 
TRP CZ2 HZ2  sing N N 338 
TRP CZ3 CH2  sing Y N 339 
TRP CZ3 HZ3  sing N N 340 
TRP CH2 HH2  sing N N 341 
TRP OXT HXT  sing N N 342 
TYR N   CA   sing N N 343 
TYR N   H    sing N N 344 
TYR N   H2   sing N N 345 
TYR CA  C    sing N N 346 
TYR CA  CB   sing N N 347 
TYR CA  HA   sing N N 348 
TYR C   O    doub N N 349 
TYR C   OXT  sing N N 350 
TYR CB  CG   sing N N 351 
TYR CB  HB2  sing N N 352 
TYR CB  HB3  sing N N 353 
TYR CG  CD1  doub Y N 354 
TYR CG  CD2  sing Y N 355 
TYR CD1 CE1  sing Y N 356 
TYR CD1 HD1  sing N N 357 
TYR CD2 CE2  doub Y N 358 
TYR CD2 HD2  sing N N 359 
TYR CE1 CZ   doub Y N 360 
TYR CE1 HE1  sing N N 361 
TYR CE2 CZ   sing Y N 362 
TYR CE2 HE2  sing N N 363 
TYR CZ  OH   sing N N 364 
TYR OH  HH   sing N N 365 
TYR OXT HXT  sing N N 366 
V6C C23 C22  doub Y N 367 
V6C C23 C24  sing Y N 368 
V6C C22 C05  sing Y N 369 
V6C C24 C03  doub Y N 370 
V6C N21 N06  sing Y N 371 
V6C N21 N20  doub Y N 372 
V6C C05 N06  sing N N 373 
V6C C05 C04  doub Y N 374 
V6C N06 C07  sing Y N 375 
V6C N20 N19  sing Y N 376 
V6C C03 C04  sing Y N 377 
V6C C03 O02  sing N N 378 
V6C C01 O02  sing N N 379 
V6C C07 N19  doub Y N 380 
V6C C22 H1   sing N N 381 
V6C C23 H2   sing N N 382 
V6C C24 H3   sing N N 383 
V6C C01 H4   sing N N 384 
V6C C01 H5   sing N N 385 
V6C C01 H6   sing N N 386 
V6C C04 H7   sing N N 387 
V6C C07 H8   sing N N 388 
VAL N   CA   sing N N 389 
VAL N   H    sing N N 390 
VAL N   H2   sing N N 391 
VAL CA  C    sing N N 392 
VAL CA  CB   sing N N 393 
VAL CA  HA   sing N N 394 
VAL C   O    doub N N 395 
VAL C   OXT  sing N N 396 
VAL CB  CG1  sing N N 397 
VAL CB  CG2  sing N N 398 
VAL CB  HB   sing N N 399 
VAL CG1 HG11 sing N N 400 
VAL CG1 HG12 sing N N 401 
VAL CG1 HG13 sing N N 402 
VAL CG2 HG21 sing N N 403 
VAL CG2 HG22 sing N N 404 
VAL CG2 HG23 sing N N 405 
VAL OXT HXT  sing N N 406 
# 
_pdbx_audit_support.funding_organization   'Not funded' 
_pdbx_audit_support.country                ? 
_pdbx_audit_support.grant_number           ? 
_pdbx_audit_support.ordinal                1 
# 
_pdbx_entity_instance_feature.ordinal        1 
_pdbx_entity_instance_feature.comp_id        V6C 
_pdbx_entity_instance_feature.asym_id        ? 
_pdbx_entity_instance_feature.seq_num        ? 
_pdbx_entity_instance_feature.auth_comp_id   V6C 
_pdbx_entity_instance_feature.auth_asym_id   ? 
_pdbx_entity_instance_feature.auth_seq_num   ? 
_pdbx_entity_instance_feature.feature_type   'SUBJECT OF INVESTIGATION' 
_pdbx_entity_instance_feature.details        ? 
# 
loop_
_pdbx_entity_nonpoly.entity_id 
_pdbx_entity_nonpoly.name 
_pdbx_entity_nonpoly.comp_id 
2 '1-(3-methoxyphenyl)-1,2,3,4-tetrazole' V6C 
3 1,2-ETHANEDIOL                          EDO 
4 water                                   HOH 
# 
_pdbx_initial_refinement_model.id               1 
_pdbx_initial_refinement_model.entity_id_list   ? 
_pdbx_initial_refinement_model.type             'experimental model' 
_pdbx_initial_refinement_model.source_name      PDB 
_pdbx_initial_refinement_model.accession_code   5NGZ 
_pdbx_initial_refinement_model.details          ? 
# 
_pdbx_struct_assembly_auth_evidence.id                     1 
_pdbx_struct_assembly_auth_evidence.assembly_id            1 
_pdbx_struct_assembly_auth_evidence.experimental_support   'gel filtration' 
_pdbx_struct_assembly_auth_evidence.details                ? 
# 
